data_7A5S
#
_entry.id   7A5S
#
_cell.length_a   1.00
_cell.length_b   1.00
_cell.length_c   1.00
_cell.angle_alpha   90.00
_cell.angle_beta   90.00
_cell.angle_gamma   90.00
#
_symmetry.space_group_name_H-M   'P 1'
#
loop_
_entity.id
_entity.type
_entity.pdbx_description
1 polymer 'CR3022 Fab Heavy Chain'
2 polymer 'CR3022 Fab Light Chain'
3 polymer 'Spike glycoprotein'
4 branched 2-acetamido-2-deoxy-beta-D-glucopyranose-(1-4)-2-acetamido-2-deoxy-beta-D-glucopyranose
#
loop_
_entity_poly.entity_id
_entity_poly.type
_entity_poly.pdbx_seq_one_letter_code
_entity_poly.pdbx_strand_id
1 'polypeptide(L)'
;MDWTWRVFCLLAVAPGAHSQMQLVQSGTEVKKPGESLKISCKGSGYGFITYWIGWVRQMPGKGLEWMGIIYPGDSETRYS
PSFQGQVTISADKSINTAYLQWSSLKASDTAIYYCAGGSGISTPMDVWGQGTTVTVASTKGPSVFPLAPSSKSTSGGTAA
LGCLVKDYFPEPVTVSWNSGALTSGVHTFPAVLQSSGLYSLSSVVTVPSSSLGTQTYICNVNHKPSNTKVDKKVEPKSCG
SENLYFQSAGHHHHHH
;
H,I
2 'polypeptide(L)'
;MVLQTQVFISLLLWISGAYGDIQLTQSPDSLAVSLGERATINCKSSQSVLYSSINKNYLAWYQQKPGQPPKLLIYWASTR
ESGVPDRFSGSGSGTDFTLTISSLQAEDVAVYYCQQYYSTPYTFGQGTKVEIKRTVAAPSVFIFPPSDEQLKSGTASVVC
LLNNFYPREAKVQWKVDNALQSGNSQESVTEQDSKDSTYSLSSTLTLSKADYEKHKVYACEVTHQGLSSPVTKSFNRGEC
;
L,M
3 'polypeptide(L)'
;MGILPSPGMPALLSLVSLLSVLLMGCVAETGMFVFLVLLPLVSSQCVNLTTRTQLPPAYTNSFTRGVYYPDKVFRSSVLH
STQDLFLPFFSNVTWFHAIHVSGTNGTKRFDNPVLPFNDGVYFASTEKSNIIRGWIFGTTLDSKTQSLLIVNNATNVVIK
VCEFQFCNDPFLGVYYHKNNKSWMESEFRVYSSANNCTFEYVSQPFLMDLEGKQGNFKNLREFVFKNIDGYFKIYSKHTP
INLVRDLPQGFSALEPLVDLPIGINITRFQTLLALHRSYLTPGDSSSGWTAGAAAYYVGYLQPRTFLLKYNENGTITDAV
DCALDPLSETKCTLKSFTVEKGIYQTSNFRVQPTESIVRFPNITNLCPFGEVFNATRFASVYAWNRKRISNCVADYSVLY
NSASFSTFKCYGVSPTKLNDLCFTNVYADSFVIRGDEVRQIAPGQTGKIADYNYKLPDDFTGCVIAWNSNNLDSKVGGNY
NYLYRLFRKSNLKPFERDISTEIYQAGSTPCNGVEGFNCYFPLQSYGFQPTNGVGYQPYRVVVLSFELLHAPATVCGPKK
STNLVKNKCVNFNFNGLTGTGVLTESNKKFLPFQQFGRDIADTTDAVRDPQTLEILDITPCSFGGVSVITPGTNTSNQVA
VLYQDVNCTEVPVAIHADQLTPTWRVYSTGSNVFQTRAGCLIGAEHVNNSYECDIPIGAGICASYQTQTNSPRRARSVAS
QSIIAYTMSLGAENSVAYSNNSIAIPTNFTISVTTEILPVSMTKTSVDCTMYICGDSTECSNLLLQYGSFCTQLNRALTG
IAVEQDKNTQEVFAQVKQIYKTPPIKDFGGFNFSQILPDPSKPSKRSFIEDLLFNKVTLADAGFIKQYGDCLGDIAARDL
ICAQKFNGLTVLPPLLTDEMIAQYTSALLAGTITSGWTFGAGAALQIPFAMQMAYRFNGIGVTQNVLYENQKLIANQFNS
AIGKIQDSLSSTASALGKLQDVVNQNAQALNTLVKQLSSNFGAISSVLNDILSRLDPPEAEVQIDRLITGRLQSLQTYVT
QQLIRAAEIRASANLAATKMSECVLGQSKRVDFCGKGYHLMSFPQSAPHGVVFLHVTYVPAQEKNFTTAPAICHDGKAHF
PREGVFVSNGTHWFVTQRNFYEPQIITTDNTFVSGNCDVVIGIVNNTVYDPLQPELDSFKEELDKYFKNHTSPDVDLGDI
SGINASVVNIQKEIDRLNEVAKNLNESLIDLQELGKYEQSGRENLYFQGGGGSGYIPEAPRDGQAYVRKDGEWVLLSTFL
GHHHHHH
;
A,B
#
# COMPACT_ATOMS: atom_id res chain seq x y z
N GLN A 20 26.34 16.77 -8.85
CA GLN A 20 25.71 15.87 -9.80
C GLN A 20 25.89 14.42 -9.34
N MET A 21 24.78 13.76 -9.02
CA MET A 21 24.81 12.41 -8.49
C MET A 21 24.57 11.41 -9.62
N GLN A 22 25.50 10.49 -9.81
CA GLN A 22 25.41 9.50 -10.88
C GLN A 22 24.50 8.32 -10.49
N LEU A 23 23.89 7.73 -11.50
CA LEU A 23 23.02 6.56 -11.33
C LEU A 23 23.67 5.34 -11.97
N VAL A 24 23.74 4.25 -11.20
CA VAL A 24 24.31 2.98 -11.64
C VAL A 24 23.18 1.96 -11.73
N GLN A 25 23.07 1.30 -12.87
CA GLN A 25 22.02 0.31 -13.09
C GLN A 25 22.47 -1.08 -12.67
N SER A 26 21.48 -1.95 -12.43
CA SER A 26 21.73 -3.26 -11.85
C SER A 26 22.50 -4.19 -12.78
N GLY A 27 22.07 -4.32 -14.03
CA GLY A 27 22.72 -5.25 -14.94
C GLY A 27 21.82 -5.97 -15.93
N THR A 28 22.42 -6.83 -16.75
CA THR A 28 21.74 -7.51 -17.85
C THR A 28 21.13 -8.84 -17.44
N GLU A 29 19.84 -9.02 -17.72
CA GLU A 29 19.10 -10.23 -17.38
C GLU A 29 18.48 -10.84 -18.63
N VAL A 30 18.62 -12.15 -18.79
CA VAL A 30 17.97 -12.91 -19.87
C VAL A 30 16.95 -13.84 -19.23
N LYS A 31 15.70 -13.76 -19.69
CA LYS A 31 14.61 -14.49 -19.07
C LYS A 31 13.73 -15.18 -20.10
N LYS A 32 13.19 -16.34 -19.70
CA LYS A 32 12.22 -17.06 -20.50
C LYS A 32 10.84 -16.42 -20.33
N PRO A 33 9.93 -16.63 -21.28
CA PRO A 33 8.60 -16.04 -21.16
C PRO A 33 7.86 -16.57 -19.93
N GLY A 34 7.05 -15.71 -19.33
CA GLY A 34 6.25 -16.10 -18.19
C GLY A 34 6.84 -15.83 -16.82
N GLU A 35 8.05 -15.28 -16.75
CA GLU A 35 8.71 -15.08 -15.47
C GLU A 35 8.32 -13.73 -14.86
N SER A 36 8.94 -13.41 -13.73
CA SER A 36 8.77 -12.13 -13.04
C SER A 36 10.12 -11.44 -12.98
N LEU A 37 10.17 -10.16 -13.34
CA LEU A 37 11.46 -9.49 -13.49
C LEU A 37 11.51 -8.18 -12.71
N LYS A 38 12.55 -8.00 -11.92
CA LYS A 38 12.76 -6.78 -11.14
C LYS A 38 14.07 -6.12 -11.56
N ILE A 39 14.01 -4.85 -11.94
CA ILE A 39 15.18 -4.08 -12.36
C ILE A 39 15.40 -2.93 -11.38
N SER A 40 16.63 -2.76 -10.93
CA SER A 40 17.00 -1.75 -9.95
C SER A 40 17.80 -0.62 -10.58
N CYS A 41 17.48 0.61 -10.17
CA CYS A 41 18.26 1.81 -10.46
C CYS A 41 18.81 2.34 -9.13
N LYS A 42 20.13 2.41 -9.03
CA LYS A 42 20.82 2.82 -7.81
C LYS A 42 21.35 4.24 -7.95
N GLY A 43 21.04 5.10 -6.99
CA GLY A 43 21.48 6.48 -7.05
C GLY A 43 22.59 6.81 -6.07
N SER A 44 23.76 7.21 -6.55
CA SER A 44 24.90 7.51 -5.70
C SER A 44 25.35 8.95 -5.96
N GLY A 45 25.54 9.70 -4.88
CA GLY A 45 26.03 11.05 -4.96
C GLY A 45 25.34 11.97 -3.96
N TYR A 46 25.96 13.11 -3.69
CA TYR A 46 25.42 14.09 -2.77
C TYR A 46 24.27 14.85 -3.41
N GLY A 47 23.43 15.45 -2.56
CA GLY A 47 22.33 16.25 -3.04
C GLY A 47 21.11 15.49 -3.47
N PHE A 48 21.05 14.18 -3.22
CA PHE A 48 19.97 13.36 -3.72
C PHE A 48 18.73 13.47 -2.84
N ILE A 49 18.26 14.69 -2.60
CA ILE A 49 17.08 14.89 -1.76
C ILE A 49 15.86 15.27 -2.60
N THR A 50 16.02 15.53 -3.90
CA THR A 50 14.90 16.01 -4.70
C THR A 50 14.86 15.43 -6.11
N TYR A 51 15.57 14.33 -6.38
CA TYR A 51 15.67 13.79 -7.73
C TYR A 51 14.48 12.89 -8.03
N TRP A 52 13.64 13.30 -8.98
CA TRP A 52 12.50 12.52 -9.44
C TRP A 52 12.99 11.52 -10.49
N ILE A 53 13.03 10.23 -10.10
CA ILE A 53 13.51 9.20 -11.00
C ILE A 53 12.47 8.90 -12.07
N GLY A 54 12.93 8.69 -13.31
CA GLY A 54 12.04 8.32 -14.39
C GLY A 54 12.65 7.19 -15.19
N TRP A 55 11.78 6.45 -15.88
CA TRP A 55 12.21 5.30 -16.66
C TRP A 55 11.88 5.50 -18.14
N VAL A 56 12.76 5.03 -19.02
CA VAL A 56 12.59 5.17 -20.46
C VAL A 56 13.03 3.88 -21.12
N ARG A 57 12.29 3.44 -22.14
CA ARG A 57 12.57 2.20 -22.85
C ARG A 57 12.89 2.50 -24.30
N GLN A 58 13.97 1.92 -24.81
CA GLN A 58 14.35 2.03 -26.21
C GLN A 58 14.29 0.64 -26.84
N MET A 59 13.35 0.46 -27.76
CA MET A 59 13.28 -0.77 -28.53
C MET A 59 14.42 -0.74 -29.55
N PRO A 60 14.85 -1.90 -30.06
CA PRO A 60 16.01 -1.89 -30.96
C PRO A 60 15.83 -0.96 -32.15
N GLY A 61 16.84 -0.12 -32.38
CA GLY A 61 16.82 0.85 -33.47
C GLY A 61 15.56 1.67 -33.60
N LYS A 62 15.03 2.16 -32.48
CA LYS A 62 13.86 3.04 -32.52
C LYS A 62 14.05 4.18 -31.53
N GLY A 63 13.09 5.11 -31.57
CA GLY A 63 13.12 6.26 -30.69
C GLY A 63 12.72 5.93 -29.26
N LEU A 64 13.08 6.83 -28.35
CA LEU A 64 12.76 6.63 -26.94
C LEU A 64 11.27 6.80 -26.69
N GLU A 65 10.77 6.12 -25.65
CA GLU A 65 9.37 6.22 -25.23
C GLU A 65 9.31 6.28 -23.72
N TRP A 66 8.93 7.43 -23.17
CA TRP A 66 8.88 7.63 -21.73
C TRP A 66 7.81 6.75 -21.09
N MET A 67 8.14 6.16 -19.93
CA MET A 67 7.24 5.23 -19.26
C MET A 67 6.63 5.78 -17.98
N GLY A 68 7.45 6.17 -17.00
CA GLY A 68 6.92 6.59 -15.72
C GLY A 68 7.90 7.41 -14.93
N ILE A 69 7.39 8.05 -13.87
CA ILE A 69 8.19 8.90 -12.99
C ILE A 69 7.73 8.73 -11.55
N ILE A 70 8.68 8.48 -10.65
CA ILE A 70 8.42 8.29 -9.23
C ILE A 70 9.36 9.16 -8.40
N TYR A 71 8.82 9.75 -7.33
CA TYR A 71 9.61 10.48 -6.36
C TYR A 71 10.07 9.51 -5.27
N PRO A 72 11.36 9.25 -5.13
CA PRO A 72 11.84 8.45 -3.99
C PRO A 72 11.36 9.03 -2.67
N GLY A 73 10.85 8.17 -1.79
CA GLY A 73 10.27 8.64 -0.55
C GLY A 73 8.76 8.65 -0.56
N ASP A 74 8.17 9.85 -0.66
CA ASP A 74 6.73 10.07 -0.71
C ASP A 74 6.07 9.00 -1.58
N SER A 75 6.75 8.61 -2.66
CA SER A 75 6.35 7.54 -3.57
C SER A 75 5.20 7.93 -4.49
N GLU A 76 4.99 9.23 -4.72
CA GLU A 76 4.02 9.64 -5.73
C GLU A 76 4.48 9.13 -7.09
N THR A 77 3.59 8.44 -7.79
CA THR A 77 3.94 7.74 -9.02
C THR A 77 3.03 8.18 -10.15
N ARG A 78 3.62 8.70 -11.22
CA ARG A 78 2.88 9.09 -12.42
C ARG A 78 3.26 8.17 -13.57
N TYR A 79 2.26 7.66 -14.28
CA TYR A 79 2.44 6.71 -15.37
C TYR A 79 2.04 7.33 -16.69
N SER A 80 2.28 6.59 -17.75
CA SER A 80 1.89 6.92 -19.11
C SER A 80 0.65 6.12 -19.50
N PRO A 81 -0.23 6.69 -20.34
CA PRO A 81 -1.47 5.97 -20.68
C PRO A 81 -1.23 4.62 -21.34
N SER A 82 -0.22 4.51 -22.20
CA SER A 82 0.04 3.24 -22.87
C SER A 82 0.48 2.16 -21.89
N PHE A 83 1.37 2.50 -20.96
CA PHE A 83 1.94 1.54 -20.03
C PHE A 83 1.21 1.48 -18.69
N GLN A 84 0.14 2.26 -18.50
CA GLN A 84 -0.56 2.32 -17.23
C GLN A 84 -1.03 0.94 -16.78
N GLY A 85 -0.39 0.40 -15.73
CA GLY A 85 -0.78 -0.87 -15.16
C GLY A 85 -0.07 -2.07 -15.73
N GLN A 86 0.65 -1.94 -16.84
CA GLN A 86 1.44 -3.07 -17.35
C GLN A 86 2.58 -3.42 -16.43
N VAL A 87 3.27 -2.40 -15.89
CA VAL A 87 4.44 -2.57 -15.03
C VAL A 87 4.20 -1.80 -13.74
N THR A 88 5.05 -2.05 -12.75
CA THR A 88 4.94 -1.33 -11.49
C THR A 88 6.26 -0.67 -11.12
N ILE A 89 6.21 0.63 -10.84
CA ILE A 89 7.36 1.42 -10.42
C ILE A 89 7.23 1.71 -8.93
N SER A 90 8.25 1.33 -8.16
CA SER A 90 8.28 1.57 -6.73
C SER A 90 9.64 2.12 -6.35
N ALA A 91 9.73 2.75 -5.18
CA ALA A 91 11.00 3.31 -4.74
C ALA A 91 11.27 2.92 -3.30
N ASP A 92 12.55 2.74 -2.98
CA ASP A 92 13.00 2.49 -1.62
C ASP A 92 13.91 3.64 -1.22
N LYS A 93 13.50 4.36 -0.17
CA LYS A 93 14.15 5.62 0.18
C LYS A 93 15.42 5.40 1.00
N SER A 94 15.44 4.39 1.88
CA SER A 94 16.55 4.22 2.80
C SER A 94 17.87 4.01 2.07
N ILE A 95 17.87 3.20 1.01
CA ILE A 95 19.08 2.93 0.25
C ILE A 95 19.13 3.69 -1.07
N ASN A 96 18.16 4.56 -1.34
CA ASN A 96 18.15 5.41 -2.54
C ASN A 96 18.08 4.58 -3.82
N THR A 97 16.99 3.83 -3.97
CA THR A 97 16.85 2.95 -5.13
C THR A 97 15.45 3.05 -5.71
N ALA A 98 15.34 2.72 -7.00
CA ALA A 98 14.08 2.66 -7.71
C ALA A 98 13.95 1.32 -8.41
N TYR A 99 12.79 0.69 -8.30
CA TYR A 99 12.56 -0.65 -8.85
C TYR A 99 11.45 -0.61 -9.89
N LEU A 100 11.73 -1.19 -11.06
CA LEU A 100 10.74 -1.40 -12.11
C LEU A 100 10.48 -2.90 -12.20
N GLN A 101 9.23 -3.31 -12.00
CA GLN A 101 8.91 -4.73 -11.93
C GLN A 101 7.85 -5.12 -12.94
N TRP A 102 8.08 -6.28 -13.57
CA TRP A 102 7.12 -6.97 -14.43
C TRP A 102 6.62 -8.19 -13.66
N SER A 103 5.29 -8.34 -13.62
CA SER A 103 4.70 -9.53 -13.01
C SER A 103 4.85 -10.75 -13.91
N SER A 104 4.64 -10.58 -15.22
CA SER A 104 4.79 -11.68 -16.17
C SER A 104 5.22 -11.07 -17.50
N LEU A 105 6.53 -11.02 -17.72
CA LEU A 105 7.06 -10.43 -18.95
C LEU A 105 6.78 -11.33 -20.15
N LYS A 106 6.42 -10.71 -21.27
CA LYS A 106 6.10 -11.43 -22.48
C LYS A 106 7.35 -11.55 -23.35
N ALA A 107 7.18 -11.94 -24.61
CA ALA A 107 8.31 -12.06 -25.53
C ALA A 107 8.55 -10.79 -26.34
N SER A 108 7.79 -9.73 -26.12
CA SER A 108 7.98 -8.47 -26.81
C SER A 108 8.72 -7.44 -25.97
N ASP A 109 9.22 -7.83 -24.80
CA ASP A 109 9.85 -6.92 -23.86
C ASP A 109 11.36 -6.84 -24.03
N THR A 110 11.92 -7.49 -25.04
CA THR A 110 13.35 -7.38 -25.33
C THR A 110 13.68 -5.98 -25.83
N ALA A 111 14.42 -5.21 -25.03
CA ALA A 111 14.72 -3.82 -25.31
C ALA A 111 15.74 -3.35 -24.27
N ILE A 112 16.17 -2.10 -24.38
CA ILE A 112 17.13 -1.53 -23.43
C ILE A 112 16.43 -0.46 -22.59
N TYR A 113 16.61 -0.51 -21.27
CA TYR A 113 15.93 0.41 -20.37
C TYR A 113 16.93 1.31 -19.66
N TYR A 114 16.62 2.62 -19.64
CA TYR A 114 17.44 3.65 -19.02
C TYR A 114 16.67 4.29 -17.88
N CYS A 115 17.30 4.42 -16.71
CA CYS A 115 16.77 5.22 -15.62
C CYS A 115 17.46 6.58 -15.61
N ALA A 116 16.67 7.64 -15.59
CA ALA A 116 17.17 9.01 -15.70
C ALA A 116 16.52 9.88 -14.64
N GLY A 117 17.32 10.73 -14.00
CA GLY A 117 16.80 11.45 -12.85
C GLY A 117 16.70 12.96 -13.02
N GLY A 118 15.47 13.48 -13.03
CA GLY A 118 15.30 14.91 -13.07
C GLY A 118 15.41 15.53 -11.70
N SER A 119 15.57 16.85 -11.68
CA SER A 119 15.73 17.56 -10.41
C SER A 119 14.42 18.09 -9.85
N GLY A 120 13.37 18.12 -10.66
CA GLY A 120 12.04 18.52 -10.20
C GLY A 120 11.01 18.18 -11.25
N ILE A 121 9.74 18.37 -10.89
CA ILE A 121 8.67 18.21 -11.86
C ILE A 121 8.73 19.37 -12.86
N SER A 122 8.62 19.03 -14.16
CA SER A 122 8.76 19.99 -15.26
C SER A 122 10.21 20.45 -15.40
N THR A 123 11.13 19.49 -15.34
CA THR A 123 12.55 19.73 -15.49
C THR A 123 13.16 18.69 -16.42
N PRO A 124 14.01 19.09 -17.37
CA PRO A 124 14.59 18.12 -18.30
C PRO A 124 15.52 17.15 -17.59
N MET A 125 15.51 15.91 -18.06
CA MET A 125 16.28 14.84 -17.45
C MET A 125 17.73 14.92 -17.91
N ASP A 126 18.65 15.13 -16.97
CA ASP A 126 20.05 15.38 -17.33
C ASP A 126 21.03 14.28 -16.95
N VAL A 127 20.79 13.50 -15.90
CA VAL A 127 21.68 12.42 -15.49
C VAL A 127 21.08 11.08 -15.87
N TRP A 128 21.79 10.33 -16.73
CA TRP A 128 21.30 9.09 -17.30
C TRP A 128 22.14 7.90 -16.87
N GLY A 129 21.47 6.84 -16.40
CA GLY A 129 22.16 5.59 -16.12
C GLY A 129 22.56 4.84 -17.37
N GLN A 130 23.56 3.97 -17.22
CA GLN A 130 24.07 3.18 -18.35
C GLN A 130 22.95 2.49 -19.13
N GLY A 131 22.05 1.81 -18.44
CA GLY A 131 20.97 1.08 -19.12
C GLY A 131 21.17 -0.42 -19.18
N THR A 132 20.08 -1.18 -19.06
CA THR A 132 20.12 -2.64 -19.00
C THR A 132 19.24 -3.22 -20.10
N THR A 133 19.82 -4.06 -20.94
CA THR A 133 19.08 -4.80 -21.95
C THR A 133 18.33 -5.99 -21.36
N VAL A 134 17.19 -6.31 -21.96
CA VAL A 134 16.40 -7.48 -21.58
C VAL A 134 16.10 -8.27 -22.85
N THR A 135 16.37 -9.57 -22.80
CA THR A 135 16.13 -10.51 -23.90
C THR A 135 15.21 -11.63 -23.44
N VAL A 136 14.15 -11.90 -24.19
CA VAL A 136 13.18 -12.94 -23.87
C VAL A 136 13.04 -13.87 -25.08
N ALA A 137 13.66 -15.05 -25.03
CA ALA A 137 13.63 -15.97 -26.16
C ALA A 137 14.30 -17.31 -25.87
N SER A 138 14.21 -18.23 -26.83
CA SER A 138 14.79 -19.57 -26.73
C SER A 138 15.97 -19.70 -27.68
N THR A 139 17.11 -20.11 -27.15
CA THR A 139 18.36 -20.11 -27.90
C THR A 139 18.42 -21.22 -28.96
N LYS A 140 18.77 -20.84 -30.19
CA LYS A 140 19.07 -21.77 -31.29
C LYS A 140 20.43 -21.42 -31.87
N GLY A 141 21.34 -22.41 -31.93
CA GLY A 141 22.71 -22.18 -32.32
C GLY A 141 22.92 -21.86 -33.79
N PRO A 142 24.09 -21.28 -34.12
CA PRO A 142 24.36 -20.81 -35.49
C PRO A 142 25.05 -21.81 -36.41
N SER A 143 24.45 -22.05 -37.59
CA SER A 143 25.07 -22.85 -38.64
C SER A 143 25.92 -21.95 -39.55
N VAL A 144 27.24 -22.03 -39.41
CA VAL A 144 28.16 -21.19 -40.17
C VAL A 144 28.63 -21.92 -41.43
N PHE A 145 28.45 -21.31 -42.60
CA PHE A 145 28.88 -21.93 -43.85
C PHE A 145 29.79 -20.98 -44.62
N PRO A 146 30.95 -21.43 -45.10
CA PRO A 146 31.88 -20.49 -45.75
C PRO A 146 31.74 -20.41 -47.26
N LEU A 147 31.57 -19.18 -47.78
CA LEU A 147 31.46 -18.97 -49.22
C LEU A 147 32.85 -19.05 -49.87
N ALA A 148 32.90 -19.61 -51.07
CA ALA A 148 34.22 -19.63 -51.70
C ALA A 148 34.44 -18.39 -52.56
N PRO A 149 35.65 -17.82 -52.52
CA PRO A 149 35.97 -16.70 -53.42
C PRO A 149 35.99 -17.17 -54.88
N SER A 150 35.32 -16.41 -55.73
CA SER A 150 35.22 -16.76 -57.15
C SER A 150 36.58 -17.02 -57.75
N SER A 151 36.68 -18.07 -58.56
CA SER A 151 37.98 -18.51 -59.06
C SER A 151 38.59 -17.49 -60.01
N LYS A 152 37.79 -16.98 -60.95
CA LYS A 152 38.26 -15.98 -61.91
C LYS A 152 37.98 -14.61 -61.32
N SER A 153 39.02 -13.96 -60.78
CA SER A 153 38.89 -12.64 -60.21
C SER A 153 40.07 -11.78 -60.68
N THR A 154 40.06 -10.53 -60.23
CA THR A 154 41.09 -9.55 -60.59
C THR A 154 42.43 -9.96 -59.98
N SER A 155 43.32 -10.50 -60.81
CA SER A 155 44.62 -10.95 -60.32
C SER A 155 45.46 -9.80 -59.80
N GLY A 156 45.50 -8.68 -60.54
CA GLY A 156 46.18 -7.50 -60.05
C GLY A 156 45.37 -6.68 -59.06
N GLY A 157 44.10 -7.02 -58.89
CA GLY A 157 43.22 -6.33 -57.97
C GLY A 157 42.92 -7.14 -56.72
N THR A 158 41.63 -7.25 -56.39
CA THR A 158 41.19 -7.87 -55.15
C THR A 158 40.00 -8.77 -55.41
N ALA A 159 39.73 -9.63 -54.43
CA ALA A 159 38.53 -10.47 -54.44
C ALA A 159 38.09 -10.65 -52.98
N ALA A 160 36.85 -11.09 -52.81
CA ALA A 160 36.22 -11.11 -51.50
C ALA A 160 35.95 -12.53 -51.04
N LEU A 161 36.00 -12.72 -49.72
CA LEU A 161 35.68 -14.01 -49.14
C LEU A 161 35.09 -13.82 -47.75
N GLY A 162 34.22 -14.74 -47.35
CA GLY A 162 33.60 -14.64 -46.04
C GLY A 162 32.70 -15.82 -45.74
N CYS A 163 32.36 -15.93 -44.46
CA CYS A 163 31.54 -17.03 -43.96
C CYS A 163 30.19 -16.47 -43.50
N LEU A 164 29.14 -17.26 -43.74
CA LEU A 164 27.74 -16.85 -43.69
C LEU A 164 27.03 -17.59 -42.57
N VAL A 165 26.72 -16.87 -41.49
CA VAL A 165 26.08 -17.45 -40.32
C VAL A 165 24.58 -17.51 -40.57
N LYS A 166 23.96 -18.66 -40.26
CA LYS A 166 22.54 -18.82 -40.54
C LYS A 166 21.84 -19.49 -39.37
N ASP A 167 20.53 -19.23 -39.28
CA ASP A 167 19.63 -19.88 -38.35
C ASP A 167 20.09 -19.75 -36.90
N TYR A 168 20.40 -18.53 -36.48
CA TYR A 168 20.86 -18.28 -35.11
C TYR A 168 19.87 -17.36 -34.40
N PHE A 169 19.41 -17.78 -33.23
CA PHE A 169 18.45 -17.02 -32.44
C PHE A 169 18.86 -17.02 -30.98
N PRO A 170 18.71 -15.88 -30.28
CA PRO A 170 18.54 -14.54 -30.82
C PRO A 170 19.85 -13.79 -31.01
N GLU A 171 19.76 -12.52 -31.37
CA GLU A 171 20.94 -11.68 -31.54
C GLU A 171 21.64 -11.50 -30.19
N PRO A 172 22.99 -11.44 -30.16
CA PRO A 172 23.95 -11.25 -31.25
C PRO A 172 24.98 -12.37 -31.46
N VAL A 173 25.56 -12.41 -32.66
CA VAL A 173 26.64 -13.32 -33.01
C VAL A 173 27.89 -12.51 -33.32
N THR A 174 29.00 -12.86 -32.67
CA THR A 174 30.26 -12.16 -32.87
C THR A 174 31.11 -12.92 -33.89
N VAL A 175 31.49 -12.26 -34.98
CA VAL A 175 32.31 -12.86 -36.01
C VAL A 175 33.68 -12.17 -36.00
N SER A 176 34.70 -12.87 -35.51
CA SER A 176 36.06 -12.34 -35.46
C SER A 176 36.94 -13.06 -36.48
N TRP A 177 37.69 -12.30 -37.27
CA TRP A 177 38.49 -12.85 -38.35
C TRP A 177 39.93 -13.06 -37.88
N ASN A 178 40.41 -14.30 -38.02
CA ASN A 178 41.79 -14.70 -37.69
C ASN A 178 42.20 -14.19 -36.32
N SER A 179 41.40 -14.56 -35.32
CA SER A 179 41.62 -14.19 -33.92
C SER A 179 41.94 -12.70 -33.78
N GLY A 180 41.25 -11.87 -34.57
CA GLY A 180 41.42 -10.43 -34.49
C GLY A 180 42.64 -9.89 -35.19
N ALA A 181 43.43 -10.72 -35.86
CA ALA A 181 44.62 -10.22 -36.55
C ALA A 181 44.25 -9.34 -37.74
N LEU A 182 43.20 -9.71 -38.47
CA LEU A 182 42.80 -9.01 -39.68
C LEU A 182 41.63 -8.09 -39.34
N THR A 183 41.78 -6.80 -39.66
CA THR A 183 40.76 -5.82 -39.34
C THR A 183 40.47 -4.84 -40.46
N SER A 184 41.29 -4.77 -41.50
CA SER A 184 41.09 -3.80 -42.57
C SER A 184 40.18 -4.38 -43.64
N GLY A 185 39.12 -3.64 -43.99
CA GLY A 185 38.19 -4.08 -45.02
C GLY A 185 37.25 -5.18 -44.60
N VAL A 186 37.03 -5.37 -43.30
CA VAL A 186 36.13 -6.39 -42.79
C VAL A 186 34.73 -5.77 -42.66
N HIS A 187 33.83 -6.15 -43.55
CA HIS A 187 32.45 -5.67 -43.51
C HIS A 187 31.59 -6.67 -42.75
N THR A 188 30.93 -6.22 -41.69
CA THR A 188 29.96 -7.02 -40.94
C THR A 188 28.59 -6.41 -41.13
N PHE A 189 27.63 -7.24 -41.54
CA PHE A 189 26.32 -6.72 -41.89
C PHE A 189 25.28 -7.06 -40.82
N PRO A 190 24.43 -6.10 -40.45
CA PRO A 190 23.44 -6.38 -39.40
C PRO A 190 22.48 -7.50 -39.77
N ALA A 191 22.09 -8.26 -38.75
CA ALA A 191 21.22 -9.42 -38.94
C ALA A 191 19.85 -9.02 -39.47
N VAL A 192 19.35 -9.77 -40.46
CA VAL A 192 18.03 -9.55 -41.02
C VAL A 192 17.19 -10.81 -40.78
N LEU A 193 16.04 -10.61 -40.13
CA LEU A 193 15.16 -11.76 -39.78
C LEU A 193 14.31 -12.16 -40.98
N GLN A 194 14.45 -13.41 -41.43
CA GLN A 194 13.61 -13.94 -42.50
C GLN A 194 12.49 -14.75 -41.88
N SER A 195 11.74 -15.48 -42.71
CA SER A 195 10.44 -16.00 -42.31
C SER A 195 10.55 -16.91 -41.09
N SER A 196 11.59 -17.76 -41.07
CA SER A 196 11.73 -18.72 -39.96
C SER A 196 11.94 -18.04 -38.62
N GLY A 197 12.29 -16.75 -38.60
CA GLY A 197 12.59 -16.08 -37.34
C GLY A 197 14.07 -15.97 -37.05
N LEU A 198 14.81 -17.02 -37.41
CA LEU A 198 16.24 -17.11 -37.14
C LEU A 198 17.01 -16.19 -38.07
N TYR A 199 17.63 -15.15 -37.51
CA TYR A 199 18.34 -14.14 -38.30
C TYR A 199 19.55 -14.74 -39.03
N SER A 200 19.87 -14.17 -40.18
CA SER A 200 21.08 -14.50 -40.92
C SER A 200 22.04 -13.31 -40.88
N LEU A 201 23.32 -13.58 -41.11
CA LEU A 201 24.34 -12.54 -41.05
C LEU A 201 25.55 -12.98 -41.87
N SER A 202 26.07 -12.08 -42.70
CA SER A 202 27.23 -12.35 -43.54
C SER A 202 28.33 -11.33 -43.27
N SER A 203 29.56 -11.82 -43.04
CA SER A 203 30.73 -10.97 -42.86
C SER A 203 31.73 -11.28 -43.97
N VAL A 204 32.19 -10.25 -44.67
CA VAL A 204 33.03 -10.43 -45.84
C VAL A 204 34.28 -9.56 -45.74
N VAL A 205 35.43 -10.12 -46.09
CA VAL A 205 36.67 -9.36 -46.17
C VAL A 205 37.13 -9.30 -47.63
N THR A 206 37.88 -8.25 -47.94
CA THR A 206 38.42 -8.01 -49.29
C THR A 206 39.93 -8.20 -49.23
N VAL A 207 40.45 -9.08 -50.08
CA VAL A 207 41.87 -9.42 -50.06
C VAL A 207 42.43 -9.32 -51.48
N PRO A 208 43.59 -8.69 -51.67
CA PRO A 208 44.20 -8.68 -53.00
C PRO A 208 44.64 -10.07 -53.42
N SER A 209 44.64 -10.30 -54.72
CA SER A 209 44.90 -11.64 -55.25
C SER A 209 46.34 -12.09 -55.09
N SER A 210 47.18 -11.33 -54.37
CA SER A 210 48.53 -11.76 -54.07
C SER A 210 48.60 -12.60 -52.80
N SER A 211 47.88 -12.20 -51.75
CA SER A 211 47.89 -12.91 -50.48
C SER A 211 46.91 -14.08 -50.45
N LEU A 212 46.19 -14.35 -51.55
CA LEU A 212 45.22 -15.43 -51.54
C LEU A 212 45.87 -16.78 -51.27
N GLY A 213 47.02 -17.03 -51.89
CA GLY A 213 47.64 -18.34 -51.79
C GLY A 213 48.15 -18.66 -50.40
N THR A 214 48.76 -17.68 -49.72
CA THR A 214 49.52 -17.93 -48.51
C THR A 214 48.76 -17.70 -47.22
N GLN A 215 47.93 -16.66 -47.14
CA GLN A 215 47.30 -16.29 -45.88
C GLN A 215 46.05 -17.13 -45.65
N THR A 216 45.94 -17.72 -44.46
CA THR A 216 44.82 -18.60 -44.12
C THR A 216 43.73 -17.81 -43.40
N TYR A 217 42.48 -18.18 -43.67
CA TYR A 217 41.32 -17.46 -43.16
C TYR A 217 40.55 -18.37 -42.22
N ILE A 218 40.34 -17.92 -40.99
CA ILE A 218 39.55 -18.64 -39.99
C ILE A 218 38.58 -17.67 -39.35
N CYS A 219 37.29 -17.79 -39.67
CA CYS A 219 36.30 -16.95 -38.99
C CYS A 219 35.85 -17.65 -37.70
N ASN A 220 35.76 -16.86 -36.64
CA ASN A 220 35.42 -17.34 -35.31
C ASN A 220 34.03 -16.81 -34.97
N VAL A 221 33.04 -17.69 -34.93
CA VAL A 221 31.67 -17.31 -34.63
C VAL A 221 31.39 -17.65 -33.17
N ASN A 222 30.97 -16.63 -32.41
CA ASN A 222 30.61 -16.77 -31.00
C ASN A 222 29.14 -16.46 -30.84
N HIS A 223 28.35 -17.45 -30.43
CA HIS A 223 26.97 -17.23 -29.99
C HIS A 223 26.92 -17.63 -28.53
N LYS A 224 26.92 -16.65 -27.63
CA LYS A 224 27.02 -16.93 -26.19
C LYS A 224 25.75 -17.54 -25.60
N PRO A 225 24.54 -17.07 -25.95
CA PRO A 225 23.34 -17.71 -25.37
C PRO A 225 23.28 -19.21 -25.61
N SER A 226 23.68 -19.66 -26.81
CA SER A 226 23.76 -21.09 -27.09
C SER A 226 25.12 -21.67 -26.74
N ASN A 227 26.05 -20.85 -26.25
CA ASN A 227 27.39 -21.29 -25.88
C ASN A 227 28.04 -22.08 -27.01
N THR A 228 28.06 -21.46 -28.19
CA THR A 228 28.60 -22.09 -29.39
C THR A 228 29.73 -21.22 -29.95
N LYS A 229 30.95 -21.73 -29.81
CA LYS A 229 32.16 -21.07 -30.31
C LYS A 229 32.76 -21.96 -31.39
N VAL A 230 32.74 -21.49 -32.63
CA VAL A 230 33.19 -22.30 -33.77
C VAL A 230 34.28 -21.55 -34.51
N ASP A 231 35.27 -22.30 -34.99
CA ASP A 231 36.38 -21.76 -35.77
C ASP A 231 36.33 -22.45 -37.12
N LYS A 232 35.92 -21.73 -38.16
CA LYS A 232 35.71 -22.34 -39.47
C LYS A 232 36.62 -21.69 -40.50
N LYS A 233 37.42 -22.51 -41.17
CA LYS A 233 38.32 -22.05 -42.21
C LYS A 233 37.55 -21.68 -43.47
N VAL A 234 38.05 -20.67 -44.18
CA VAL A 234 37.53 -20.27 -45.48
C VAL A 234 38.43 -20.89 -46.55
N GLU A 235 37.84 -21.62 -47.48
CA GLU A 235 38.61 -22.39 -48.43
C GLU A 235 38.37 -21.89 -49.86
N PRO A 236 39.40 -21.60 -50.63
CA PRO A 236 39.19 -21.31 -52.05
C PRO A 236 38.91 -22.60 -52.80
N LYS A 237 37.82 -22.60 -53.57
CA LYS A 237 37.41 -23.78 -54.33
C LYS A 237 37.90 -23.68 -55.76
N SER A 238 38.54 -24.75 -56.23
CA SER A 238 39.03 -24.86 -57.60
C SER A 238 38.46 -26.13 -58.21
N CYS A 239 38.90 -26.43 -59.43
CA CYS A 239 38.44 -27.64 -60.13
C CYS A 239 38.88 -28.88 -59.38
N ASP B 21 -0.13 13.65 -24.38
CA ASP B 21 -1.39 14.18 -24.87
C ASP B 21 -1.15 15.25 -25.94
N ILE B 22 0.08 15.73 -26.03
CA ILE B 22 0.46 16.74 -27.02
C ILE B 22 1.61 16.16 -27.84
N GLN B 23 1.24 15.45 -28.91
CA GLN B 23 2.22 14.82 -29.79
C GLN B 23 3.06 15.87 -30.53
N LEU B 24 4.31 15.52 -30.79
CA LEU B 24 5.26 16.38 -31.47
C LEU B 24 5.54 15.86 -32.87
N THR B 25 6.25 16.67 -33.66
CA THR B 25 6.66 16.27 -35.00
C THR B 25 8.02 16.87 -35.29
N GLN B 26 8.86 16.13 -36.01
CA GLN B 26 10.17 16.62 -36.39
C GLN B 26 10.34 16.57 -37.90
N SER B 27 11.29 17.38 -38.41
CA SER B 27 11.59 17.38 -39.84
C SER B 27 12.91 18.07 -40.10
N PRO B 28 13.72 17.60 -41.06
CA PRO B 28 13.51 16.39 -41.84
C PRO B 28 13.97 15.14 -41.10
N ASP B 29 13.60 13.97 -41.60
CA ASP B 29 13.97 12.73 -40.93
C ASP B 29 15.47 12.46 -41.07
N SER B 30 15.94 12.33 -42.30
CA SER B 30 17.37 12.15 -42.58
C SER B 30 17.86 13.32 -43.41
N LEU B 31 18.90 13.99 -42.93
CA LEU B 31 19.50 15.11 -43.63
C LEU B 31 20.99 14.85 -43.80
N ALA B 32 21.49 15.07 -45.02
CA ALA B 32 22.91 14.92 -45.33
C ALA B 32 23.47 16.28 -45.72
N VAL B 33 24.47 16.75 -44.97
CA VAL B 33 25.18 17.99 -45.29
C VAL B 33 26.67 17.71 -45.23
N SER B 34 27.44 18.58 -45.89
CA SER B 34 28.88 18.44 -45.93
C SER B 34 29.51 18.98 -44.65
N LEU B 35 30.80 18.69 -44.48
CA LEU B 35 31.52 19.18 -43.31
C LEU B 35 31.62 20.70 -43.34
N GLY B 36 31.31 21.33 -42.22
CA GLY B 36 31.37 22.78 -42.10
C GLY B 36 30.14 23.52 -42.57
N GLU B 37 29.11 22.83 -43.05
CA GLU B 37 27.87 23.47 -43.45
C GLU B 37 26.88 23.53 -42.28
N ARG B 38 25.88 24.39 -42.43
CA ARG B 38 24.85 24.56 -41.42
C ARG B 38 23.88 23.38 -41.43
N ALA B 39 23.20 23.18 -40.30
CA ALA B 39 22.21 22.10 -40.18
C ALA B 39 21.03 22.58 -39.36
N THR B 40 19.84 22.61 -39.97
CA THR B 40 18.63 23.08 -39.31
C THR B 40 17.63 21.93 -39.12
N ILE B 41 17.17 21.74 -37.89
CA ILE B 41 16.19 20.71 -37.54
C ILE B 41 14.98 21.40 -36.92
N ASN B 42 13.77 21.03 -37.37
CA ASN B 42 12.54 21.69 -36.95
C ASN B 42 11.67 20.76 -36.11
N CYS B 43 11.21 21.26 -34.97
CA CYS B 43 10.27 20.58 -34.07
C CYS B 43 8.97 21.40 -33.99
N LYS B 44 7.84 20.74 -34.19
CA LYS B 44 6.52 21.36 -34.17
C LYS B 44 5.65 20.69 -33.11
N SER B 45 5.02 21.52 -32.26
CA SER B 45 4.19 21.06 -31.17
C SER B 45 2.72 21.29 -31.48
N SER B 46 1.85 20.46 -30.90
CA SER B 46 0.41 20.62 -31.09
C SER B 46 -0.11 21.92 -30.48
N GLN B 47 0.31 22.23 -29.26
CA GLN B 47 -0.13 23.45 -28.57
C GLN B 47 1.06 24.15 -27.95
N SER B 48 0.92 25.45 -27.75
CA SER B 48 1.98 26.26 -27.16
C SER B 48 2.29 25.78 -25.74
N VAL B 49 3.58 25.65 -25.45
CA VAL B 49 4.08 25.12 -24.19
C VAL B 49 4.77 26.22 -23.40
N LEU B 50 4.13 27.39 -23.31
CA LEU B 50 4.72 28.56 -22.67
C LEU B 50 4.12 28.71 -21.29
N TYR B 51 4.97 28.76 -20.27
CA TYR B 51 4.53 28.91 -18.89
C TYR B 51 4.30 30.39 -18.62
N SER B 52 3.08 30.73 -18.20
CA SER B 52 2.71 32.14 -18.05
C SER B 52 3.54 32.85 -16.99
N SER B 53 3.79 32.18 -15.85
CA SER B 53 4.43 32.85 -14.73
C SER B 53 5.83 33.35 -15.06
N ILE B 54 6.66 32.50 -15.70
CA ILE B 54 8.05 32.86 -15.96
C ILE B 54 8.28 33.23 -17.42
N ASN B 55 7.30 33.03 -18.29
CA ASN B 55 7.40 33.35 -19.72
C ASN B 55 8.58 32.63 -20.38
N LYS B 56 8.75 31.34 -20.08
CA LYS B 56 9.82 30.53 -20.64
C LYS B 56 9.23 29.34 -21.38
N ASN B 57 9.65 29.17 -22.64
CA ASN B 57 9.24 27.99 -23.40
C ASN B 57 9.79 26.73 -22.75
N TYR B 58 8.93 25.73 -22.59
CA TYR B 58 9.32 24.44 -22.00
C TYR B 58 9.51 23.43 -23.13
N LEU B 59 10.76 23.26 -23.56
CA LEU B 59 11.11 22.31 -24.61
C LEU B 59 12.62 22.13 -24.63
N ALA B 60 13.07 20.89 -24.79
CA ALA B 60 14.49 20.56 -24.69
C ALA B 60 14.92 19.73 -25.90
N TRP B 61 16.21 19.83 -26.21
CA TRP B 61 16.84 19.11 -27.32
C TRP B 61 17.92 18.18 -26.78
N TYR B 62 17.88 16.93 -27.23
CA TYR B 62 18.73 15.83 -26.78
C TYR B 62 19.56 15.28 -27.94
N GLN B 63 20.79 14.87 -27.65
CA GLN B 63 21.67 14.19 -28.59
C GLN B 63 21.91 12.75 -28.14
N GLN B 64 21.77 11.80 -29.06
CA GLN B 64 22.11 10.41 -28.81
C GLN B 64 23.08 9.90 -29.85
N LYS B 65 24.18 9.31 -29.39
CA LYS B 65 25.19 8.61 -30.18
C LYS B 65 24.93 7.12 -30.16
N PRO B 66 25.24 6.41 -31.25
CA PRO B 66 24.90 4.98 -31.33
C PRO B 66 25.58 4.18 -30.23
N GLY B 67 24.77 3.57 -29.37
CA GLY B 67 25.29 2.72 -28.32
C GLY B 67 25.52 3.37 -26.99
N GLN B 68 24.94 4.54 -26.73
CA GLN B 68 25.14 5.25 -25.49
C GLN B 68 23.84 5.94 -25.08
N PRO B 69 23.69 6.28 -23.80
CA PRO B 69 22.48 7.00 -23.39
C PRO B 69 22.48 8.42 -23.95
N PRO B 70 21.31 9.01 -24.13
CA PRO B 70 21.25 10.39 -24.63
C PRO B 70 21.85 11.37 -23.64
N LYS B 71 22.16 12.56 -24.15
CA LYS B 71 22.74 13.63 -23.37
C LYS B 71 21.89 14.87 -23.55
N LEU B 72 21.69 15.62 -22.46
CA LEU B 72 21.00 16.89 -22.61
C LEU B 72 21.84 17.84 -23.45
N LEU B 73 21.17 18.61 -24.30
CA LEU B 73 21.85 19.59 -25.13
C LEU B 73 21.32 21.00 -24.89
N ILE B 74 20.02 21.20 -25.00
CA ILE B 74 19.41 22.51 -24.81
C ILE B 74 18.19 22.37 -23.92
N TYR B 75 18.06 23.22 -22.90
CA TYR B 75 16.85 23.28 -22.10
C TYR B 75 16.26 24.69 -22.16
N TRP B 76 14.94 24.77 -22.00
CA TRP B 76 14.15 26.00 -22.17
C TRP B 76 14.16 26.48 -23.61
N ALA B 77 14.76 25.70 -24.52
CA ALA B 77 14.82 25.96 -25.96
C ALA B 77 15.60 27.22 -26.29
N SER B 78 16.51 27.66 -25.42
CA SER B 78 17.32 28.84 -25.74
C SER B 78 18.65 28.84 -24.98
N THR B 79 18.74 28.06 -23.91
CA THR B 79 19.93 28.01 -23.07
C THR B 79 20.68 26.69 -23.26
N ARG B 80 22.01 26.78 -23.16
CA ARG B 80 22.88 25.63 -23.35
C ARG B 80 23.39 25.11 -22.01
N GLU B 81 23.47 23.79 -21.89
CA GLU B 81 24.02 23.18 -20.69
C GLU B 81 25.53 23.39 -20.66
N SER B 82 26.10 23.25 -19.47
CA SER B 82 27.52 23.50 -19.29
C SER B 82 28.35 22.54 -20.14
N GLY B 83 29.36 23.08 -20.81
CA GLY B 83 30.27 22.30 -21.60
C GLY B 83 29.89 22.11 -23.05
N VAL B 84 28.63 22.34 -23.40
CA VAL B 84 28.21 22.25 -24.80
C VAL B 84 28.89 23.35 -25.61
N PRO B 85 29.51 23.04 -26.74
CA PRO B 85 30.19 24.07 -27.53
C PRO B 85 29.20 25.01 -28.20
N ASP B 86 29.71 26.21 -28.53
CA ASP B 86 28.86 27.29 -29.03
C ASP B 86 28.12 26.89 -30.31
N ARG B 87 28.76 26.08 -31.15
CA ARG B 87 28.19 25.62 -32.43
C ARG B 87 26.70 25.31 -32.39
N PHE B 88 26.23 24.74 -31.28
CA PHE B 88 24.84 24.32 -31.14
C PHE B 88 24.01 25.49 -30.66
N SER B 89 22.98 25.86 -31.44
CA SER B 89 22.10 26.96 -31.04
C SER B 89 20.65 26.53 -31.16
N GLY B 90 19.82 27.07 -30.29
CA GLY B 90 18.40 26.75 -30.28
C GLY B 90 17.54 28.00 -30.35
N SER B 91 16.52 27.98 -31.20
CA SER B 91 15.69 29.16 -31.41
C SER B 91 14.26 28.72 -31.63
N GLY B 92 13.35 29.68 -31.69
CA GLY B 92 11.96 29.41 -31.96
C GLY B 92 11.05 30.00 -30.91
N SER B 93 9.75 29.93 -31.21
CA SER B 93 8.72 30.49 -30.34
C SER B 93 7.37 29.93 -30.78
N GLY B 94 6.35 30.26 -30.01
CA GLY B 94 5.03 29.73 -30.28
C GLY B 94 5.11 28.22 -30.20
N THR B 95 4.77 27.58 -31.31
CA THR B 95 4.83 26.13 -31.40
C THR B 95 6.02 25.64 -32.23
N ASP B 96 6.69 26.54 -32.96
CA ASP B 96 7.75 26.16 -33.88
C ASP B 96 9.12 26.40 -33.25
N PHE B 97 9.94 25.36 -33.18
CA PHE B 97 11.27 25.46 -32.60
C PHE B 97 12.27 24.86 -33.57
N THR B 98 13.49 25.38 -33.58
CA THR B 98 14.53 24.85 -34.44
C THR B 98 15.86 24.76 -33.70
N LEU B 99 16.67 23.80 -34.11
CA LEU B 99 18.04 23.63 -33.63
C LEU B 99 18.96 23.81 -34.82
N THR B 100 19.91 24.73 -34.71
CA THR B 100 20.83 25.07 -35.78
C THR B 100 22.25 24.77 -35.36
N ILE B 101 22.95 23.99 -36.17
CA ILE B 101 24.38 23.74 -36.03
C ILE B 101 25.07 24.63 -37.05
N SER B 102 25.70 25.70 -36.55
CA SER B 102 26.31 26.70 -37.43
C SER B 102 27.32 26.07 -38.37
N SER B 103 28.25 25.27 -37.83
CA SER B 103 29.17 24.51 -38.66
C SER B 103 29.30 23.10 -38.10
N LEU B 104 28.91 22.12 -38.90
CA LEU B 104 29.00 20.73 -38.49
C LEU B 104 30.45 20.23 -38.54
N GLN B 105 30.77 19.31 -37.64
CA GLN B 105 32.09 18.70 -37.56
C GLN B 105 31.98 17.17 -37.65
N ALA B 106 33.10 16.50 -37.47
CA ALA B 106 33.18 15.05 -37.63
C ALA B 106 32.61 14.28 -36.44
N GLU B 107 32.24 14.97 -35.36
CA GLU B 107 31.76 14.31 -34.16
C GLU B 107 30.25 14.42 -33.96
N ASP B 108 29.55 15.16 -34.81
CA ASP B 108 28.14 15.44 -34.56
C ASP B 108 27.18 14.48 -35.25
N VAL B 109 27.65 13.58 -36.11
CA VAL B 109 26.76 12.60 -36.73
C VAL B 109 26.07 11.81 -35.63
N ALA B 110 24.73 11.90 -35.57
CA ALA B 110 23.99 11.31 -34.45
C ALA B 110 22.48 11.45 -34.61
N VAL B 111 21.69 11.07 -33.60
CA VAL B 111 20.25 11.24 -33.65
C VAL B 111 19.80 12.25 -32.60
N TYR B 112 18.98 13.21 -33.02
CA TYR B 112 18.56 14.33 -32.19
C TYR B 112 17.06 14.25 -31.90
N TYR B 113 16.69 14.41 -30.63
CA TYR B 113 15.32 14.28 -30.17
C TYR B 113 14.83 15.58 -29.52
N CYS B 114 13.65 16.05 -29.90
CA CYS B 114 13.00 17.19 -29.26
C CYS B 114 11.92 16.69 -28.31
N GLN B 115 12.01 17.10 -27.03
CA GLN B 115 11.06 16.67 -26.00
C GLN B 115 10.41 17.87 -25.33
N GLN B 116 9.09 17.79 -25.14
CA GLN B 116 8.36 18.81 -24.39
C GLN B 116 8.12 18.32 -22.97
N TYR B 117 8.41 19.17 -21.99
CA TYR B 117 8.24 18.79 -20.60
C TYR B 117 7.32 19.76 -19.87
N TYR B 118 6.18 20.07 -20.47
CA TYR B 118 5.23 21.00 -19.87
C TYR B 118 4.35 20.30 -18.84
N SER B 119 3.58 19.30 -19.28
CA SER B 119 2.72 18.53 -18.39
C SER B 119 2.86 17.06 -18.70
N THR B 120 2.77 16.24 -17.67
CA THR B 120 2.86 14.80 -17.84
C THR B 120 1.67 14.30 -18.67
N PRO B 121 1.89 13.34 -19.57
CA PRO B 121 3.14 12.64 -19.85
C PRO B 121 4.07 13.40 -20.79
N TYR B 122 5.37 13.08 -20.74
CA TYR B 122 6.37 13.78 -21.54
C TYR B 122 6.53 13.06 -22.87
N THR B 123 6.01 13.66 -23.94
CA THR B 123 6.16 13.08 -25.26
C THR B 123 7.56 13.35 -25.81
N PHE B 124 8.00 12.48 -26.72
CA PHE B 124 9.31 12.61 -27.34
C PHE B 124 9.17 12.83 -28.84
N GLY B 125 10.27 13.28 -29.45
CA GLY B 125 10.29 13.44 -30.88
C GLY B 125 10.59 12.13 -31.60
N GLN B 126 10.29 12.13 -32.91
CA GLN B 126 10.59 10.95 -33.71
C GLN B 126 12.08 10.66 -33.76
N GLY B 127 12.91 11.69 -33.93
CA GLY B 127 14.34 11.50 -33.99
C GLY B 127 14.89 11.82 -35.37
N THR B 128 15.93 12.65 -35.43
CA THR B 128 16.54 13.04 -36.71
C THR B 128 17.96 12.52 -36.77
N LYS B 129 18.30 11.84 -37.86
CA LYS B 129 19.63 11.26 -38.04
C LYS B 129 20.46 12.19 -38.91
N VAL B 130 21.56 12.71 -38.35
CA VAL B 130 22.48 13.60 -39.05
C VAL B 130 23.72 12.81 -39.45
N GLU B 131 23.98 12.79 -40.76
CA GLU B 131 25.09 12.11 -41.41
C GLU B 131 25.78 13.06 -42.38
N ILE B 132 27.08 12.84 -42.61
CA ILE B 132 27.86 13.69 -43.50
C ILE B 132 27.67 13.26 -44.96
N LYS B 133 28.26 14.00 -45.89
CA LYS B 133 28.07 13.79 -47.32
C LYS B 133 29.40 13.81 -48.07
N ARG B 134 29.53 12.93 -49.05
CA ARG B 134 30.73 12.83 -49.88
C ARG B 134 30.32 12.82 -51.35
N THR B 135 31.32 12.92 -52.24
CA THR B 135 31.08 12.84 -53.68
C THR B 135 30.74 11.41 -54.12
N VAL B 136 30.03 11.33 -55.24
CA VAL B 136 29.56 10.05 -55.79
C VAL B 136 30.69 9.05 -56.00
N ALA B 137 30.42 7.78 -55.73
CA ALA B 137 31.35 6.67 -55.95
C ALA B 137 30.65 5.55 -56.71
N ALA B 138 31.47 4.68 -57.34
CA ALA B 138 30.99 3.54 -58.12
C ALA B 138 31.28 2.21 -57.44
N PRO B 139 30.27 1.33 -57.28
CA PRO B 139 30.47 0.08 -56.52
C PRO B 139 31.01 -1.12 -57.28
N SER B 140 32.20 -1.59 -56.89
CA SER B 140 32.74 -2.84 -57.41
C SER B 140 31.90 -4.03 -56.92
N VAL B 141 31.26 -4.74 -57.84
CA VAL B 141 30.30 -5.79 -57.49
C VAL B 141 31.01 -7.12 -57.22
N PHE B 142 30.38 -7.97 -56.40
CA PHE B 142 30.84 -9.33 -56.15
C PHE B 142 29.65 -10.28 -56.22
N ILE B 143 29.95 -11.59 -56.35
CA ILE B 143 28.92 -12.62 -56.41
C ILE B 143 29.46 -13.92 -55.80
N PHE B 144 28.72 -14.48 -54.83
CA PHE B 144 29.08 -15.74 -54.19
C PHE B 144 27.98 -16.78 -54.31
N PRO B 145 28.28 -17.95 -54.87
CA PRO B 145 27.28 -19.02 -54.96
C PRO B 145 27.22 -19.80 -53.67
N PRO B 146 26.24 -20.67 -53.48
CA PRO B 146 26.19 -21.49 -52.27
C PRO B 146 27.26 -22.57 -52.28
N SER B 147 27.71 -22.93 -51.08
CA SER B 147 28.76 -23.93 -50.92
C SER B 147 28.18 -25.33 -51.07
N ASP B 148 29.04 -26.35 -50.88
CA ASP B 148 28.57 -27.72 -50.87
C ASP B 148 27.71 -28.02 -49.65
N GLU B 149 27.95 -27.31 -48.55
CA GLU B 149 27.22 -27.57 -47.32
C GLU B 149 25.78 -27.11 -47.44
N GLN B 150 25.59 -25.89 -47.97
CA GLN B 150 24.25 -25.33 -48.15
C GLN B 150 23.35 -26.30 -48.92
N LEU B 151 23.91 -26.98 -49.92
CA LEU B 151 23.12 -27.88 -50.74
C LEU B 151 22.51 -29.01 -49.92
N LYS B 152 23.30 -29.62 -49.02
CA LYS B 152 22.84 -30.80 -48.31
C LYS B 152 21.62 -30.49 -47.43
N SER B 153 21.63 -29.34 -46.76
CA SER B 153 20.52 -29.01 -45.87
C SER B 153 19.21 -28.90 -46.62
N GLY B 154 19.23 -28.28 -47.80
CA GLY B 154 18.04 -28.22 -48.63
C GLY B 154 17.60 -26.82 -48.99
N THR B 155 18.38 -25.81 -48.60
CA THR B 155 18.02 -24.41 -48.83
C THR B 155 19.26 -23.66 -49.33
N ALA B 156 19.46 -23.66 -50.65
CA ALA B 156 20.59 -22.94 -51.22
C ALA B 156 20.39 -21.44 -51.05
N SER B 157 21.51 -20.73 -50.91
CA SER B 157 21.46 -19.28 -50.78
C SER B 157 22.62 -18.66 -51.56
N VAL B 158 22.28 -17.84 -52.53
CA VAL B 158 23.26 -17.12 -53.33
C VAL B 158 23.29 -15.67 -52.84
N VAL B 159 24.45 -15.02 -52.93
CA VAL B 159 24.57 -13.66 -52.42
C VAL B 159 25.34 -12.78 -53.40
N CYS B 160 24.95 -11.51 -53.49
CA CYS B 160 25.63 -10.51 -54.31
C CYS B 160 26.05 -9.37 -53.39
N LEU B 161 27.29 -8.88 -53.56
CA LEU B 161 27.87 -7.90 -52.65
C LEU B 161 28.27 -6.63 -53.39
N LEU B 162 27.50 -5.56 -53.23
CA LEU B 162 27.96 -4.20 -53.47
C LEU B 162 28.88 -3.72 -52.34
N ASN B 163 29.99 -3.07 -52.71
CA ASN B 163 30.92 -2.51 -51.74
C ASN B 163 31.26 -1.06 -52.07
N ASN B 164 31.47 -0.27 -51.01
CA ASN B 164 32.10 1.05 -51.10
C ASN B 164 31.37 1.99 -52.07
N PHE B 165 30.04 2.03 -51.94
CA PHE B 165 29.19 2.80 -52.83
C PHE B 165 28.51 3.91 -52.04
N TYR B 166 28.69 5.15 -52.50
CA TYR B 166 27.87 6.28 -52.09
C TYR B 166 27.17 6.86 -53.31
N PRO B 167 25.86 7.17 -53.22
CA PRO B 167 24.90 7.17 -52.11
C PRO B 167 23.99 5.94 -52.14
N ARG B 168 23.07 5.79 -51.18
CA ARG B 168 22.27 4.57 -51.09
C ARG B 168 21.13 4.52 -52.08
N GLU B 169 21.17 5.33 -53.15
CA GLU B 169 20.15 5.27 -54.19
C GLU B 169 20.62 4.28 -55.25
N ALA B 170 20.14 3.04 -55.15
CA ALA B 170 20.56 1.97 -56.02
C ALA B 170 19.53 0.85 -55.91
N LYS B 171 19.74 -0.21 -56.71
CA LYS B 171 18.85 -1.37 -56.72
C LYS B 171 19.46 -2.58 -57.42
N VAL B 172 19.37 -3.71 -56.73
CA VAL B 172 19.93 -4.98 -57.16
C VAL B 172 18.81 -5.88 -57.70
N GLN B 173 18.97 -6.37 -58.93
CA GLN B 173 18.03 -7.30 -59.54
C GLN B 173 18.73 -8.62 -59.82
N TRP B 174 18.15 -9.73 -59.38
CA TRP B 174 18.70 -11.03 -59.69
C TRP B 174 18.21 -11.50 -61.05
N LYS B 175 19.01 -12.34 -61.70
CA LYS B 175 18.71 -12.78 -63.05
C LYS B 175 18.86 -14.30 -63.11
N VAL B 176 17.78 -14.98 -63.49
CA VAL B 176 17.79 -16.43 -63.69
C VAL B 176 17.17 -16.71 -65.05
N ASP B 177 17.99 -17.17 -66.00
CA ASP B 177 17.55 -17.56 -67.34
C ASP B 177 16.72 -16.44 -67.98
N ASN B 178 17.21 -15.20 -67.83
CA ASN B 178 16.54 -14.04 -68.40
C ASN B 178 15.13 -13.86 -67.86
N ALA B 179 14.89 -14.28 -66.62
CA ALA B 179 13.60 -14.09 -65.95
C ALA B 179 13.82 -13.51 -64.57
N LEU B 180 13.10 -12.43 -64.24
CA LEU B 180 13.27 -11.76 -62.97
C LEU B 180 12.65 -12.57 -61.83
N GLN B 181 13.30 -12.49 -60.66
CA GLN B 181 12.80 -13.09 -59.43
C GLN B 181 12.35 -12.01 -58.46
N SER B 182 11.17 -12.18 -57.90
CA SER B 182 10.63 -11.24 -56.92
C SER B 182 10.07 -12.01 -55.74
N GLY B 183 10.18 -11.41 -54.56
CA GLY B 183 9.63 -11.97 -53.34
C GLY B 183 10.44 -13.05 -52.67
N ASN B 184 11.68 -13.29 -53.12
CA ASN B 184 12.51 -14.36 -52.55
C ASN B 184 13.87 -13.84 -52.07
N SER B 185 14.02 -12.54 -51.86
CA SER B 185 15.31 -11.94 -51.59
C SER B 185 15.24 -11.04 -50.37
N GLN B 186 16.42 -10.81 -49.77
CA GLN B 186 16.56 -9.86 -48.68
C GLN B 186 17.74 -8.94 -48.97
N GLU B 187 17.81 -7.83 -48.21
CA GLU B 187 18.82 -6.79 -48.43
C GLU B 187 19.34 -6.29 -47.09
N SER B 188 20.64 -6.38 -46.88
CA SER B 188 21.30 -5.92 -45.67
C SER B 188 22.27 -4.80 -46.03
N VAL B 189 21.93 -3.57 -45.64
CA VAL B 189 22.78 -2.40 -45.85
C VAL B 189 23.52 -2.10 -44.55
N THR B 190 24.82 -1.87 -44.64
CA THR B 190 25.63 -1.53 -43.48
C THR B 190 25.59 -0.03 -43.21
N GLU B 191 25.94 0.34 -41.99
CA GLU B 191 26.02 1.74 -41.61
C GLU B 191 27.27 2.40 -42.19
N GLN B 192 27.25 3.72 -42.22
CA GLN B 192 28.31 4.51 -42.86
C GLN B 192 29.67 4.17 -42.28
N ASP B 193 30.61 3.85 -43.16
CA ASP B 193 31.99 3.64 -42.73
C ASP B 193 32.54 4.95 -42.18
N SER B 194 33.18 4.87 -41.01
CA SER B 194 33.59 6.09 -40.31
C SER B 194 34.71 6.82 -41.02
N LYS B 195 35.76 6.10 -41.45
CA LYS B 195 36.92 6.76 -42.02
C LYS B 195 36.58 7.44 -43.34
N ASP B 196 35.96 6.70 -44.26
CA ASP B 196 35.40 7.26 -45.48
C ASP B 196 33.95 6.84 -45.61
N SER B 197 33.07 7.78 -45.92
CA SER B 197 31.62 7.55 -45.86
C SER B 197 31.17 6.79 -47.11
N THR B 198 31.38 5.48 -47.07
CA THR B 198 30.94 4.57 -48.13
C THR B 198 30.15 3.43 -47.51
N TYR B 199 29.08 3.01 -48.19
CA TYR B 199 28.24 1.93 -47.71
C TYR B 199 28.70 0.58 -48.26
N SER B 200 27.87 -0.45 -48.07
CA SER B 200 28.10 -1.80 -48.58
C SER B 200 26.82 -2.62 -48.48
N LEU B 201 26.22 -2.97 -49.61
CA LEU B 201 24.91 -3.63 -49.64
C LEU B 201 25.06 -5.10 -50.00
N SER B 202 24.44 -5.98 -49.22
CA SER B 202 24.43 -7.41 -49.51
C SER B 202 23.02 -7.87 -49.81
N SER B 203 22.79 -8.35 -51.02
CA SER B 203 21.50 -8.88 -51.42
C SER B 203 21.58 -10.40 -51.47
N THR B 204 20.66 -11.07 -50.81
CA THR B 204 20.74 -12.53 -50.71
C THR B 204 19.44 -13.18 -51.17
N LEU B 205 19.58 -14.26 -51.91
CA LEU B 205 18.45 -15.01 -52.45
C LEU B 205 18.47 -16.41 -51.86
N THR B 206 17.34 -16.81 -51.28
CA THR B 206 17.15 -18.11 -50.66
C THR B 206 16.21 -18.92 -51.54
N LEU B 207 16.69 -20.03 -52.08
CA LEU B 207 15.87 -20.88 -52.93
C LEU B 207 16.12 -22.35 -52.59
N SER B 208 15.04 -23.13 -52.62
CA SER B 208 15.11 -24.56 -52.35
C SER B 208 15.91 -25.27 -53.45
N LYS B 209 16.18 -26.55 -53.20
CA LYS B 209 16.90 -27.38 -54.18
C LYS B 209 16.19 -27.41 -55.52
N ALA B 210 14.85 -27.47 -55.50
CA ALA B 210 14.10 -27.47 -56.75
C ALA B 210 14.37 -26.21 -57.57
N ASP B 211 14.38 -25.05 -56.91
CA ASP B 211 14.63 -23.81 -57.63
C ASP B 211 16.10 -23.67 -58.03
N TYR B 212 16.98 -24.52 -57.51
CA TYR B 212 18.37 -24.52 -57.93
C TYR B 212 18.58 -25.40 -59.15
N GLU B 213 17.90 -26.55 -59.19
CA GLU B 213 17.92 -27.38 -60.39
C GLU B 213 17.17 -26.72 -61.57
N LYS B 214 16.75 -25.47 -61.36
CA LYS B 214 15.88 -24.79 -62.30
C LYS B 214 16.58 -24.51 -63.63
N HIS B 215 17.80 -23.95 -63.59
CA HIS B 215 18.43 -23.51 -64.84
C HIS B 215 19.95 -23.54 -64.80
N LYS B 216 20.60 -22.63 -65.54
CA LYS B 216 22.05 -22.69 -65.72
C LYS B 216 22.79 -21.37 -65.56
N VAL B 217 22.11 -20.23 -65.53
CA VAL B 217 22.77 -18.92 -65.52
C VAL B 217 22.24 -18.12 -64.34
N TYR B 218 23.08 -17.95 -63.31
CA TYR B 218 22.76 -17.16 -62.13
C TYR B 218 23.55 -15.86 -62.16
N ALA B 219 22.83 -14.71 -62.13
CA ALA B 219 23.47 -13.42 -62.29
C ALA B 219 22.92 -12.39 -61.32
N CYS B 220 23.76 -11.41 -60.98
CA CYS B 220 23.39 -10.24 -60.21
C CYS B 220 23.59 -9.02 -61.10
N GLU B 221 22.56 -8.19 -61.24
CA GLU B 221 22.63 -6.96 -62.03
C GLU B 221 22.34 -5.77 -61.14
N VAL B 222 23.24 -4.79 -61.16
CA VAL B 222 23.18 -3.67 -60.23
C VAL B 222 22.94 -2.39 -61.01
N THR B 223 21.97 -1.60 -60.55
CA THR B 223 21.73 -0.25 -61.07
C THR B 223 22.05 0.76 -59.97
N HIS B 224 22.94 1.70 -60.28
CA HIS B 224 23.32 2.77 -59.36
C HIS B 224 23.43 4.07 -60.15
N GLN B 225 23.14 5.18 -59.47
CA GLN B 225 23.08 6.47 -60.17
C GLN B 225 24.43 6.83 -60.78
N GLY B 226 25.50 6.78 -59.98
CA GLY B 226 26.80 7.18 -60.50
C GLY B 226 27.26 6.33 -61.66
N LEU B 227 27.05 5.02 -61.57
CA LEU B 227 27.45 4.10 -62.63
C LEU B 227 26.57 4.33 -63.85
N SER B 228 27.21 4.64 -64.99
CA SER B 228 26.45 4.98 -66.19
C SER B 228 25.64 3.80 -66.70
N SER B 229 26.24 2.61 -66.74
CA SER B 229 25.59 1.43 -67.29
C SER B 229 25.40 0.39 -66.20
N PRO B 230 24.18 -0.12 -66.01
CA PRO B 230 23.98 -1.21 -65.04
C PRO B 230 24.97 -2.35 -65.25
N VAL B 231 25.55 -2.84 -64.16
CA VAL B 231 26.59 -3.85 -64.25
C VAL B 231 25.97 -5.23 -64.12
N THR B 232 26.66 -6.24 -64.65
CA THR B 232 26.21 -7.62 -64.66
C THR B 232 27.33 -8.54 -64.22
N LYS B 233 27.04 -9.44 -63.28
CA LYS B 233 27.96 -10.48 -62.84
C LYS B 233 27.23 -11.81 -62.89
N SER B 234 27.69 -12.71 -63.76
CA SER B 234 27.05 -14.01 -63.94
C SER B 234 28.06 -15.13 -63.71
N PHE B 235 27.60 -16.24 -63.13
CA PHE B 235 28.46 -17.40 -63.01
C PHE B 235 27.74 -18.63 -63.53
N ASN B 236 28.39 -19.35 -64.44
CA ASN B 236 27.81 -20.54 -65.04
C ASN B 236 27.74 -21.70 -64.05
N ARG B 237 26.67 -22.49 -64.15
CA ARG B 237 26.51 -23.66 -63.30
C ARG B 237 27.49 -24.76 -63.69
N GLY B 238 28.69 -24.72 -63.11
CA GLY B 238 29.73 -25.68 -63.45
C GLY B 238 31.12 -25.21 -63.08
N THR C 64 46.37 45.05 -45.09
CA THR C 64 45.54 43.87 -45.01
C THR C 64 46.40 42.62 -44.82
N ARG C 65 47.14 42.58 -43.72
CA ARG C 65 48.05 41.49 -43.44
C ARG C 65 47.79 40.94 -42.04
N GLY C 66 48.01 39.64 -41.87
CA GLY C 66 47.96 39.03 -40.56
C GLY C 66 46.64 38.43 -40.15
N VAL C 67 45.73 38.18 -41.08
CA VAL C 67 44.47 37.51 -40.74
C VAL C 67 44.78 36.03 -40.53
N TYR C 68 44.74 35.59 -39.28
CA TYR C 68 45.01 34.19 -38.95
C TYR C 68 43.71 33.41 -38.84
N TYR C 69 43.79 32.19 -38.31
CA TYR C 69 42.61 31.35 -38.12
C TYR C 69 42.16 31.47 -36.67
N PRO C 70 41.11 32.25 -36.37
CA PRO C 70 40.68 32.44 -34.98
C PRO C 70 40.43 31.13 -34.23
N ASP C 71 39.54 30.31 -34.76
CA ASP C 71 39.09 29.07 -34.13
C ASP C 71 39.73 27.86 -34.83
N LYS C 72 39.15 26.69 -34.57
CA LYS C 72 39.60 25.44 -35.18
C LYS C 72 38.47 24.66 -35.84
N VAL C 73 37.21 24.94 -35.49
CA VAL C 73 36.04 24.35 -36.11
C VAL C 73 36.12 24.49 -37.63
N PHE C 74 36.13 23.37 -38.33
CA PHE C 74 36.29 23.39 -39.77
C PHE C 74 35.02 23.93 -40.42
N ARG C 75 35.14 25.05 -41.14
CA ARG C 75 34.03 25.67 -41.83
C ARG C 75 34.27 25.67 -43.33
N SER C 76 33.18 25.82 -44.09
CA SER C 76 33.29 25.84 -45.55
C SER C 76 32.18 26.71 -46.13
N SER C 77 32.57 27.79 -46.81
CA SER C 77 31.63 28.65 -47.54
C SER C 77 30.54 29.23 -46.65
N VAL C 78 30.90 29.55 -45.40
CA VAL C 78 29.97 30.17 -44.46
C VAL C 78 30.64 31.42 -43.89
N LEU C 79 30.21 32.59 -44.35
CA LEU C 79 30.68 33.85 -43.79
C LEU C 79 30.42 33.90 -42.28
N HIS C 80 31.48 34.09 -41.50
CA HIS C 80 31.39 34.03 -40.04
C HIS C 80 31.92 35.34 -39.47
N SER C 81 31.03 36.13 -38.87
CA SER C 81 31.43 37.34 -38.15
C SER C 81 32.05 36.98 -36.81
N THR C 82 33.22 37.54 -36.51
CA THR C 82 33.97 37.18 -35.32
C THR C 82 34.53 38.42 -34.64
N GLN C 83 34.57 38.39 -33.31
CA GLN C 83 35.10 39.47 -32.49
C GLN C 83 36.38 38.97 -31.83
N ASP C 84 37.53 39.36 -32.38
CA ASP C 84 38.84 38.86 -31.94
C ASP C 84 39.83 40.01 -32.02
N LEU C 85 41.11 39.68 -31.88
CA LEU C 85 42.19 40.65 -31.94
C LEU C 85 42.89 40.55 -33.29
N PHE C 86 42.76 41.59 -34.11
CA PHE C 86 43.33 41.49 -35.49
C PHE C 86 44.13 42.74 -35.82
N LEU C 87 44.92 42.67 -36.90
CA LEU C 87 45.70 43.86 -37.33
C LEU C 87 44.70 44.95 -37.72
N PRO C 88 44.86 46.21 -37.26
CA PRO C 88 43.99 47.29 -37.71
C PRO C 88 44.34 47.51 -39.19
N PHE C 89 43.35 47.52 -40.08
CA PHE C 89 43.66 47.63 -41.52
C PHE C 89 44.38 48.95 -41.77
N PHE C 90 45.44 48.93 -42.58
CA PHE C 90 46.24 50.17 -42.85
C PHE C 90 46.71 50.79 -41.54
N SER C 91 47.23 49.96 -40.62
CA SER C 91 47.72 50.45 -39.30
C SER C 91 49.08 51.14 -39.44
N ASN C 92 49.73 51.42 -38.30
CA ASN C 92 51.03 52.13 -38.32
C ASN C 92 52.05 51.21 -37.67
N VAL C 93 52.90 50.55 -38.48
CA VAL C 93 53.81 49.55 -37.86
C VAL C 93 55.17 50.21 -37.67
N THR C 94 55.97 49.74 -36.73
CA THR C 94 57.34 50.23 -36.58
C THR C 94 58.30 49.36 -37.38
N TRP C 95 59.37 50.00 -37.88
CA TRP C 95 60.28 49.42 -38.85
C TRP C 95 61.69 49.46 -38.28
N PHE C 96 62.43 48.36 -38.39
CA PHE C 96 63.77 48.26 -37.83
C PHE C 96 64.71 47.63 -38.85
N HIS C 97 65.96 48.09 -38.84
CA HIS C 97 66.96 47.71 -39.82
C HIS C 97 68.13 46.98 -39.17
N ALA C 98 68.84 46.21 -40.01
CA ALA C 98 70.20 45.74 -39.76
C ALA C 98 70.93 45.95 -41.09
N ILE C 99 71.51 47.15 -41.24
CA ILE C 99 72.12 47.60 -42.48
C ILE C 99 73.52 48.13 -42.17
N HIS C 100 74.54 47.50 -42.75
CA HIS C 100 75.91 47.91 -42.46
C HIS C 100 76.24 49.25 -43.10
N VAL C 101 76.18 49.32 -44.44
CA VAL C 101 76.67 50.47 -45.21
C VAL C 101 78.05 50.92 -44.74
N THR C 107 76.74 52.92 -41.15
CA THR C 107 75.79 53.32 -40.12
C THR C 107 75.66 52.24 -39.05
N LYS C 108 75.81 50.96 -39.46
CA LYS C 108 75.67 49.79 -38.54
C LYS C 108 74.18 49.63 -38.20
N ARG C 109 73.65 50.48 -37.32
CA ARG C 109 72.18 50.46 -37.05
C ARG C 109 71.73 49.03 -36.71
N PHE C 110 72.51 48.31 -35.91
CA PHE C 110 72.11 46.95 -35.44
C PHE C 110 70.98 47.11 -34.43
N ASP C 111 69.75 47.37 -34.92
CA ASP C 111 68.64 47.65 -34.03
C ASP C 111 68.20 46.41 -33.26
N ASN C 112 68.12 46.52 -31.94
CA ASN C 112 67.48 45.49 -31.13
C ASN C 112 66.89 46.09 -29.85
N PRO C 113 65.95 47.02 -29.95
CA PRO C 113 65.37 47.59 -28.72
C PRO C 113 64.48 46.57 -28.02
N VAL C 114 64.27 46.82 -26.73
CA VAL C 114 63.25 46.13 -25.97
C VAL C 114 61.92 46.82 -26.26
N LEU C 115 60.94 46.06 -26.72
CA LEU C 115 59.67 46.61 -27.13
C LEU C 115 58.55 46.14 -26.20
N PRO C 116 57.45 46.88 -26.13
CA PRO C 116 56.28 46.40 -25.39
C PRO C 116 55.65 45.20 -26.06
N PHE C 117 54.91 44.44 -25.26
CA PHE C 117 54.11 43.30 -25.71
C PHE C 117 52.71 43.54 -25.15
N ASN C 118 51.89 44.29 -25.88
CA ASN C 118 50.67 44.82 -25.26
C ASN C 118 49.59 43.76 -25.11
N ASP C 119 49.04 43.29 -26.24
CA ASP C 119 48.04 42.24 -26.24
C ASP C 119 48.37 41.16 -27.27
N GLY C 120 49.63 41.11 -27.71
CA GLY C 120 50.02 40.20 -28.76
C GLY C 120 50.68 41.01 -29.85
N VAL C 121 51.58 40.36 -30.59
CA VAL C 121 52.47 41.06 -31.51
C VAL C 121 52.37 40.42 -32.88
N TYR C 122 52.29 41.26 -33.91
CA TYR C 122 52.54 40.85 -35.29
C TYR C 122 53.98 41.19 -35.61
N PHE C 123 54.76 40.17 -35.99
CA PHE C 123 56.18 40.33 -36.27
C PHE C 123 56.42 39.89 -37.71
N ALA C 124 56.92 40.79 -38.53
CA ALA C 124 57.24 40.46 -39.90
C ALA C 124 58.74 40.62 -40.11
N SER C 125 59.30 39.77 -40.97
CA SER C 125 60.74 39.78 -41.18
C SER C 125 61.04 39.60 -42.66
N THR C 126 61.73 40.57 -43.24
CA THR C 126 62.23 40.49 -44.62
C THR C 126 63.72 40.18 -44.57
N GLU C 127 64.09 39.01 -45.08
CA GLU C 127 65.45 38.50 -44.95
C GLU C 127 65.92 37.85 -46.24
N LYS C 128 67.24 37.73 -46.32
CA LYS C 128 67.91 36.89 -47.31
C LYS C 128 69.07 36.10 -46.71
N SER C 129 69.44 36.31 -45.45
CA SER C 129 70.63 35.68 -44.88
C SER C 129 70.44 35.18 -43.45
N ASN C 130 69.20 34.97 -42.99
CA ASN C 130 68.93 34.36 -41.69
C ASN C 130 69.54 35.17 -40.54
N ILE C 131 69.34 36.48 -40.55
CA ILE C 131 69.85 37.31 -39.48
C ILE C 131 68.97 37.21 -38.24
N ILE C 132 67.66 37.35 -38.39
CA ILE C 132 66.76 37.29 -37.24
C ILE C 132 66.71 35.84 -36.75
N ARG C 133 67.13 35.63 -35.49
CA ARG C 133 67.32 34.28 -34.97
C ARG C 133 66.33 33.90 -33.89
N GLY C 134 65.74 34.86 -33.20
CA GLY C 134 64.70 34.49 -32.25
C GLY C 134 64.24 35.66 -31.43
N TRP C 135 63.68 35.35 -30.27
CA TRP C 135 63.13 36.36 -29.38
C TRP C 135 63.28 35.92 -27.94
N ILE C 136 63.20 36.90 -27.04
CA ILE C 136 63.03 36.66 -25.62
C ILE C 136 61.81 37.45 -25.16
N PHE C 137 60.94 36.80 -24.40
CA PHE C 137 59.72 37.42 -23.90
C PHE C 137 59.75 37.37 -22.38
N GLY C 138 59.29 38.43 -21.73
CA GLY C 138 59.31 38.43 -20.29
C GLY C 138 58.71 39.68 -19.71
N THR C 139 59.00 39.92 -18.43
CA THR C 139 58.64 41.17 -17.77
C THR C 139 59.86 42.01 -17.43
N THR C 140 60.78 41.47 -16.64
CA THR C 140 61.97 42.21 -16.24
C THR C 140 63.24 41.71 -16.89
N LEU C 141 63.27 40.45 -17.33
CA LEU C 141 64.41 39.87 -18.06
C LEU C 141 65.70 39.94 -17.23
N ASP C 142 65.60 39.73 -15.91
CA ASP C 142 66.79 39.89 -15.07
C ASP C 142 66.89 38.85 -13.96
N SER C 143 66.42 37.64 -14.18
CA SER C 143 66.55 36.49 -13.27
C SER C 143 65.76 36.60 -11.99
N LYS C 144 65.04 37.71 -11.75
CA LYS C 144 64.10 37.75 -10.65
C LYS C 144 62.75 37.17 -11.01
N THR C 145 62.40 37.18 -12.28
CA THR C 145 61.17 36.62 -12.81
C THR C 145 61.52 35.60 -13.89
N GLN C 146 60.51 34.96 -14.43
CA GLN C 146 60.71 33.93 -15.43
C GLN C 146 60.54 34.52 -16.83
N SER C 147 61.36 34.04 -17.76
CA SER C 147 61.40 34.52 -19.11
C SER C 147 61.39 33.34 -20.07
N LEU C 148 60.97 33.62 -21.30
CA LEU C 148 60.88 32.65 -22.37
C LEU C 148 61.90 32.97 -23.45
N LEU C 149 62.69 31.98 -23.83
CA LEU C 149 63.69 32.09 -24.88
C LEU C 149 63.26 31.21 -26.04
N ILE C 150 63.15 31.79 -27.23
CA ILE C 150 62.91 31.03 -28.45
C ILE C 150 64.04 31.37 -29.39
N VAL C 151 64.97 30.45 -29.57
CA VAL C 151 66.16 30.74 -30.36
C VAL C 151 66.36 29.67 -31.41
N ASN C 152 66.93 30.08 -32.54
CA ASN C 152 67.32 29.16 -33.60
C ASN C 152 68.84 29.30 -33.71
N ASN C 153 69.54 28.36 -33.06
CA ASN C 153 71.02 28.28 -33.15
C ASN C 153 71.33 27.48 -34.42
N ALA C 154 72.57 27.53 -34.93
CA ALA C 154 72.90 26.88 -36.22
C ALA C 154 72.32 25.46 -36.33
N THR C 155 72.08 24.76 -35.22
CA THR C 155 71.68 23.36 -35.37
C THR C 155 70.25 23.07 -34.92
N ASN C 156 69.75 23.70 -33.86
CA ASN C 156 68.47 23.30 -33.27
C ASN C 156 67.58 24.52 -33.05
N VAL C 157 66.31 24.25 -32.78
CA VAL C 157 65.36 25.23 -32.28
C VAL C 157 65.14 24.95 -30.80
N VAL C 158 65.37 25.96 -29.97
CA VAL C 158 65.40 25.79 -28.52
C VAL C 158 64.36 26.72 -27.91
N ILE C 159 63.46 26.14 -27.12
CA ILE C 159 62.42 26.88 -26.43
C ILE C 159 62.58 26.59 -24.95
N LYS C 160 62.89 27.61 -24.16
CA LYS C 160 63.15 27.41 -22.74
C LYS C 160 62.40 28.45 -21.91
N VAL C 161 61.91 28.04 -20.75
CA VAL C 161 61.27 28.94 -19.81
C VAL C 161 62.04 28.83 -18.50
N CYS C 162 62.86 29.82 -18.18
CA CYS C 162 63.73 29.75 -17.01
C CYS C 162 63.83 31.13 -16.39
N GLU C 163 64.65 31.26 -15.37
CA GLU C 163 64.98 32.56 -14.78
C GLU C 163 66.34 32.97 -15.34
N PHE C 164 66.30 33.74 -16.43
CA PHE C 164 67.51 34.10 -17.14
C PHE C 164 68.07 35.43 -16.65
N GLN C 165 69.39 35.49 -16.55
CA GLN C 165 70.09 36.77 -16.47
C GLN C 165 70.53 37.09 -17.89
N PHE C 166 69.63 37.72 -18.65
CA PHE C 166 69.94 38.04 -20.04
C PHE C 166 71.01 39.11 -20.12
N CYS C 167 71.78 39.08 -21.21
CA CYS C 167 72.73 40.14 -21.47
C CYS C 167 71.98 41.43 -21.81
N ASN C 168 72.65 42.56 -21.58
CA ASN C 168 72.08 43.84 -21.94
C ASN C 168 71.91 43.97 -23.45
N ASP C 169 72.78 43.34 -24.21
CA ASP C 169 72.77 43.38 -25.68
C ASP C 169 72.97 41.97 -26.19
N PRO C 170 71.91 41.16 -26.22
CA PRO C 170 72.07 39.77 -26.65
C PRO C 170 72.23 39.67 -28.16
N PHE C 171 73.02 38.70 -28.60
CA PHE C 171 73.18 38.49 -30.03
C PHE C 171 73.81 37.12 -30.28
N LEU C 172 73.88 36.79 -31.57
CA LEU C 172 74.50 35.57 -32.05
C LEU C 172 75.61 35.97 -33.01
N GLY C 173 76.60 35.09 -33.17
CA GLY C 173 77.74 35.42 -33.99
C GLY C 173 78.08 34.41 -35.06
N VAL C 174 78.18 34.87 -36.31
CA VAL C 174 78.64 34.06 -37.43
C VAL C 174 80.00 34.60 -37.86
N TYR C 175 80.98 33.71 -37.99
CA TYR C 175 82.32 34.08 -38.41
C TYR C 175 82.62 33.48 -39.78
N TYR C 176 83.34 34.24 -40.59
CA TYR C 176 83.69 33.87 -41.96
C TYR C 176 85.19 33.75 -42.08
N HIS C 177 85.66 32.63 -42.60
CA HIS C 177 87.08 32.39 -42.80
C HIS C 177 87.43 32.65 -44.26
N LYS C 178 88.49 33.43 -44.49
CA LYS C 178 88.93 33.73 -45.84
C LYS C 178 89.70 32.58 -46.46
N ASN C 179 90.59 31.94 -45.70
CA ASN C 179 91.47 30.93 -46.26
C ASN C 179 90.68 29.75 -46.82
N ASN C 180 89.67 29.28 -46.09
CA ASN C 180 88.69 28.35 -46.64
C ASN C 180 87.32 28.98 -46.51
N LYS C 181 86.63 29.14 -47.64
CA LYS C 181 85.36 29.86 -47.66
C LYS C 181 84.32 29.07 -46.89
N SER C 182 83.91 29.59 -45.74
CA SER C 182 82.98 28.90 -44.87
C SER C 182 82.48 29.87 -43.81
N TRP C 183 81.17 29.83 -43.55
CA TRP C 183 80.54 30.62 -42.50
C TRP C 183 80.10 29.66 -41.41
N MET C 184 80.56 29.89 -40.18
CA MET C 184 80.19 29.02 -39.07
C MET C 184 79.85 29.84 -37.85
N GLU C 185 78.96 29.31 -37.01
CA GLU C 185 78.53 30.02 -35.82
C GLU C 185 79.56 29.85 -34.71
N SER C 186 80.05 30.98 -34.19
CA SER C 186 81.07 30.99 -33.16
C SER C 186 80.56 31.46 -31.80
N GLU C 187 79.71 32.48 -31.75
CA GLU C 187 79.32 33.11 -30.50
C GLU C 187 77.85 32.87 -30.18
N PHE C 188 77.56 32.67 -28.89
CA PHE C 188 76.19 32.61 -28.37
C PHE C 188 76.21 33.42 -27.08
N ARG C 189 75.90 34.71 -27.19
CA ARG C 189 76.00 35.65 -26.06
C ARG C 189 74.62 36.21 -25.78
N VAL C 190 73.81 35.47 -25.02
CA VAL C 190 72.42 35.80 -24.77
C VAL C 190 72.15 36.00 -23.28
N TYR C 191 72.57 35.05 -22.46
CA TYR C 191 72.31 35.12 -21.02
C TYR C 191 73.55 34.66 -20.26
N SER C 192 73.62 35.12 -18.99
CA SER C 192 74.68 34.68 -18.10
C SER C 192 74.35 33.34 -17.45
N SER C 193 73.19 33.26 -16.81
CA SER C 193 72.78 32.06 -16.08
C SER C 193 71.28 31.84 -16.21
N ALA C 194 70.88 30.58 -16.22
CA ALA C 194 69.47 30.19 -16.16
C ALA C 194 69.33 29.13 -15.10
N ASN C 195 68.53 29.41 -14.05
CA ASN C 195 68.47 28.51 -12.91
C ASN C 195 67.24 27.62 -12.94
N ASN C 196 66.05 28.14 -12.62
CA ASN C 196 64.89 27.28 -12.43
C ASN C 196 64.10 27.14 -13.72
N CYS C 197 64.26 26.02 -14.41
CA CYS C 197 63.61 25.81 -15.71
C CYS C 197 62.36 24.95 -15.54
N THR C 198 61.24 25.44 -16.05
CA THR C 198 59.96 24.76 -15.97
C THR C 198 59.58 24.04 -17.25
N PHE C 199 59.84 24.65 -18.41
CA PHE C 199 59.50 24.08 -19.70
C PHE C 199 60.71 24.14 -20.61
N GLU C 200 60.92 23.08 -21.38
CA GLU C 200 62.06 22.97 -22.27
C GLU C 200 61.68 22.18 -23.51
N TYR C 201 62.22 22.59 -24.65
CA TYR C 201 62.03 21.87 -25.90
C TYR C 201 63.23 22.11 -26.80
N VAL C 202 63.73 21.04 -27.39
CA VAL C 202 64.81 21.10 -28.37
C VAL C 202 64.38 20.33 -29.60
N SER C 203 64.50 20.94 -30.78
CA SER C 203 64.07 20.32 -32.01
C SER C 203 65.17 19.40 -32.56
N GLN C 204 64.82 18.63 -33.57
CA GLN C 204 65.76 17.72 -34.19
C GLN C 204 66.85 18.48 -34.93
N PRO C 205 68.07 17.94 -34.98
CA PRO C 205 69.19 18.71 -35.53
C PRO C 205 69.07 18.92 -37.04
N PHE C 206 69.42 20.13 -37.48
CA PHE C 206 69.48 20.49 -38.89
C PHE C 206 70.74 21.31 -39.13
N LEU C 207 71.10 21.44 -40.40
CA LEU C 207 72.18 22.32 -40.83
C LEU C 207 71.58 23.50 -41.61
N MET C 208 71.87 24.72 -41.17
CA MET C 208 71.40 25.92 -41.84
C MET C 208 72.49 26.47 -42.76
N ASP C 209 72.09 27.40 -43.64
CA ASP C 209 72.99 27.87 -44.68
C ASP C 209 74.04 28.83 -44.14
N LEU C 210 73.61 29.95 -43.54
CA LEU C 210 74.46 30.93 -42.88
C LEU C 210 75.28 31.76 -43.86
N GLU C 211 75.22 31.43 -45.14
CA GLU C 211 76.02 32.15 -46.14
C GLU C 211 75.45 33.54 -46.39
N GLY C 212 76.35 34.53 -46.45
CA GLY C 212 75.93 35.89 -46.77
C GLY C 212 75.52 36.01 -48.23
N LYS C 213 74.36 36.61 -48.47
CA LYS C 213 73.83 36.82 -49.81
C LYS C 213 73.95 38.27 -50.22
N GLN C 214 73.84 38.52 -51.54
CA GLN C 214 74.06 39.84 -52.11
C GLN C 214 72.84 40.46 -52.78
N GLY C 215 71.87 39.67 -53.20
CA GLY C 215 70.69 40.19 -53.86
C GLY C 215 69.79 40.98 -52.92
N ASN C 216 68.58 41.25 -53.41
CA ASN C 216 67.55 41.85 -52.56
C ASN C 216 66.88 40.79 -51.71
N PHE C 217 66.00 41.25 -50.81
CA PHE C 217 65.32 40.37 -49.87
C PHE C 217 64.52 39.31 -50.61
N LYS C 218 64.65 38.05 -50.15
CA LYS C 218 64.03 36.93 -50.84
C LYS C 218 63.01 36.17 -50.01
N ASN C 219 62.87 36.46 -48.73
CA ASN C 219 61.99 35.67 -47.86
C ASN C 219 61.27 36.57 -46.89
N LEU C 220 59.94 36.44 -46.85
CA LEU C 220 59.11 37.10 -45.86
C LEU C 220 58.61 36.07 -44.88
N ARG C 221 58.82 36.31 -43.59
CA ARG C 221 58.36 35.40 -42.54
C ARG C 221 57.49 36.19 -41.57
N GLU C 222 56.24 35.79 -41.46
CA GLU C 222 55.23 36.47 -40.65
C GLU C 222 54.85 35.61 -39.47
N PHE C 223 54.83 36.20 -38.28
CA PHE C 223 54.47 35.53 -37.05
C PHE C 223 53.45 36.36 -36.30
N VAL C 224 52.55 35.68 -35.58
CA VAL C 224 51.64 36.32 -34.64
C VAL C 224 51.79 35.61 -33.30
N PHE C 225 52.00 36.42 -32.25
CA PHE C 225 52.25 35.94 -30.89
C PHE C 225 51.14 36.40 -29.97
N LYS C 226 50.56 35.46 -29.22
CA LYS C 226 49.49 35.75 -28.27
C LYS C 226 49.78 35.08 -26.94
N ASN C 227 49.23 35.63 -25.86
CA ASN C 227 49.43 35.10 -24.51
C ASN C 227 48.07 35.12 -23.81
N ILE C 228 47.40 33.96 -23.77
CA ILE C 228 46.04 33.88 -23.25
C ILE C 228 45.92 32.66 -22.34
N ASP C 229 45.49 32.90 -21.09
CA ASP C 229 45.17 31.84 -20.13
C ASP C 229 46.32 30.83 -19.97
N GLY C 230 47.54 31.35 -19.86
CA GLY C 230 48.69 30.51 -19.68
C GLY C 230 49.26 29.87 -20.92
N TYR C 231 48.67 30.13 -22.09
CA TYR C 231 49.16 29.58 -23.35
C TYR C 231 49.78 30.68 -24.19
N PHE C 232 50.99 30.44 -24.65
CA PHE C 232 51.67 31.29 -25.62
C PHE C 232 51.42 30.69 -26.99
N LYS C 233 50.66 31.37 -27.82
CA LYS C 233 50.21 30.85 -29.11
C LYS C 233 50.98 31.52 -30.24
N ILE C 234 51.44 30.70 -31.18
CA ILE C 234 52.23 31.18 -32.32
C ILE C 234 51.57 30.71 -33.61
N TYR C 235 51.27 31.66 -34.49
CA TYR C 235 50.87 31.44 -35.87
C TYR C 235 51.96 31.97 -36.80
N SER C 236 52.08 31.39 -38.00
CA SER C 236 53.15 31.84 -38.88
C SER C 236 52.83 31.52 -40.33
N LYS C 237 53.53 32.21 -41.23
CA LYS C 237 53.55 31.83 -42.65
C LYS C 237 54.77 32.42 -43.34
N HIS C 238 55.30 31.65 -44.30
CA HIS C 238 56.46 32.02 -45.11
C HIS C 238 56.01 32.30 -46.55
N THR C 239 56.60 33.33 -47.15
CA THR C 239 56.25 33.74 -48.50
C THR C 239 57.49 34.14 -49.28
N PRO C 240 57.60 33.71 -50.53
CA PRO C 240 58.66 34.22 -51.40
C PRO C 240 58.33 35.62 -51.91
N ILE C 241 59.33 36.50 -51.86
CA ILE C 241 59.19 37.88 -52.29
C ILE C 241 60.42 38.26 -53.08
N ASN C 242 60.32 39.38 -53.80
CA ASN C 242 61.46 39.98 -54.49
C ASN C 242 61.30 41.49 -54.38
N LEU C 243 61.87 42.06 -53.33
CA LEU C 243 61.77 43.50 -53.09
C LEU C 243 63.00 43.94 -52.32
N VAL C 244 63.10 45.27 -52.12
CA VAL C 244 64.23 45.85 -51.42
C VAL C 244 63.84 46.50 -50.10
N ARG C 245 62.65 47.11 -49.99
CA ARG C 245 62.36 47.84 -48.73
C ARG C 245 60.86 47.91 -48.42
N ASP C 246 60.50 48.17 -47.16
CA ASP C 246 59.09 48.35 -46.73
C ASP C 246 58.38 47.00 -46.54
N LEU C 247 57.15 47.03 -46.02
CA LEU C 247 56.35 45.78 -45.88
C LEU C 247 55.51 45.66 -47.15
N PRO C 248 55.49 44.53 -47.88
CA PRO C 248 54.78 44.46 -49.15
C PRO C 248 53.25 44.40 -49.08
N GLN C 249 52.59 44.59 -50.24
CA GLN C 249 51.15 44.47 -50.31
C GLN C 249 50.75 43.00 -50.33
N GLY C 250 49.45 42.74 -50.33
CA GLY C 250 48.94 41.39 -50.54
C GLY C 250 48.21 40.85 -49.31
N PHE C 251 47.76 39.61 -49.46
CA PHE C 251 47.00 38.93 -48.43
C PHE C 251 47.50 37.49 -48.32
N SER C 252 47.66 37.03 -47.08
CA SER C 252 48.02 35.63 -46.83
C SER C 252 47.72 35.32 -45.37
N ALA C 253 46.87 34.34 -45.11
CA ALA C 253 46.50 33.99 -43.75
C ALA C 253 47.56 33.10 -43.12
N LEU C 254 47.85 33.36 -41.85
CA LEU C 254 48.80 32.57 -41.10
C LEU C 254 48.10 31.36 -40.50
N GLU C 255 48.84 30.27 -40.38
CA GLU C 255 48.28 29.03 -39.87
C GLU C 255 48.83 28.72 -38.49
N PRO C 256 48.07 28.00 -37.65
CA PRO C 256 48.56 27.69 -36.30
C PRO C 256 49.86 26.91 -36.34
N LEU C 257 50.81 27.35 -35.53
CA LEU C 257 52.11 26.70 -35.49
C LEU C 257 52.34 25.95 -34.20
N VAL C 258 52.21 26.61 -33.04
CA VAL C 258 52.44 25.92 -31.77
C VAL C 258 51.71 26.65 -30.66
N ASP C 259 51.52 25.96 -29.55
CA ASP C 259 50.74 26.47 -28.42
C ASP C 259 51.41 25.98 -27.14
N LEU C 260 52.22 26.84 -26.54
CA LEU C 260 53.10 26.46 -25.45
C LEU C 260 52.46 26.76 -24.11
N PRO C 261 52.36 25.78 -23.21
CA PRO C 261 51.84 26.04 -21.85
C PRO C 261 52.92 26.52 -20.89
N ILE C 262 53.26 27.80 -20.95
CA ILE C 262 54.37 28.34 -20.20
C ILE C 262 53.92 28.91 -18.85
N GLY C 263 52.77 29.57 -18.80
CA GLY C 263 52.24 30.14 -17.57
C GLY C 263 53.03 31.27 -16.94
N ILE C 264 53.48 32.25 -17.74
CA ILE C 264 54.22 33.39 -17.24
C ILE C 264 53.56 34.68 -17.72
N ASN C 265 54.01 35.79 -17.13
CA ASN C 265 53.45 37.13 -17.37
C ASN C 265 54.37 37.91 -18.30
N ILE C 266 54.14 37.77 -19.60
CA ILE C 266 54.91 38.52 -20.59
C ILE C 266 54.39 39.96 -20.68
N THR C 267 55.32 40.92 -20.66
CA THR C 267 54.97 42.32 -20.85
C THR C 267 55.85 42.99 -21.90
N ARG C 268 57.07 42.50 -22.08
CA ARG C 268 58.02 43.07 -23.02
C ARG C 268 58.71 41.96 -23.80
N PHE C 269 59.35 42.32 -24.89
CA PHE C 269 60.07 41.33 -25.68
C PHE C 269 61.23 41.99 -26.41
N GLN C 270 62.17 41.16 -26.87
CA GLN C 270 63.37 41.66 -27.52
C GLN C 270 63.83 40.67 -28.57
N THR C 271 64.15 41.19 -29.75
CA THR C 271 64.56 40.40 -30.90
C THR C 271 66.04 40.01 -30.81
N LEU C 272 66.33 38.78 -31.22
CA LEU C 272 67.66 38.20 -31.22
C LEU C 272 68.16 38.06 -32.65
N LEU C 273 69.24 38.78 -32.97
CA LEU C 273 69.86 38.88 -34.28
C LEU C 273 71.23 38.20 -34.27
N ALA C 274 71.87 38.16 -35.42
CA ALA C 274 73.17 37.52 -35.60
C ALA C 274 74.15 38.50 -36.22
N LEU C 275 75.44 38.23 -36.01
CA LEU C 275 76.51 39.11 -36.46
C LEU C 275 77.38 38.38 -37.47
N HIS C 276 78.10 39.17 -38.27
CA HIS C 276 79.10 38.67 -39.20
C HIS C 276 80.45 39.24 -38.80
N ARG C 277 81.46 38.38 -38.73
CA ARG C 277 82.83 38.79 -38.48
C ARG C 277 83.74 38.12 -39.50
N SER C 278 84.76 38.84 -39.94
CA SER C 278 85.71 38.33 -40.92
C SER C 278 87.06 38.99 -40.68
N TYR C 279 87.94 38.91 -41.67
CA TYR C 279 89.18 39.67 -41.66
C TYR C 279 88.99 41.13 -42.06
N LEU C 280 87.84 41.47 -42.61
CA LEU C 280 87.50 42.85 -42.97
C LEU C 280 86.79 43.57 -41.84
N THR C 281 86.67 42.95 -40.67
CA THR C 281 85.99 43.51 -39.51
C THR C 281 87.00 43.67 -38.38
N PRO C 282 87.89 44.67 -38.47
CA PRO C 282 89.01 44.75 -37.51
C PRO C 282 88.65 45.49 -36.24
N GLY C 283 89.04 44.93 -35.11
CA GLY C 283 88.81 45.57 -33.82
C GLY C 283 88.79 44.53 -32.72
N ASP C 284 88.28 44.96 -31.57
CA ASP C 284 88.09 44.08 -30.43
C ASP C 284 86.72 43.42 -30.54
N SER C 285 86.28 42.75 -29.48
CA SER C 285 84.98 42.09 -29.50
C SER C 285 83.84 43.08 -29.69
N SER C 286 83.96 44.25 -29.08
CA SER C 286 82.86 45.22 -29.05
C SER C 286 82.84 46.14 -30.26
N SER C 287 83.84 46.07 -31.15
CA SER C 287 83.89 46.95 -32.31
C SER C 287 84.19 46.24 -33.63
N GLY C 288 84.77 45.05 -33.60
CA GLY C 288 85.10 44.35 -34.84
C GLY C 288 83.99 43.48 -35.36
N TRP C 289 82.94 44.09 -35.90
CA TRP C 289 81.76 43.35 -36.32
C TRP C 289 81.02 44.12 -37.40
N THR C 290 80.57 43.42 -38.43
CA THR C 290 79.67 43.98 -39.43
C THR C 290 78.27 43.41 -39.19
N ALA C 291 77.32 43.80 -40.03
CA ALA C 291 75.91 43.61 -39.71
C ALA C 291 75.20 42.60 -40.59
N GLY C 292 75.18 42.80 -41.91
CA GLY C 292 74.36 41.98 -42.77
C GLY C 292 72.94 42.49 -42.83
N ALA C 293 72.43 42.75 -44.03
CA ALA C 293 71.15 43.43 -44.18
C ALA C 293 69.98 42.53 -43.76
N ALA C 294 68.99 43.14 -43.10
CA ALA C 294 67.75 42.48 -42.71
C ALA C 294 66.79 43.55 -42.22
N ALA C 295 65.49 43.25 -42.26
CA ALA C 295 64.54 44.23 -41.73
C ALA C 295 63.38 43.53 -41.03
N TYR C 296 62.84 44.18 -40.02
CA TYR C 296 61.68 43.59 -39.36
C TYR C 296 60.72 44.67 -38.89
N TYR C 297 59.45 44.28 -38.79
CA TYR C 297 58.34 45.18 -38.58
C TYR C 297 57.50 44.66 -37.42
N VAL C 298 57.06 45.57 -36.55
CA VAL C 298 56.31 45.14 -35.34
C VAL C 298 54.92 45.79 -35.32
N GLY C 299 53.87 44.98 -35.23
CA GLY C 299 52.49 45.50 -35.15
C GLY C 299 51.79 44.92 -33.93
N TYR C 300 50.76 45.60 -33.41
CA TYR C 300 50.11 45.11 -32.17
C TYR C 300 48.71 44.56 -32.44
N LEU C 301 48.10 43.93 -31.43
CA LEU C 301 46.77 43.30 -31.61
C LEU C 301 45.68 44.05 -30.83
N GLN C 302 44.86 44.84 -31.52
CA GLN C 302 43.74 45.52 -30.89
C GLN C 302 42.46 44.71 -31.07
N PRO C 303 41.52 44.83 -30.14
CA PRO C 303 40.21 44.18 -30.32
C PRO C 303 39.38 44.92 -31.37
N ARG C 304 38.78 44.16 -32.28
CA ARG C 304 37.93 44.65 -33.36
C ARG C 304 37.18 43.46 -33.92
N THR C 305 36.15 43.74 -34.69
CA THR C 305 35.33 42.70 -35.31
C THR C 305 35.64 42.63 -36.80
N PHE C 306 35.61 41.41 -37.34
CA PHE C 306 35.96 41.15 -38.74
C PHE C 306 34.93 40.23 -39.35
N LEU C 307 34.79 40.31 -40.66
CA LEU C 307 34.05 39.33 -41.44
C LEU C 307 35.05 38.50 -42.23
N LEU C 308 34.96 37.18 -42.11
CA LEU C 308 35.91 36.29 -42.76
C LEU C 308 35.21 35.50 -43.84
N LYS C 309 35.92 35.24 -44.96
CA LYS C 309 35.37 34.41 -46.07
C LYS C 309 36.07 33.06 -46.07
N TYR C 310 35.33 31.94 -46.02
CA TYR C 310 35.99 30.61 -45.88
C TYR C 310 36.14 29.79 -47.17
N ASN C 311 35.49 30.18 -48.29
CA ASN C 311 35.59 29.45 -49.60
C ASN C 311 35.18 27.97 -49.48
N GLU C 312 35.30 27.17 -50.56
CA GLU C 312 34.82 25.77 -50.47
C GLU C 312 35.89 24.82 -49.90
N ASN C 313 37.15 25.24 -49.85
CA ASN C 313 38.22 24.39 -49.37
C ASN C 313 38.60 24.66 -47.93
N GLY C 314 38.04 25.69 -47.31
CA GLY C 314 38.29 25.99 -45.93
C GLY C 314 39.37 27.00 -45.65
N THR C 315 39.80 27.76 -46.65
CA THR C 315 40.85 28.76 -46.47
C THR C 315 40.24 30.14 -46.40
N ILE C 316 40.82 30.99 -45.56
CA ILE C 316 40.41 32.39 -45.50
C ILE C 316 41.01 33.10 -46.70
N THR C 317 40.15 33.56 -47.61
CA THR C 317 40.61 34.24 -48.82
C THR C 317 40.34 35.74 -48.82
N ASP C 318 39.48 36.23 -47.93
CA ASP C 318 39.19 37.66 -47.90
C ASP C 318 38.66 38.03 -46.52
N ALA C 319 38.73 39.32 -46.22
CA ALA C 319 38.29 39.82 -44.93
C ALA C 319 37.81 41.25 -45.07
N VAL C 320 36.93 41.65 -44.15
CA VAL C 320 36.45 43.02 -44.02
C VAL C 320 36.71 43.48 -42.61
N ASP C 321 37.38 44.63 -42.48
CA ASP C 321 37.56 45.30 -41.20
C ASP C 321 36.33 46.13 -40.91
N CYS C 322 35.54 45.70 -39.94
CA CYS C 322 34.20 46.24 -39.74
C CYS C 322 34.20 47.65 -39.16
N ALA C 323 35.35 48.18 -38.73
CA ALA C 323 35.41 49.50 -38.12
C ALA C 323 36.36 50.44 -38.86
N LEU C 324 36.76 50.08 -40.08
CA LEU C 324 37.59 50.96 -40.89
C LEU C 324 36.78 52.16 -41.39
N ASP C 325 35.67 51.90 -42.06
CA ASP C 325 34.89 52.89 -42.79
C ASP C 325 33.42 52.64 -42.52
N PRO C 326 32.56 53.65 -42.72
CA PRO C 326 31.12 53.38 -42.75
C PRO C 326 30.73 52.38 -43.84
N LEU C 327 31.39 52.43 -44.99
CA LEU C 327 31.15 51.44 -46.04
C LEU C 327 31.44 50.03 -45.55
N SER C 328 32.59 49.85 -44.89
CA SER C 328 32.91 48.57 -44.30
C SER C 328 31.88 48.17 -43.24
N GLU C 329 31.32 49.14 -42.54
CA GLU C 329 30.31 48.81 -41.54
C GLU C 329 29.03 48.29 -42.19
N THR C 330 28.64 48.90 -43.32
CA THR C 330 27.45 48.41 -44.06
C THR C 330 27.76 47.00 -44.58
N LYS C 331 28.97 46.79 -45.11
CA LYS C 331 29.36 45.44 -45.54
C LYS C 331 29.22 44.45 -44.39
N CYS C 332 29.67 44.84 -43.21
CA CYS C 332 29.62 43.98 -42.03
C CYS C 332 28.19 43.68 -41.63
N THR C 333 27.31 44.69 -41.72
CA THR C 333 25.92 44.49 -41.34
C THR C 333 25.17 43.62 -42.33
N LEU C 334 25.32 43.90 -43.63
CA LEU C 334 24.67 43.07 -44.63
C LEU C 334 25.27 41.68 -44.71
N LYS C 335 26.41 41.46 -44.07
CA LYS C 335 27.16 40.20 -44.13
C LYS C 335 27.41 39.79 -45.58
N SER C 336 27.95 40.73 -46.34
CA SER C 336 28.33 40.46 -47.72
C SER C 336 29.48 41.37 -48.10
N PHE C 337 30.19 40.98 -49.14
CA PHE C 337 31.26 41.81 -49.68
C PHE C 337 30.77 42.74 -50.78
N THR C 338 29.51 42.65 -51.16
CA THR C 338 28.92 43.46 -52.21
C THR C 338 27.78 44.28 -51.63
N VAL C 339 27.77 45.57 -51.95
CA VAL C 339 26.73 46.49 -51.49
C VAL C 339 26.04 47.05 -52.72
N GLU C 340 24.71 47.01 -52.73
CA GLU C 340 23.96 47.60 -53.82
C GLU C 340 23.78 49.10 -53.60
N LYS C 341 23.38 49.78 -54.68
CA LYS C 341 23.11 51.23 -54.61
C LYS C 341 21.88 51.46 -53.74
N GLY C 342 21.99 52.29 -52.71
CA GLY C 342 20.83 52.61 -51.86
C GLY C 342 21.23 53.42 -50.65
N ILE C 343 20.46 53.29 -49.55
CA ILE C 343 20.75 54.04 -48.30
C ILE C 343 20.88 53.02 -47.17
N TYR C 344 22.04 52.95 -46.51
CA TYR C 344 22.22 51.90 -45.47
C TYR C 344 22.49 52.56 -44.12
N GLN C 345 21.77 52.17 -43.05
CA GLN C 345 21.91 52.87 -41.75
C GLN C 345 23.06 52.31 -40.91
N THR C 346 24.27 52.85 -41.06
CA THR C 346 25.41 52.28 -40.31
C THR C 346 25.21 52.56 -38.82
N SER C 347 25.74 53.67 -38.32
CA SER C 347 25.52 54.09 -36.90
C SER C 347 26.14 55.48 -36.77
N ASN C 348 26.00 56.15 -35.63
CA ASN C 348 26.75 57.42 -35.42
C ASN C 348 28.21 57.00 -35.20
N PHE C 349 29.10 57.91 -34.77
CA PHE C 349 30.53 57.50 -34.64
C PHE C 349 30.50 56.25 -33.75
N ARG C 350 31.01 55.13 -34.27
CA ARG C 350 30.92 53.84 -33.52
C ARG C 350 32.32 53.38 -33.08
N VAL C 351 32.51 53.16 -31.77
CA VAL C 351 33.81 52.63 -31.25
C VAL C 351 33.58 51.18 -30.82
N GLN C 352 34.32 50.23 -31.41
CA GLN C 352 34.19 48.81 -30.99
C GLN C 352 34.48 48.70 -29.49
N PRO C 353 33.70 47.92 -28.70
CA PRO C 353 33.90 47.85 -27.25
C PRO C 353 35.26 47.20 -26.99
N THR C 354 36.09 47.82 -26.14
CA THR C 354 37.44 47.30 -25.88
C THR C 354 37.45 46.42 -24.63
N GLU C 355 36.45 46.56 -23.76
CA GLU C 355 36.48 45.82 -22.47
C GLU C 355 35.11 45.23 -22.11
N SER C 356 35.03 44.53 -20.97
CA SER C 356 33.79 43.97 -20.46
C SER C 356 33.88 43.82 -18.96
N ILE C 357 32.89 44.37 -18.24
CA ILE C 357 32.88 44.37 -16.78
C ILE C 357 31.55 43.82 -16.29
N VAL C 358 31.58 43.17 -15.14
CA VAL C 358 30.40 42.58 -14.52
C VAL C 358 30.35 42.98 -13.06
N ARG C 359 29.15 43.28 -12.56
CA ARG C 359 28.95 43.73 -11.19
C ARG C 359 27.68 43.12 -10.62
N PHE C 360 27.84 42.25 -9.63
CA PHE C 360 26.75 41.64 -8.88
C PHE C 360 26.87 42.08 -7.42
N PRO C 361 25.83 41.90 -6.61
CA PRO C 361 25.89 42.38 -5.23
C PRO C 361 27.06 41.76 -4.47
N ASN C 362 27.63 42.54 -3.55
CA ASN C 362 28.76 42.11 -2.75
C ASN C 362 28.47 40.78 -2.08
N ILE C 363 29.53 39.98 -1.87
CA ILE C 363 29.32 38.68 -1.26
C ILE C 363 29.31 38.86 0.26
N THR C 364 28.21 39.40 0.75
CA THR C 364 27.86 39.54 2.17
C THR C 364 26.34 39.54 2.23
N ASN C 365 25.79 40.09 3.31
CA ASN C 365 24.37 40.46 3.39
C ASN C 365 23.47 39.37 2.81
N LEU C 366 23.59 38.17 3.38
CA LEU C 366 22.81 37.06 2.86
C LEU C 366 21.34 37.23 3.22
N CYS C 367 20.49 36.48 2.52
CA CYS C 367 19.08 36.47 2.86
C CYS C 367 18.87 35.89 4.25
N PRO C 368 17.97 36.46 5.04
CA PRO C 368 17.63 35.84 6.32
C PRO C 368 16.85 34.55 6.15
N PHE C 369 17.53 33.50 5.66
CA PHE C 369 16.93 32.19 5.68
C PHE C 369 16.79 31.67 7.10
N GLY C 370 17.65 32.13 8.01
CA GLY C 370 17.54 31.73 9.41
C GLY C 370 16.25 32.21 10.05
N GLU C 371 15.89 33.46 9.82
CA GLU C 371 14.70 34.04 10.44
C GLU C 371 13.41 33.46 9.87
N VAL C 372 13.48 32.59 8.88
CA VAL C 372 12.34 31.88 8.35
C VAL C 372 12.36 30.41 8.73
N PHE C 373 13.55 29.78 8.65
CA PHE C 373 13.66 28.36 8.96
C PHE C 373 13.83 28.12 10.45
N ASN C 374 14.75 28.85 11.08
CA ASN C 374 15.04 28.68 12.51
C ASN C 374 14.37 29.83 13.25
N ALA C 375 13.12 29.61 13.65
CA ALA C 375 12.36 30.60 14.40
C ALA C 375 11.77 29.95 15.64
N THR C 376 11.37 30.78 16.59
CA THR C 376 10.80 30.27 17.84
C THR C 376 9.41 29.70 17.63
N ARG C 377 8.54 30.44 16.94
CA ARG C 377 7.16 30.03 16.75
C ARG C 377 6.71 30.28 15.32
N PHE C 378 6.15 29.27 14.69
CA PHE C 378 5.47 29.44 13.40
C PHE C 378 3.98 29.68 13.64
N ALA C 379 3.37 30.45 12.74
CA ALA C 379 1.97 30.76 12.88
C ALA C 379 1.11 29.56 12.54
N SER C 380 -0.18 29.67 12.86
CA SER C 380 -1.14 28.62 12.52
C SER C 380 -1.48 28.70 11.04
N VAL C 381 -2.07 27.61 10.53
CA VAL C 381 -2.29 27.52 9.09
C VAL C 381 -3.39 28.45 8.63
N TYR C 382 -4.34 28.80 9.51
CA TYR C 382 -5.43 29.69 9.09
C TYR C 382 -4.91 31.08 8.79
N ALA C 383 -3.93 31.57 9.57
CA ALA C 383 -3.25 32.84 9.31
C ALA C 383 -1.75 32.58 9.26
N TRP C 384 -1.27 32.11 8.12
CA TRP C 384 0.15 31.83 7.92
C TRP C 384 0.95 33.14 7.91
N ASN C 385 2.27 33.00 8.05
CA ASN C 385 3.16 34.16 8.03
C ASN C 385 3.82 34.28 6.66
N ARG C 386 3.71 35.46 6.05
CA ARG C 386 4.32 35.73 4.75
C ARG C 386 5.46 36.74 4.90
N LYS C 387 6.59 36.45 4.25
CA LYS C 387 7.76 37.32 4.32
C LYS C 387 8.36 37.52 2.94
N ARG C 388 8.86 38.73 2.67
CA ARG C 388 9.47 39.07 1.39
C ARG C 388 10.95 39.38 1.60
N ILE C 389 11.82 38.57 1.03
CA ILE C 389 13.27 38.73 1.11
C ILE C 389 13.80 39.26 -0.21
N SER C 390 14.58 40.34 -0.14
CA SER C 390 15.06 40.99 -1.36
C SER C 390 16.32 41.80 -1.07
N ASN C 391 17.08 42.06 -2.14
CA ASN C 391 18.41 42.69 -2.08
C ASN C 391 19.42 41.85 -1.30
N CYS C 392 19.44 40.55 -1.58
CA CYS C 392 20.39 39.64 -0.97
C CYS C 392 21.03 38.77 -2.04
N VAL C 393 22.19 38.20 -1.69
CA VAL C 393 22.75 37.07 -2.44
C VAL C 393 22.27 35.81 -1.71
N ALA C 394 21.15 35.26 -2.17
CA ALA C 394 20.69 33.96 -1.70
C ALA C 394 21.63 32.86 -2.19
N ASP C 395 22.21 32.13 -1.25
CA ASP C 395 22.77 30.81 -1.54
C ASP C 395 21.75 29.76 -1.14
N TYR C 396 21.59 28.75 -2.00
CA TYR C 396 20.60 27.71 -1.78
C TYR C 396 21.24 26.45 -1.22
N SER C 397 21.91 26.60 -0.09
CA SER C 397 22.49 25.47 0.63
C SER C 397 21.48 24.74 1.50
N VAL C 398 20.23 25.23 1.54
CA VAL C 398 19.21 24.60 2.38
C VAL C 398 18.88 23.20 1.87
N LEU C 399 19.04 22.96 0.56
CA LEU C 399 18.59 21.70 -0.03
C LEU C 399 19.29 20.50 0.61
N TYR C 400 20.59 20.62 0.88
CA TYR C 400 21.27 19.58 1.65
C TYR C 400 20.54 19.40 2.99
N ASN C 401 20.37 18.15 3.40
CA ASN C 401 19.63 17.87 4.64
C ASN C 401 20.59 18.10 5.83
N SER C 402 20.99 19.36 5.97
CA SER C 402 21.80 19.77 7.11
C SER C 402 21.06 19.53 8.42
N ALA C 403 19.78 19.85 8.46
CA ALA C 403 18.87 19.36 9.49
C ALA C 403 17.90 18.35 8.86
N SER C 404 16.95 17.90 9.66
CA SER C 404 15.93 17.00 9.14
C SER C 404 15.14 17.71 8.04
N PHE C 405 14.97 17.02 6.92
CA PHE C 405 14.20 17.55 5.78
C PHE C 405 13.43 16.39 5.18
N SER C 406 12.17 16.25 5.57
CA SER C 406 11.36 15.13 5.08
C SER C 406 11.08 15.24 3.59
N THR C 407 10.77 16.44 3.10
CA THR C 407 10.31 16.61 1.74
C THR C 407 11.03 17.78 1.07
N PHE C 408 11.11 17.73 -0.25
CA PHE C 408 11.65 18.82 -1.06
C PHE C 408 11.14 18.59 -2.48
N LYS C 409 10.09 19.33 -2.86
CA LYS C 409 9.42 19.04 -4.13
C LYS C 409 9.89 19.92 -5.27
N CYS C 410 9.77 21.25 -5.14
CA CYS C 410 10.25 22.20 -6.14
C CYS C 410 9.62 21.95 -7.52
N TYR C 411 8.31 22.21 -7.57
CA TYR C 411 7.60 22.23 -8.84
C TYR C 411 8.06 23.41 -9.70
N GLY C 412 8.30 23.13 -10.98
CA GLY C 412 8.43 24.17 -11.99
C GLY C 412 9.82 24.72 -12.21
N VAL C 413 10.72 24.62 -11.24
CA VAL C 413 12.05 25.20 -11.37
C VAL C 413 13.04 24.29 -10.64
N SER C 414 14.17 24.05 -11.28
CA SER C 414 15.18 23.16 -10.71
C SER C 414 15.98 23.91 -9.65
N PRO C 415 16.01 23.44 -8.40
CA PRO C 415 16.85 24.11 -7.40
C PRO C 415 18.34 24.00 -7.69
N THR C 416 18.80 22.90 -8.27
CA THR C 416 20.22 22.74 -8.56
C THR C 416 20.74 23.88 -9.44
N LYS C 417 20.10 24.11 -10.58
CA LYS C 417 20.53 25.13 -11.52
C LYS C 417 19.92 26.49 -11.21
N LEU C 418 19.13 26.59 -10.13
CA LEU C 418 18.49 27.84 -9.76
C LEU C 418 19.50 28.92 -9.41
N ASN C 419 20.69 28.53 -8.93
CA ASN C 419 21.66 29.48 -8.43
C ASN C 419 22.08 30.48 -9.50
N ASP C 420 22.31 30.01 -10.73
CA ASP C 420 22.84 30.87 -11.79
C ASP C 420 21.89 31.97 -12.24
N LEU C 421 20.62 31.94 -11.83
CA LEU C 421 19.64 32.91 -12.31
C LEU C 421 19.40 34.00 -11.27
N CYS C 422 18.87 35.11 -11.76
CA CYS C 422 18.60 36.31 -10.96
C CYS C 422 17.09 36.52 -10.89
N PHE C 423 16.51 36.39 -9.69
CA PHE C 423 15.08 36.42 -9.48
C PHE C 423 14.64 37.67 -8.74
N THR C 424 13.34 37.82 -8.59
CA THR C 424 12.71 38.99 -7.97
C THR C 424 11.86 38.55 -6.78
N ASN C 425 12.22 39.05 -5.59
CA ASN C 425 11.39 38.96 -4.38
C ASN C 425 10.75 37.60 -4.12
N VAL C 426 11.58 36.59 -3.83
CA VAL C 426 11.09 35.24 -3.56
C VAL C 426 10.37 35.27 -2.20
N TYR C 427 9.04 35.17 -2.23
CA TYR C 427 8.25 35.16 -1.01
C TYR C 427 8.37 33.83 -0.26
N ALA C 428 8.37 33.89 1.06
CA ALA C 428 8.38 32.70 1.91
C ALA C 428 7.14 32.67 2.78
N ASP C 429 6.40 31.55 2.75
CA ASP C 429 5.19 31.39 3.55
C ASP C 429 5.39 30.28 4.56
N SER C 430 5.12 30.55 5.83
CA SER C 430 5.41 29.61 6.91
C SER C 430 4.16 29.31 7.73
N PHE C 431 3.94 28.01 8.01
CA PHE C 431 2.82 27.58 8.84
C PHE C 431 3.12 26.19 9.43
N VAL C 432 2.22 25.73 10.30
CA VAL C 432 2.31 24.42 10.94
C VAL C 432 1.06 23.62 10.61
N ILE C 433 1.24 22.40 10.10
CA ILE C 433 0.12 21.55 9.71
C ILE C 433 0.34 20.15 10.26
N ARG C 434 -0.73 19.34 10.18
CA ARG C 434 -0.71 17.99 10.71
C ARG C 434 -0.04 17.03 9.73
N GLY C 435 0.34 15.86 10.23
CA GLY C 435 1.23 15.00 9.46
C GLY C 435 0.63 14.48 8.16
N ASP C 436 -0.63 14.05 8.19
CA ASP C 436 -1.26 13.52 6.99
C ASP C 436 -1.38 14.59 5.90
N GLU C 437 -1.73 15.81 6.26
CA GLU C 437 -2.17 16.81 5.30
C GLU C 437 -1.02 17.49 4.56
N VAL C 438 0.22 17.06 4.78
CA VAL C 438 1.35 17.69 4.10
C VAL C 438 1.22 17.52 2.60
N ARG C 439 0.63 16.39 2.17
CA ARG C 439 0.43 16.16 0.74
C ARG C 439 -0.46 17.25 0.15
N GLN C 440 -1.49 17.68 0.87
CA GLN C 440 -2.45 18.64 0.33
C GLN C 440 -1.82 19.97 -0.07
N ILE C 441 -0.56 20.22 0.27
CA ILE C 441 0.12 21.45 -0.16
C ILE C 441 0.78 21.12 -1.49
N ALA C 442 -0.03 21.07 -2.53
CA ALA C 442 0.43 20.84 -3.90
C ALA C 442 -0.54 21.50 -4.85
N PRO C 443 -0.11 21.85 -6.06
CA PRO C 443 -1.04 22.38 -7.06
C PRO C 443 -2.04 21.32 -7.50
N GLY C 444 -3.33 21.60 -7.29
CA GLY C 444 -4.37 20.68 -7.68
C GLY C 444 -4.77 19.66 -6.63
N GLN C 445 -4.83 20.08 -5.37
CA GLN C 445 -5.30 19.22 -4.29
C GLN C 445 -6.66 19.69 -3.81
N THR C 446 -7.45 18.74 -3.31
CA THR C 446 -8.83 18.99 -2.87
C THR C 446 -8.99 18.43 -1.46
N GLY C 447 -8.93 19.30 -0.46
CA GLY C 447 -9.11 18.93 0.93
C GLY C 447 -9.39 20.16 1.75
N LYS C 448 -9.64 19.93 3.05
CA LYS C 448 -9.97 21.03 3.94
C LYS C 448 -8.87 22.08 3.97
N ILE C 449 -7.62 21.64 3.99
CA ILE C 449 -6.49 22.58 3.93
C ILE C 449 -6.52 23.36 2.62
N ALA C 450 -6.62 22.66 1.50
CA ALA C 450 -6.49 23.29 0.19
C ALA C 450 -7.83 23.75 -0.36
N ASP C 451 -8.81 24.00 0.49
CA ASP C 451 -10.08 24.58 0.11
C ASP C 451 -10.44 25.80 0.94
N TYR C 452 -10.10 25.80 2.22
CA TYR C 452 -10.46 26.89 3.12
C TYR C 452 -9.30 27.51 3.85
N ASN C 453 -8.09 26.94 3.78
CA ASN C 453 -6.97 27.44 4.56
C ASN C 453 -5.86 28.01 3.69
N TYR C 454 -5.29 27.22 2.79
CA TYR C 454 -4.19 27.69 1.96
C TYR C 454 -4.29 27.03 0.60
N LYS C 455 -4.51 27.83 -0.45
CA LYS C 455 -4.74 27.31 -1.79
C LYS C 455 -3.64 27.79 -2.72
N LEU C 456 -2.99 26.85 -3.41
CA LEU C 456 -1.90 27.01 -4.36
C LEU C 456 -2.44 27.20 -5.78
N PRO C 457 -1.84 28.10 -6.55
CA PRO C 457 -2.28 28.29 -7.93
C PRO C 457 -2.01 27.05 -8.78
N ASP C 458 -2.79 26.91 -9.85
CA ASP C 458 -2.65 25.73 -10.71
C ASP C 458 -1.25 25.63 -11.29
N ASP C 459 -0.73 26.74 -11.82
CA ASP C 459 0.66 26.82 -12.24
C ASP C 459 1.50 27.33 -11.08
N PHE C 460 2.44 26.51 -10.61
CA PHE C 460 3.25 26.84 -9.46
C PHE C 460 4.73 26.76 -9.84
N THR C 461 5.50 27.76 -9.43
CA THR C 461 6.93 27.84 -9.71
C THR C 461 7.72 28.02 -8.42
N GLY C 462 7.57 27.09 -7.49
CA GLY C 462 8.16 27.25 -6.17
C GLY C 462 8.76 26.00 -5.57
N CYS C 463 8.72 25.88 -4.24
CA CYS C 463 9.41 24.78 -3.55
C CYS C 463 8.75 24.57 -2.20
N VAL C 464 8.17 23.40 -1.98
CA VAL C 464 7.50 23.06 -0.74
C VAL C 464 8.48 22.33 0.18
N ILE C 465 8.67 22.86 1.39
CA ILE C 465 9.61 22.29 2.36
C ILE C 465 8.83 21.93 3.61
N ALA C 466 8.90 20.67 4.02
CA ALA C 466 8.21 20.22 5.23
C ALA C 466 9.16 19.39 6.08
N TRP C 467 9.22 19.66 7.38
CA TRP C 467 9.98 18.80 8.27
C TRP C 467 9.22 18.57 9.57
N ASN C 468 9.66 17.58 10.33
CA ASN C 468 8.99 17.14 11.55
C ASN C 468 9.76 17.64 12.76
N SER C 469 9.04 18.19 13.73
CA SER C 469 9.62 18.62 15.01
C SER C 469 8.63 18.19 16.10
N ASN C 470 8.76 16.95 16.56
CA ASN C 470 7.91 16.45 17.63
C ASN C 470 8.27 17.06 18.97
N ASN C 471 9.54 17.42 19.16
CA ASN C 471 10.01 17.84 20.48
C ASN C 471 9.56 19.24 20.84
N LEU C 472 9.38 20.13 19.86
CA LEU C 472 9.00 21.50 20.13
C LEU C 472 7.50 21.73 20.21
N ASP C 473 6.69 20.86 19.61
CA ASP C 473 5.25 21.12 19.46
C ASP C 473 4.38 20.11 20.18
N SER C 474 4.93 19.27 21.06
CA SER C 474 4.15 18.23 21.72
C SER C 474 4.34 18.35 23.23
N LYS C 475 3.50 19.17 23.86
CA LYS C 475 3.42 19.20 25.31
C LYS C 475 2.69 17.95 25.80
N VAL C 476 3.16 17.40 26.93
CA VAL C 476 2.53 16.20 27.48
C VAL C 476 1.06 16.46 27.79
N GLY C 477 0.72 17.67 28.23
CA GLY C 477 -0.68 18.03 28.33
C GLY C 477 -1.34 18.15 26.96
N GLY C 478 -0.62 18.70 25.99
CA GLY C 478 -1.17 18.88 24.65
C GLY C 478 -1.11 20.31 24.16
N ASN C 479 -0.45 20.53 23.03
CA ASN C 479 -0.35 21.88 22.44
C ASN C 479 -1.62 22.15 21.66
N TYR C 480 -2.58 22.82 22.30
CA TYR C 480 -3.86 23.14 21.69
C TYR C 480 -3.91 24.54 21.10
N ASN C 481 -2.78 25.25 21.06
CA ASN C 481 -2.75 26.60 20.51
C ASN C 481 -2.65 26.65 19.00
N TYR C 482 -2.61 25.51 18.32
CA TYR C 482 -2.58 25.48 16.86
C TYR C 482 -3.97 25.13 16.34
N LEU C 483 -4.54 26.02 15.53
CA LEU C 483 -5.92 25.89 15.07
C LEU C 483 -5.99 25.97 13.56
N TYR C 484 -7.13 25.56 13.01
CA TYR C 484 -7.38 25.67 11.58
C TYR C 484 -8.86 25.87 11.33
N ARG C 485 -9.18 26.43 10.17
CA ARG C 485 -10.56 26.72 9.79
C ARG C 485 -11.21 25.49 9.18
N LEU C 486 -12.39 25.12 9.71
CA LEU C 486 -13.12 23.93 9.28
C LEU C 486 -14.30 24.26 8.39
N PHE C 487 -15.19 25.15 8.83
CA PHE C 487 -16.39 25.49 8.08
C PHE C 487 -16.21 26.85 7.42
N ARG C 488 -16.39 26.90 6.10
CA ARG C 488 -16.35 28.17 5.38
C ARG C 488 -17.47 28.18 4.35
N LYS C 489 -17.82 29.38 3.89
CA LYS C 489 -18.92 29.51 2.94
C LYS C 489 -18.51 29.06 1.54
N SER C 490 -17.35 29.51 1.07
CA SER C 490 -16.88 29.18 -0.27
C SER C 490 -15.38 28.94 -0.24
N ASN C 491 -14.86 28.38 -1.32
CA ASN C 491 -13.45 28.07 -1.42
C ASN C 491 -12.62 29.35 -1.51
N LEU C 492 -11.30 29.18 -1.37
CA LEU C 492 -10.37 30.31 -1.30
C LEU C 492 -9.71 30.54 -2.65
N LYS C 493 -9.77 31.78 -3.13
CA LYS C 493 -8.98 32.17 -4.29
C LYS C 493 -7.49 32.06 -3.94
N PRO C 494 -6.64 31.71 -4.92
CA PRO C 494 -5.20 31.53 -4.65
C PRO C 494 -4.56 32.58 -3.75
N PHE C 495 -3.92 32.11 -2.67
CA PHE C 495 -3.20 32.96 -1.72
C PHE C 495 -4.09 34.06 -1.13
N GLU C 496 -5.24 33.67 -0.60
CA GLU C 496 -6.12 34.58 0.12
C GLU C 496 -6.23 34.12 1.57
N ARG C 497 -5.93 35.02 2.50
CA ARG C 497 -6.00 34.73 3.93
C ARG C 497 -7.28 35.36 4.49
N ASP C 498 -8.22 34.51 4.91
CA ASP C 498 -9.48 34.95 5.49
C ASP C 498 -9.46 34.63 6.97
N ILE C 499 -9.03 35.59 7.77
CA ILE C 499 -8.96 35.44 9.23
C ILE C 499 -10.21 36.10 9.81
N SER C 500 -11.17 35.27 10.21
CA SER C 500 -12.41 35.75 10.78
C SER C 500 -12.88 34.79 11.87
N THR C 501 -13.65 35.32 12.80
CA THR C 501 -14.23 34.51 13.88
C THR C 501 -15.75 34.65 13.91
N GLU C 502 -16.41 34.48 12.77
CA GLU C 502 -17.86 34.57 12.74
C GLU C 502 -18.45 33.25 13.21
N ILE C 503 -19.77 33.19 13.29
CA ILE C 503 -20.48 31.96 13.63
C ILE C 503 -21.14 31.43 12.37
N TYR C 504 -20.68 30.26 11.91
CA TYR C 504 -21.13 29.71 10.64
C TYR C 504 -22.60 29.30 10.73
N GLN C 505 -23.42 29.84 9.85
CA GLN C 505 -24.85 29.48 9.78
C GLN C 505 -24.98 28.26 8.87
N ALA C 506 -25.03 27.07 9.49
CA ALA C 506 -25.12 25.83 8.74
C ALA C 506 -26.56 25.44 8.42
N GLY C 507 -27.53 26.21 8.90
CA GLY C 507 -28.94 25.93 8.69
C GLY C 507 -29.72 27.22 8.82
N SER C 508 -31.01 27.14 8.48
CA SER C 508 -31.84 28.34 8.45
C SER C 508 -32.22 28.80 9.85
N THR C 509 -31.24 28.85 10.74
CA THR C 509 -31.42 29.36 12.10
C THR C 509 -30.65 30.66 12.29
N PRO C 510 -31.30 31.81 12.32
CA PRO C 510 -30.60 33.06 12.63
C PRO C 510 -30.28 33.13 14.11
N CYS C 511 -29.11 32.60 14.49
CA CYS C 511 -28.73 32.41 15.88
C CYS C 511 -27.90 33.53 16.47
N ASN C 512 -27.56 34.55 15.68
CA ASN C 512 -26.90 35.78 16.14
C ASN C 512 -25.73 35.49 17.10
N GLY C 513 -24.77 34.71 16.60
CA GLY C 513 -23.55 34.46 17.34
C GLY C 513 -23.69 33.86 18.72
N VAL C 514 -24.51 32.82 18.87
CA VAL C 514 -24.69 32.14 20.14
C VAL C 514 -24.15 30.71 20.11
N GLU C 515 -23.70 30.23 18.95
CA GLU C 515 -23.09 28.91 18.81
C GLU C 515 -24.02 27.81 19.30
N GLY C 516 -25.29 27.90 18.90
CA GLY C 516 -26.31 26.95 19.32
C GLY C 516 -26.46 25.81 18.34
N PHE C 517 -27.62 25.18 18.40
CA PHE C 517 -27.95 24.08 17.50
C PHE C 517 -27.98 24.60 16.06
N ASN C 518 -27.17 23.98 15.20
CA ASN C 518 -27.01 24.25 13.77
C ASN C 518 -26.10 25.45 13.50
N CYS C 519 -25.49 26.02 14.53
CA CYS C 519 -24.50 27.09 14.39
C CYS C 519 -23.22 26.65 15.09
N TYR C 520 -22.14 26.53 14.32
CA TYR C 520 -20.85 26.09 14.85
C TYR C 520 -19.87 27.25 14.90
N PHE C 521 -18.65 26.93 15.32
CA PHE C 521 -17.54 27.86 15.39
C PHE C 521 -16.50 27.34 14.39
N PRO C 522 -16.06 28.14 13.41
CA PRO C 522 -15.20 27.57 12.35
C PRO C 522 -13.84 27.07 12.84
N LEU C 523 -13.15 27.85 13.67
CA LEU C 523 -11.84 27.45 14.16
C LEU C 523 -11.95 26.30 15.16
N GLN C 524 -11.02 25.35 15.06
CA GLN C 524 -10.98 24.23 16.00
C GLN C 524 -9.53 23.79 16.17
N SER C 525 -9.15 23.55 17.42
CA SER C 525 -7.77 23.28 17.82
C SER C 525 -7.27 21.95 17.26
N TYR C 526 -5.95 21.77 17.39
CA TYR C 526 -5.25 20.54 17.00
C TYR C 526 -4.83 19.80 18.26
N GLY C 527 -5.06 18.50 18.28
CA GLY C 527 -4.58 17.69 19.39
C GLY C 527 -3.21 17.09 19.11
N PHE C 528 -2.20 17.54 19.86
CA PHE C 528 -0.83 17.07 19.69
C PHE C 528 -0.34 16.42 20.97
N GLN C 529 0.12 15.17 20.87
CA GLN C 529 0.65 14.44 22.01
C GLN C 529 1.92 13.71 21.59
N PRO C 530 2.94 13.68 22.45
CA PRO C 530 4.17 12.94 22.08
C PRO C 530 3.96 11.45 21.92
N THR C 531 3.07 10.85 22.72
CA THR C 531 2.76 9.43 22.62
C THR C 531 1.62 9.19 21.61
N ASN C 532 1.87 9.66 20.39
CA ASN C 532 0.87 9.61 19.33
C ASN C 532 1.52 9.10 18.04
N GLY C 533 0.68 8.71 17.10
CA GLY C 533 1.17 8.14 15.86
C GLY C 533 1.84 9.16 14.97
N VAL C 534 2.60 8.63 13.99
CA VAL C 534 3.27 9.50 13.02
C VAL C 534 2.26 10.30 12.22
N GLY C 535 1.13 9.70 11.88
CA GLY C 535 0.15 10.37 11.04
C GLY C 535 -0.39 11.64 11.67
N TYR C 536 -0.61 11.63 12.98
CA TYR C 536 -1.09 12.79 13.71
C TYR C 536 0.04 13.48 14.47
N GLN C 537 1.02 14.00 13.72
CA GLN C 537 2.12 14.72 14.34
C GLN C 537 2.25 16.12 13.73
N PRO C 538 2.96 17.04 14.41
CA PRO C 538 3.11 18.40 13.89
C PRO C 538 4.27 18.59 12.92
N TYR C 539 3.96 18.83 11.64
CA TYR C 539 4.98 19.11 10.63
C TYR C 539 5.00 20.60 10.33
N ARG C 540 6.17 21.22 10.50
CA ARG C 540 6.33 22.62 10.14
C ARG C 540 6.63 22.72 8.64
N VAL C 541 6.03 23.71 7.98
CA VAL C 541 6.14 23.84 6.53
C VAL C 541 6.51 25.27 6.16
N VAL C 542 7.33 25.39 5.11
CA VAL C 542 7.73 26.65 4.48
C VAL C 542 7.66 26.50 2.97
N VAL C 543 6.97 27.42 2.31
CA VAL C 543 6.70 27.36 0.88
C VAL C 543 7.39 28.56 0.22
N LEU C 544 8.47 28.28 -0.53
CA LEU C 544 9.18 29.30 -1.29
C LEU C 544 8.47 29.54 -2.61
N SER C 545 8.15 30.80 -2.91
CA SER C 545 7.47 31.18 -4.15
C SER C 545 8.31 32.19 -4.92
N PHE C 546 8.81 31.79 -6.08
CA PHE C 546 9.62 32.66 -6.94
C PHE C 546 8.77 33.30 -8.03
N GLU C 547 8.86 34.62 -8.16
CA GLU C 547 8.17 35.36 -9.20
C GLU C 547 9.18 36.26 -9.90
N LEU C 548 8.86 36.65 -11.14
CA LEU C 548 9.77 37.50 -11.91
C LEU C 548 8.96 38.38 -12.85
N LEU C 549 8.95 39.69 -12.59
CA LEU C 549 8.22 40.63 -13.45
C LEU C 549 9.18 41.66 -14.04
N HIS C 550 9.66 42.61 -13.25
CA HIS C 550 10.55 43.66 -13.75
C HIS C 550 11.48 44.07 -12.62
N ALA C 551 12.51 44.86 -12.96
CA ALA C 551 13.52 45.28 -11.96
C ALA C 551 14.05 44.07 -11.18
N PRO C 552 14.82 43.16 -11.82
CA PRO C 552 15.28 41.93 -11.15
C PRO C 552 16.53 42.18 -10.30
N ALA C 553 16.81 43.44 -9.97
CA ALA C 553 17.96 43.76 -9.10
C ALA C 553 17.55 43.60 -7.63
N THR C 554 17.22 42.38 -7.21
CA THR C 554 16.84 42.10 -5.80
C THR C 554 17.56 40.82 -5.37
N VAL C 555 17.07 39.67 -5.81
CA VAL C 555 17.73 38.41 -5.49
C VAL C 555 18.62 38.03 -6.65
N CYS C 556 19.86 37.63 -6.35
CA CYS C 556 20.78 37.27 -7.43
C CYS C 556 21.84 36.33 -6.87
N GLY C 557 21.94 35.13 -7.44
CA GLY C 557 22.84 34.12 -6.94
C GLY C 557 24.30 34.56 -6.93
N PRO C 558 25.07 34.06 -5.95
CA PRO C 558 26.44 34.53 -5.74
C PRO C 558 27.33 34.44 -6.98
N LYS C 559 27.85 35.58 -7.43
CA LYS C 559 28.77 35.60 -8.55
C LYS C 559 29.78 36.74 -8.33
N LYS C 560 31.03 36.49 -8.67
CA LYS C 560 32.07 37.48 -8.46
C LYS C 560 31.92 38.65 -9.43
N SER C 561 32.53 39.78 -9.07
CA SER C 561 32.46 41.01 -9.84
C SER C 561 33.87 41.53 -10.10
N THR C 562 33.95 42.53 -10.99
CA THR C 562 35.20 43.18 -11.37
C THR C 562 35.14 44.66 -11.02
N ASN C 563 36.09 45.43 -11.54
CA ASN C 563 36.18 46.84 -11.24
C ASN C 563 35.23 47.65 -12.12
N LEU C 564 35.06 48.91 -11.76
CA LEU C 564 34.19 49.84 -12.48
C LEU C 564 35.02 50.91 -13.17
N VAL C 565 34.70 51.17 -14.45
CA VAL C 565 35.45 52.19 -15.24
C VAL C 565 34.46 53.26 -15.74
N LYS C 566 34.98 54.42 -16.15
CA LYS C 566 34.10 55.51 -16.67
C LYS C 566 34.63 55.99 -18.05
N ASN C 567 33.75 56.53 -18.91
CA ASN C 567 34.17 57.17 -20.19
C ASN C 567 34.83 56.27 -21.24
N LYS C 568 34.31 55.06 -21.47
CA LYS C 568 34.84 54.20 -22.57
C LYS C 568 33.68 53.43 -23.20
N CYS C 569 33.94 52.64 -24.25
CA CYS C 569 32.86 51.76 -24.76
C CYS C 569 33.18 50.39 -24.16
N VAL C 570 32.43 49.97 -23.15
CA VAL C 570 32.78 48.72 -22.41
C VAL C 570 31.53 47.83 -22.30
N ASN C 571 31.69 46.51 -22.42
CA ASN C 571 30.53 45.61 -22.23
C ASN C 571 30.17 45.59 -20.75
N PHE C 572 28.92 45.95 -20.42
CA PHE C 572 28.46 46.03 -19.05
C PHE C 572 27.47 44.90 -18.77
N ASN C 573 27.45 44.45 -17.52
CA ASN C 573 26.49 43.40 -17.09
C ASN C 573 26.14 43.68 -15.62
N PHE C 574 25.00 44.33 -15.36
CA PHE C 574 24.69 44.75 -13.97
C PHE C 574 23.52 43.95 -13.39
N ASN C 575 23.79 43.08 -12.41
CA ASN C 575 22.70 42.34 -11.71
C ASN C 575 21.83 41.59 -12.73
N GLY C 576 22.44 40.98 -13.74
CA GLY C 576 21.67 40.18 -14.71
C GLY C 576 21.23 40.96 -15.94
N LEU C 577 21.57 42.25 -16.02
CA LEU C 577 21.23 43.02 -17.26
C LEU C 577 22.52 43.37 -18.02
N THR C 578 22.68 42.90 -19.25
CA THR C 578 23.96 43.11 -19.99
C THR C 578 23.84 44.21 -21.03
N GLY C 579 24.96 44.63 -21.63
CA GLY C 579 24.90 45.62 -22.69
C GLY C 579 26.27 46.14 -23.04
N THR C 580 26.33 47.01 -24.05
CA THR C 580 27.62 47.67 -24.42
C THR C 580 27.43 49.19 -24.36
N GLY C 581 27.97 49.89 -23.35
CA GLY C 581 27.70 51.34 -23.26
C GLY C 581 28.70 52.13 -22.43
N VAL C 582 28.81 53.44 -22.70
CA VAL C 582 29.69 54.35 -21.90
C VAL C 582 29.07 54.56 -20.52
N LEU C 583 29.88 54.54 -19.44
CA LEU C 583 29.29 54.84 -18.13
C LEU C 583 29.78 56.19 -17.64
N THR C 584 28.86 57.01 -17.17
CA THR C 584 29.20 58.32 -16.65
C THR C 584 28.49 58.57 -15.34
N GLU C 585 28.99 59.51 -14.55
CA GLU C 585 28.33 59.88 -13.31
C GLU C 585 27.03 60.61 -13.60
N SER C 586 25.98 60.24 -12.87
CA SER C 586 24.63 60.78 -13.17
C SER C 586 24.05 61.56 -12.00
N ASN C 587 23.33 62.64 -12.29
CA ASN C 587 22.67 63.48 -11.30
C ASN C 587 21.29 62.97 -10.92
N LYS C 588 20.86 61.87 -11.53
CA LYS C 588 19.54 61.27 -11.26
C LYS C 588 19.51 60.72 -9.83
N LYS C 589 18.40 60.89 -9.13
CA LYS C 589 18.23 60.35 -7.78
C LYS C 589 17.10 59.33 -7.83
N PHE C 590 17.47 58.08 -7.56
CA PHE C 590 16.49 56.96 -7.62
C PHE C 590 15.83 56.75 -6.26
N LEU C 591 14.51 56.62 -6.21
CA LEU C 591 13.86 56.22 -4.97
C LEU C 591 14.39 54.86 -4.54
N PRO C 592 14.34 54.55 -3.24
CA PRO C 592 15.04 53.34 -2.76
C PRO C 592 14.59 52.04 -3.39
N PHE C 593 13.37 51.97 -3.93
CA PHE C 593 12.83 50.72 -4.44
C PHE C 593 13.10 50.47 -5.92
N GLN C 594 13.86 51.36 -6.57
CA GLN C 594 14.09 51.20 -8.03
C GLN C 594 15.58 50.98 -8.29
N GLN C 595 15.94 50.31 -9.38
CA GLN C 595 17.37 50.17 -9.74
C GLN C 595 17.53 50.55 -11.22
N PHE C 596 16.53 50.25 -12.04
CA PHE C 596 16.66 50.49 -13.51
C PHE C 596 15.75 51.64 -13.94
N GLY C 597 16.32 52.62 -14.65
CA GLY C 597 15.54 53.75 -15.19
C GLY C 597 15.56 53.71 -16.70
N ARG C 598 14.41 53.89 -17.35
CA ARG C 598 14.37 53.75 -18.83
C ARG C 598 13.95 55.06 -19.50
N ASP C 599 14.38 55.27 -20.74
CA ASP C 599 14.00 56.44 -21.51
C ASP C 599 12.72 56.22 -22.32
N ILE C 600 12.47 57.08 -23.29
CA ILE C 600 11.23 57.02 -24.05
C ILE C 600 11.18 55.77 -24.92
N ALA C 601 12.31 55.35 -25.49
CA ALA C 601 12.38 54.15 -26.31
C ALA C 601 12.41 52.87 -25.51
N ASP C 602 12.35 52.97 -24.17
CA ASP C 602 12.29 51.89 -23.19
C ASP C 602 13.64 51.23 -22.94
N THR C 603 14.65 51.59 -23.73
CA THR C 603 16.00 50.98 -23.57
C THR C 603 16.54 51.45 -22.22
N THR C 604 17.04 50.54 -21.39
CA THR C 604 17.65 50.92 -20.10
C THR C 604 18.60 52.10 -20.32
N ASP C 605 18.33 53.23 -19.65
CA ASP C 605 19.29 54.36 -19.78
C ASP C 605 19.86 54.72 -18.40
N ALA C 606 19.53 53.97 -17.35
CA ALA C 606 20.15 54.28 -16.03
C ALA C 606 20.42 53.01 -15.22
N VAL C 607 21.36 53.08 -14.27
CA VAL C 607 21.68 51.90 -13.40
C VAL C 607 22.22 52.41 -12.07
N ARG C 608 21.97 51.68 -10.98
CA ARG C 608 22.41 52.11 -9.62
C ARG C 608 23.60 51.27 -9.17
N ASP C 609 23.48 49.93 -9.19
CA ASP C 609 24.61 49.02 -8.83
C ASP C 609 24.73 49.00 -7.30
N PRO C 610 24.57 47.83 -6.63
CA PRO C 610 24.57 47.77 -5.16
C PRO C 610 25.86 48.14 -4.42
N GLN C 611 27.03 47.72 -4.93
CA GLN C 611 28.29 47.96 -4.19
C GLN C 611 28.55 49.44 -3.97
N THR C 612 28.42 50.27 -5.02
CA THR C 612 28.78 51.70 -4.89
C THR C 612 27.53 52.54 -4.60
N LEU C 613 26.33 52.03 -4.90
CA LEU C 613 25.08 52.83 -4.78
C LEU C 613 25.30 54.18 -5.48
N GLU C 614 25.70 54.15 -6.76
CA GLU C 614 25.94 55.40 -7.53
C GLU C 614 25.23 55.31 -8.89
N ILE C 615 24.41 56.30 -9.23
CA ILE C 615 23.60 56.22 -10.49
C ILE C 615 24.54 56.36 -11.70
N LEU C 616 24.39 55.47 -12.69
CA LEU C 616 25.20 55.54 -13.94
C LEU C 616 24.26 55.56 -15.14
N ASP C 617 24.45 56.49 -16.07
CA ASP C 617 23.59 56.57 -17.28
C ASP C 617 24.13 55.64 -18.38
N ILE C 618 23.28 55.25 -19.34
CA ILE C 618 23.71 54.29 -20.39
C ILE C 618 23.55 54.95 -21.76
N THR C 619 24.67 55.13 -22.49
CA THR C 619 24.62 55.77 -23.83
C THR C 619 24.99 54.69 -24.85
N PRO C 620 24.16 54.38 -25.87
CA PRO C 620 24.57 53.43 -26.91
C PRO C 620 25.82 54.02 -27.57
N CYS C 621 26.81 53.19 -27.91
CA CYS C 621 28.08 53.71 -28.49
C CYS C 621 27.74 54.52 -29.76
N SER C 622 26.45 54.64 -30.10
CA SER C 622 26.01 55.46 -31.26
C SER C 622 24.64 56.08 -30.97
N PHE C 623 24.51 57.40 -31.08
CA PHE C 623 23.18 58.05 -30.90
C PHE C 623 22.90 58.99 -32.07
N GLY C 624 21.79 58.78 -32.80
CA GLY C 624 21.43 59.66 -33.93
C GLY C 624 20.97 58.87 -35.13
N GLY C 625 20.87 59.52 -36.30
CA GLY C 625 20.44 58.85 -37.55
C GLY C 625 21.51 58.91 -38.62
N VAL C 626 21.81 57.78 -39.27
CA VAL C 626 22.90 57.72 -40.31
C VAL C 626 22.41 56.95 -41.54
N SER C 627 22.84 57.33 -42.74
CA SER C 627 22.44 56.64 -44.01
C SER C 627 23.59 56.81 -45.02
N VAL C 628 24.02 55.71 -45.67
CA VAL C 628 25.18 55.79 -46.61
C VAL C 628 24.69 55.69 -48.05
N ILE C 629 25.00 56.69 -48.88
CA ILE C 629 24.52 56.71 -50.30
C ILE C 629 25.63 56.14 -51.19
N THR C 630 25.36 55.02 -51.85
CA THR C 630 26.40 54.36 -52.68
C THR C 630 25.92 54.24 -54.13
N PRO C 631 26.75 54.60 -55.14
CA PRO C 631 26.39 54.40 -56.55
C PRO C 631 26.27 52.91 -56.89
N GLY C 632 27.01 52.06 -56.19
CA GLY C 632 27.02 50.61 -56.47
C GLY C 632 28.45 50.12 -56.41
N THR C 633 28.72 48.98 -55.75
CA THR C 633 30.11 48.57 -55.59
C THR C 633 30.73 48.19 -56.91
N ASN C 634 29.91 47.72 -57.86
CA ASN C 634 30.40 47.42 -59.20
C ASN C 634 30.96 48.67 -59.86
N THR C 635 30.30 49.81 -59.69
CA THR C 635 30.71 51.04 -60.35
C THR C 635 31.88 51.72 -59.65
N SER C 636 31.81 51.83 -58.32
CA SER C 636 32.79 52.63 -57.58
C SER C 636 32.75 52.25 -56.12
N ASN C 637 33.76 52.71 -55.38
CA ASN C 637 33.82 52.56 -53.94
C ASN C 637 33.52 53.86 -53.22
N GLN C 638 33.45 54.98 -53.95
CA GLN C 638 33.10 56.26 -53.35
C GLN C 638 31.65 56.23 -52.84
N VAL C 639 31.46 56.72 -51.61
CA VAL C 639 30.09 56.70 -50.99
C VAL C 639 29.83 58.04 -50.31
N ALA C 640 28.56 58.41 -50.17
CA ALA C 640 28.22 59.65 -49.43
C ALA C 640 27.51 59.24 -48.13
N VAL C 641 27.61 60.06 -47.09
CA VAL C 641 26.99 59.73 -45.81
C VAL C 641 26.04 60.88 -45.42
N LEU C 642 24.84 60.52 -45.02
CA LEU C 642 23.84 61.46 -44.54
C LEU C 642 23.63 61.27 -43.05
N TYR C 643 23.80 62.34 -42.28
CA TYR C 643 23.55 62.35 -40.84
C TYR C 643 22.24 63.08 -40.64
N GLN C 644 21.22 62.34 -40.22
CA GLN C 644 19.86 62.84 -40.21
C GLN C 644 19.60 63.80 -39.06
N ASP C 645 20.45 63.83 -38.04
CA ASP C 645 20.25 64.67 -36.86
C ASP C 645 21.45 65.56 -36.57
N VAL C 646 22.09 66.06 -37.60
CA VAL C 646 23.21 66.99 -37.48
C VAL C 646 22.92 68.18 -38.37
N ASN C 647 23.08 69.39 -37.80
CA ASN C 647 22.97 70.64 -38.59
C ASN C 647 24.37 71.24 -38.77
N CYS C 648 24.89 71.20 -39.99
CA CYS C 648 26.24 71.62 -40.29
C CYS C 648 26.30 73.08 -40.71
N TRP C 664 31.18 68.32 -34.20
CA TRP C 664 30.35 67.70 -35.21
C TRP C 664 30.28 66.19 -35.03
N ARG C 665 29.08 65.68 -34.82
CA ARG C 665 28.88 64.24 -34.64
C ARG C 665 28.83 63.57 -36.02
N VAL C 666 30.00 63.50 -36.64
CA VAL C 666 30.20 62.87 -37.93
C VAL C 666 31.45 61.99 -37.85
N TYR C 667 31.50 60.96 -38.69
CA TYR C 667 32.68 60.06 -38.73
C TYR C 667 33.87 60.86 -39.25
N SER C 668 33.67 61.59 -40.34
CA SER C 668 34.75 62.35 -40.97
C SER C 668 34.13 63.56 -41.65
N THR C 669 34.87 64.66 -41.68
CA THR C 669 34.33 65.87 -42.28
C THR C 669 34.65 65.99 -43.77
N GLY C 670 35.87 65.65 -44.19
CA GLY C 670 36.20 65.71 -45.60
C GLY C 670 35.94 67.09 -46.17
N SER C 671 35.17 67.12 -47.25
CA SER C 671 34.68 68.35 -47.84
C SER C 671 33.29 68.08 -48.41
N ASN C 672 32.74 69.06 -49.12
CA ASN C 672 31.41 68.93 -49.72
C ASN C 672 30.35 68.67 -48.64
N VAL C 673 30.43 69.44 -47.57
CA VAL C 673 29.43 69.38 -46.50
C VAL C 673 28.24 70.25 -46.91
N PHE C 674 27.08 69.62 -47.09
CA PHE C 674 25.88 70.27 -47.62
C PHE C 674 24.70 70.00 -46.71
N GLN C 675 23.95 71.03 -46.35
CA GLN C 675 22.85 70.90 -45.40
C GLN C 675 21.52 70.82 -46.13
N THR C 676 20.74 69.79 -45.84
CA THR C 676 19.39 69.59 -46.35
C THR C 676 18.46 69.42 -45.17
N ARG C 677 17.15 69.53 -45.42
CA ARG C 677 16.19 69.22 -44.37
C ARG C 677 16.17 67.74 -44.00
N ALA C 678 16.79 66.89 -44.82
CA ALA C 678 16.99 65.51 -44.43
C ALA C 678 18.19 65.32 -43.52
N GLY C 679 19.10 66.31 -43.44
CA GLY C 679 20.24 66.22 -42.55
C GLY C 679 21.48 66.81 -43.21
N CYS C 680 22.63 66.48 -42.63
CA CYS C 680 23.91 66.92 -43.17
C CYS C 680 24.48 65.83 -44.08
N LEU C 681 24.80 66.21 -45.32
CA LEU C 681 25.30 65.30 -46.33
C LEU C 681 26.77 65.57 -46.56
N ILE C 682 27.59 64.52 -46.43
CA ILE C 682 29.04 64.64 -46.52
C ILE C 682 29.52 63.69 -47.59
N GLY C 683 30.29 64.21 -48.55
CA GLY C 683 30.81 63.42 -49.65
C GLY C 683 30.11 63.60 -50.97
N ALA C 684 29.27 64.62 -51.12
CA ALA C 684 28.54 64.85 -52.36
C ALA C 684 28.63 66.30 -52.76
N GLU C 685 28.76 66.55 -54.06
CA GLU C 685 28.81 67.90 -54.59
C GLU C 685 27.40 68.36 -54.97
N HIS C 686 27.07 69.58 -54.58
CA HIS C 686 25.74 70.13 -54.79
C HIS C 686 25.72 70.96 -56.07
N VAL C 687 24.75 70.67 -56.94
CA VAL C 687 24.63 71.37 -58.21
C VAL C 687 23.31 72.12 -58.26
N ASN C 688 23.27 73.17 -59.09
CA ASN C 688 22.08 74.05 -59.15
C ASN C 688 21.09 73.61 -60.23
N ASN C 689 21.30 72.46 -60.89
CA ASN C 689 20.35 71.97 -61.85
C ASN C 689 19.20 71.28 -61.11
N SER C 690 18.30 70.64 -61.87
CA SER C 690 17.19 69.89 -61.29
C SER C 690 16.85 68.80 -62.29
N TYR C 691 17.28 67.57 -62.00
CA TYR C 691 17.05 66.44 -62.88
C TYR C 691 15.92 65.59 -62.33
N GLU C 692 15.65 64.49 -63.02
CA GLU C 692 14.75 63.49 -62.45
C GLU C 692 15.46 62.75 -61.32
N CYS C 693 14.67 62.18 -60.42
CA CYS C 693 15.24 61.58 -59.23
C CYS C 693 15.89 60.26 -59.58
N ASP C 694 17.17 60.12 -59.24
CA ASP C 694 17.90 58.88 -59.39
C ASP C 694 17.91 58.09 -58.08
N ILE C 695 18.52 58.64 -57.05
CA ILE C 695 18.56 58.06 -55.71
C ILE C 695 17.86 59.03 -54.77
N PRO C 696 16.74 58.64 -54.15
CA PRO C 696 16.06 59.56 -53.24
C PRO C 696 16.83 59.75 -51.95
N ILE C 697 17.08 61.01 -51.59
CA ILE C 697 17.67 61.34 -50.31
C ILE C 697 16.62 61.77 -49.31
N GLY C 698 15.65 62.55 -49.76
CA GLY C 698 14.56 62.96 -48.91
C GLY C 698 14.37 64.45 -48.90
N ALA C 699 13.18 64.91 -48.52
CA ALA C 699 12.83 66.33 -48.49
C ALA C 699 13.06 66.98 -49.84
N GLY C 700 12.79 66.24 -50.91
CA GLY C 700 12.96 66.72 -52.26
C GLY C 700 14.35 66.56 -52.84
N ILE C 701 15.30 66.08 -52.05
CA ILE C 701 16.70 66.00 -52.46
C ILE C 701 16.97 64.62 -53.02
N CYS C 702 17.66 64.56 -54.16
CA CYS C 702 18.04 63.31 -54.81
C CYS C 702 19.54 63.34 -55.11
N ALA C 703 20.09 62.17 -55.43
CA ALA C 703 21.52 62.04 -55.67
C ALA C 703 21.74 61.17 -56.92
N SER C 704 22.91 61.36 -57.52
CA SER C 704 23.28 60.60 -58.70
C SER C 704 24.79 60.54 -58.81
N TYR C 705 25.26 59.70 -59.71
CA TYR C 705 26.68 59.53 -59.98
C TYR C 705 26.94 60.03 -61.39
N GLN C 706 27.57 61.20 -61.51
CA GLN C 706 27.69 61.83 -62.81
C GLN C 706 29.13 62.20 -63.13
N THR C 707 29.33 62.91 -64.23
CA THR C 707 30.66 63.29 -64.68
C THR C 707 31.04 64.68 -64.15
N ASP D 21 -25.50 -11.50 0.39
CA ASP D 21 -26.11 -11.85 -0.88
C ASP D 21 -27.26 -12.84 -0.68
N ILE D 22 -27.34 -13.43 0.52
CA ILE D 22 -28.41 -14.36 0.87
C ILE D 22 -29.11 -13.83 2.12
N GLN D 23 -30.11 -12.99 1.88
CA GLN D 23 -30.87 -12.38 2.96
C GLN D 23 -31.67 -13.43 3.74
N LEU D 24 -31.83 -13.17 5.04
CA LEU D 24 -32.54 -14.05 5.94
C LEU D 24 -33.87 -13.43 6.35
N THR D 25 -34.70 -14.24 7.01
CA THR D 25 -35.97 -13.75 7.54
C THR D 25 -36.25 -14.45 8.87
N GLN D 26 -36.85 -13.73 9.82
CA GLN D 26 -37.21 -14.31 11.10
C GLN D 26 -38.70 -14.13 11.35
N SER D 27 -39.23 -14.97 12.25
CA SER D 27 -40.64 -14.87 12.64
C SER D 27 -40.89 -15.65 13.90
N PRO D 28 -41.76 -15.18 14.81
CA PRO D 28 -42.44 -13.88 14.76
C PRO D 28 -41.55 -12.75 15.28
N ASP D 29 -41.95 -11.51 15.05
CA ASP D 29 -41.13 -10.38 15.50
C ASP D 29 -41.17 -10.25 17.02
N SER D 30 -42.35 -10.04 17.58
CA SER D 30 -42.54 -9.97 19.02
C SER D 30 -43.46 -11.10 19.46
N LEU D 31 -43.00 -11.92 20.41
CA LEU D 31 -43.77 -13.03 20.94
C LEU D 31 -43.85 -12.89 22.45
N ALA D 32 -45.04 -13.03 23.00
CA ALA D 32 -45.26 -13.01 24.45
C ALA D 32 -45.77 -14.37 24.91
N VAL D 33 -45.02 -15.00 25.81
CA VAL D 33 -45.42 -16.26 26.43
C VAL D 33 -45.26 -16.14 27.94
N SER D 34 -45.97 -17.01 28.65
CA SER D 34 -45.93 -17.01 30.10
C SER D 34 -44.66 -17.72 30.59
N LEU D 35 -44.40 -17.57 31.89
CA LEU D 35 -43.25 -18.24 32.50
C LEU D 35 -43.44 -19.75 32.46
N GLY D 36 -42.39 -20.46 32.03
CA GLY D 36 -42.42 -21.90 31.95
C GLY D 36 -43.01 -22.48 30.69
N GLU D 37 -43.47 -21.65 29.76
CA GLU D 37 -44.00 -22.13 28.49
C GLU D 37 -42.90 -22.21 27.43
N ARG D 38 -43.18 -22.95 26.36
CA ARG D 38 -42.24 -23.11 25.26
C ARG D 38 -42.19 -21.85 24.40
N ALA D 39 -41.09 -21.68 23.68
CA ALA D 39 -40.91 -20.54 22.79
C ALA D 39 -40.20 -20.97 21.52
N THR D 40 -40.87 -20.83 20.37
CA THR D 40 -40.32 -21.24 19.08
C THR D 40 -40.07 -20.03 18.19
N ILE D 41 -38.85 -19.91 17.68
CA ILE D 41 -38.45 -18.84 16.78
C ILE D 41 -37.96 -19.45 15.47
N ASN D 42 -38.43 -18.93 14.33
CA ASN D 42 -38.14 -19.50 13.02
C ASN D 42 -37.27 -18.57 12.19
N CYS D 43 -36.21 -19.13 11.61
CA CYS D 43 -35.30 -18.46 10.69
C CYS D 43 -35.36 -19.15 9.33
N LYS D 44 -35.55 -18.36 8.27
CA LYS D 44 -35.65 -18.85 6.90
C LYS D 44 -34.59 -18.22 6.03
N SER D 45 -33.86 -19.05 5.28
CA SER D 45 -32.76 -18.61 4.42
C SER D 45 -33.18 -18.68 2.96
N SER D 46 -32.56 -17.82 2.14
CA SER D 46 -32.84 -17.82 0.71
C SER D 46 -32.39 -19.12 0.03
N GLN D 47 -31.18 -19.58 0.34
CA GLN D 47 -30.64 -20.81 -0.24
C GLN D 47 -30.03 -21.68 0.85
N SER D 48 -29.99 -22.98 0.57
CA SER D 48 -29.42 -23.93 1.52
C SER D 48 -27.95 -23.62 1.79
N VAL D 49 -27.58 -23.66 3.06
CA VAL D 49 -26.25 -23.29 3.52
C VAL D 49 -25.53 -24.52 4.06
N LEU D 50 -25.60 -25.63 3.33
CA LEU D 50 -25.05 -26.91 3.76
C LEU D 50 -23.72 -27.13 3.07
N TYR D 51 -22.67 -27.36 3.85
CA TYR D 51 -21.33 -27.59 3.31
C TYR D 51 -21.22 -29.06 2.93
N SER D 52 -20.90 -29.33 1.66
CA SER D 52 -20.91 -30.69 1.16
C SER D 52 -19.88 -31.58 1.86
N SER D 53 -18.69 -31.04 2.10
CA SER D 53 -17.59 -31.88 2.61
C SER D 53 -17.91 -32.47 3.97
N ILE D 54 -18.41 -31.67 4.90
CA ILE D 54 -18.63 -32.13 6.27
C ILE D 54 -20.11 -32.37 6.56
N ASN D 55 -21.01 -31.99 5.65
CA ASN D 55 -22.46 -32.18 5.81
C ASN D 55 -22.99 -31.52 7.08
N LYS D 56 -22.54 -30.29 7.35
CA LYS D 56 -22.96 -29.55 8.53
C LYS D 56 -23.62 -28.24 8.10
N ASN D 57 -24.82 -27.99 8.60
CA ASN D 57 -25.48 -26.72 8.35
C ASN D 57 -24.69 -25.58 8.97
N TYR D 58 -24.47 -24.52 8.20
CA TYR D 58 -23.74 -23.33 8.66
C TYR D 58 -24.74 -22.25 9.02
N LEU D 59 -25.08 -22.15 10.30
CA LEU D 59 -26.02 -21.15 10.79
C LEU D 59 -25.95 -21.12 12.32
N ALA D 60 -25.96 -19.91 12.89
CA ALA D 60 -25.76 -19.73 14.32
C ALA D 60 -26.85 -18.84 14.90
N TRP D 61 -27.10 -19.02 16.20
CA TRP D 61 -28.10 -18.27 16.95
C TRP D 61 -27.42 -17.50 18.07
N TYR D 62 -27.75 -16.20 18.18
CA TYR D 62 -27.14 -15.25 19.10
C TYR D 62 -28.20 -14.69 20.04
N GLN D 63 -27.80 -14.43 21.28
CA GLN D 63 -28.63 -13.74 22.27
C GLN D 63 -28.02 -12.38 22.61
N GLN D 64 -28.85 -11.34 22.62
CA GLN D 64 -28.44 -10.01 23.07
C GLN D 64 -29.38 -9.50 24.15
N LYS D 65 -28.81 -9.07 25.27
CA LYS D 65 -29.46 -8.40 26.37
C LYS D 65 -29.32 -6.90 26.25
N PRO D 66 -30.31 -6.13 26.69
CA PRO D 66 -30.27 -4.67 26.48
C PRO D 66 -29.06 -4.05 27.17
N GLY D 67 -28.19 -3.45 26.37
CA GLY D 67 -27.04 -2.74 26.89
C GLY D 67 -25.75 -3.55 26.99
N GLN D 68 -25.65 -4.67 26.30
CA GLN D 68 -24.47 -5.51 26.35
C GLN D 68 -24.21 -6.10 24.97
N PRO D 69 -22.98 -6.56 24.71
CA PRO D 69 -22.71 -7.19 23.43
C PRO D 69 -23.39 -8.53 23.33
N PRO D 70 -23.69 -9.00 22.11
CA PRO D 70 -24.33 -10.31 21.96
C PRO D 70 -23.42 -11.43 22.41
N LYS D 71 -24.03 -12.58 22.64
CA LYS D 71 -23.32 -13.78 23.07
C LYS D 71 -23.67 -14.91 22.13
N LEU D 72 -22.69 -15.74 21.79
CA LEU D 72 -22.99 -16.92 21.01
C LEU D 72 -23.88 -17.85 21.80
N LEU D 73 -24.83 -18.48 21.12
CA LEU D 73 -25.72 -19.45 21.75
C LEU D 73 -25.64 -20.81 21.08
N ILE D 74 -25.85 -20.86 19.77
CA ILE D 74 -25.81 -22.13 19.05
C ILE D 74 -24.99 -21.95 17.77
N TYR D 75 -24.07 -22.88 17.51
CA TYR D 75 -23.33 -22.90 16.26
C TYR D 75 -23.57 -24.22 15.55
N TRP D 76 -23.48 -24.20 14.22
CA TRP D 76 -23.81 -25.32 13.34
C TRP D 76 -25.29 -25.66 13.40
N ALA D 77 -26.09 -24.86 14.11
CA ALA D 77 -27.54 -24.99 14.24
C ALA D 77 -27.96 -26.29 14.92
N SER D 78 -27.09 -26.89 15.73
CA SER D 78 -27.48 -28.10 16.44
C SER D 78 -26.66 -28.30 17.72
N THR D 79 -25.51 -27.64 17.81
CA THR D 79 -24.62 -27.79 18.95
C THR D 79 -24.63 -26.54 19.83
N ARG D 80 -24.47 -26.76 21.13
CA ARG D 80 -24.50 -25.69 22.12
C ARG D 80 -23.10 -25.35 22.59
N GLU D 81 -22.84 -24.06 22.79
CA GLU D 81 -21.56 -23.63 23.31
C GLU D 81 -21.47 -23.97 24.79
N SER D 82 -20.24 -24.01 25.31
CA SER D 82 -20.01 -24.41 26.68
C SER D 82 -20.72 -23.46 27.64
N GLY D 83 -21.40 -24.03 28.63
CA GLY D 83 -22.05 -23.26 29.66
C GLY D 83 -23.49 -22.90 29.38
N VAL D 84 -23.93 -22.98 28.13
CA VAL D 84 -25.34 -22.72 27.81
C VAL D 84 -26.21 -23.80 28.45
N PRO D 85 -27.28 -23.44 29.15
CA PRO D 85 -28.13 -24.45 29.78
C PRO D 85 -28.94 -25.23 28.75
N ASP D 86 -29.36 -26.43 29.17
CA ASP D 86 -30.00 -27.37 28.26
C ASP D 86 -31.27 -26.78 27.64
N ARG D 87 -32.01 -25.96 28.38
CA ARG D 87 -33.25 -25.33 27.95
C ARG D 87 -33.25 -24.88 26.50
N PHE D 88 -32.12 -24.37 26.01
CA PHE D 88 -32.01 -23.84 24.66
C PHE D 88 -31.70 -24.97 23.69
N SER D 89 -32.56 -25.17 22.69
CA SER D 89 -32.32 -26.20 21.68
C SER D 89 -32.46 -25.62 20.29
N GLY D 90 -31.69 -26.16 19.36
CA GLY D 90 -31.73 -25.72 17.98
C GLY D 90 -31.97 -26.86 17.02
N SER D 91 -32.87 -26.67 16.06
CA SER D 91 -33.23 -27.73 15.14
C SER D 91 -33.48 -27.13 13.77
N GLY D 92 -33.68 -28.00 12.78
CA GLY D 92 -33.99 -27.57 11.44
C GLY D 92 -33.05 -28.16 10.41
N SER D 93 -33.42 -27.94 9.15
CA SER D 93 -32.66 -28.48 8.03
C SER D 93 -33.10 -27.75 6.77
N GLY D 94 -32.42 -28.06 5.67
CA GLY D 94 -32.71 -27.37 4.42
C GLY D 94 -32.47 -25.90 4.63
N THR D 95 -33.53 -25.11 4.42
CA THR D 95 -33.48 -23.67 4.61
C THR D 95 -34.19 -23.24 5.89
N ASP D 96 -34.97 -24.11 6.52
CA ASP D 96 -35.79 -23.76 7.66
C ASP D 96 -35.11 -24.20 8.96
N PHE D 97 -34.90 -23.25 9.87
CA PHE D 97 -34.27 -23.53 11.15
C PHE D 97 -35.12 -22.93 12.26
N THR D 98 -35.12 -23.57 13.43
CA THR D 98 -35.87 -23.06 14.56
C THR D 98 -35.05 -23.18 15.84
N LEU D 99 -35.32 -22.26 16.76
CA LEU D 99 -34.77 -22.26 18.11
C LEU D 99 -35.92 -22.42 19.09
N THR D 100 -35.85 -23.44 19.92
CA THR D 100 -36.90 -23.75 20.88
C THR D 100 -36.38 -23.63 22.30
N ILE D 101 -37.07 -22.85 23.11
CA ILE D 101 -36.84 -22.76 24.54
C ILE D 101 -37.90 -23.62 25.21
N SER D 102 -37.48 -24.78 25.71
CA SER D 102 -38.42 -25.74 26.28
C SER D 102 -39.24 -25.13 27.41
N SER D 103 -38.58 -24.48 28.36
CA SER D 103 -39.28 -23.73 29.40
C SER D 103 -38.58 -22.41 29.62
N LEU D 104 -39.29 -21.31 29.38
CA LEU D 104 -38.74 -19.99 29.56
C LEU D 104 -38.67 -19.63 31.04
N GLN D 105 -37.67 -18.84 31.40
CA GLN D 105 -37.46 -18.36 32.76
C GLN D 105 -37.40 -16.83 32.79
N ALA D 106 -37.10 -16.29 33.97
CA ALA D 106 -37.11 -14.86 34.17
C ALA D 106 -35.88 -14.15 33.61
N GLU D 107 -34.89 -14.90 33.12
CA GLU D 107 -33.65 -14.31 32.63
C GLU D 107 -33.54 -14.29 31.12
N ASP D 108 -34.50 -14.88 30.40
CA ASP D 108 -34.36 -15.04 28.96
C ASP D 108 -34.99 -13.93 28.12
N VAL D 109 -35.74 -13.01 28.73
CA VAL D 109 -36.29 -11.89 27.97
C VAL D 109 -35.16 -11.14 27.28
N ALA D 110 -35.17 -11.12 25.94
CA ALA D 110 -34.03 -10.56 25.20
C ALA D 110 -34.30 -10.54 23.70
N VAL D 111 -33.29 -10.19 22.89
CA VAL D 111 -33.44 -10.20 21.43
C VAL D 111 -32.51 -11.26 20.84
N TYR D 112 -33.07 -12.09 19.97
CA TYR D 112 -32.38 -13.25 19.39
C TYR D 112 -32.16 -13.03 17.89
N TYR D 113 -30.94 -13.29 17.44
CA TYR D 113 -30.53 -13.08 16.05
C TYR D 113 -30.04 -14.37 15.41
N CYS D 114 -30.53 -14.68 14.21
CA CYS D 114 -30.04 -15.82 13.42
C CYS D 114 -29.09 -15.31 12.33
N GLN D 115 -27.86 -15.84 12.31
CA GLN D 115 -26.84 -15.42 11.35
C GLN D 115 -26.33 -16.60 10.54
N GLN D 116 -26.20 -16.41 9.23
CA GLN D 116 -25.60 -17.43 8.36
C GLN D 116 -24.15 -17.06 8.09
N TYR D 117 -23.25 -18.03 8.25
CA TYR D 117 -21.83 -17.76 8.02
C TYR D 117 -21.25 -18.71 6.99
N TYR D 118 -21.94 -18.84 5.85
CA TYR D 118 -21.48 -19.73 4.78
C TYR D 118 -20.44 -19.05 3.91
N SER D 119 -20.80 -17.94 3.26
CA SER D 119 -19.89 -17.19 2.43
C SER D 119 -20.05 -15.71 2.72
N THR D 120 -18.94 -14.99 2.64
CA THR D 120 -18.97 -13.55 2.87
C THR D 120 -19.79 -12.87 1.79
N PRO D 121 -20.58 -11.84 2.14
CA PRO D 121 -20.73 -11.24 3.48
C PRO D 121 -21.70 -12.00 4.38
N TYR D 122 -21.55 -11.82 5.70
CA TYR D 122 -22.36 -12.52 6.68
C TYR D 122 -23.61 -11.70 6.98
N THR D 123 -24.75 -12.15 6.48
CA THR D 123 -26.01 -11.46 6.76
C THR D 123 -26.50 -11.81 8.16
N PHE D 124 -27.29 -10.91 8.73
CA PHE D 124 -27.85 -11.10 10.06
C PHE D 124 -29.37 -11.17 9.99
N GLY D 125 -29.98 -11.65 11.07
CA GLY D 125 -31.42 -11.68 11.17
C GLY D 125 -31.98 -10.36 11.63
N GLN D 126 -33.29 -10.19 11.42
CA GLN D 126 -33.96 -8.98 11.86
C GLN D 126 -33.90 -8.82 13.38
N GLY D 127 -34.13 -9.91 14.11
CA GLY D 127 -34.10 -9.86 15.56
C GLY D 127 -35.47 -10.09 16.16
N THR D 128 -35.57 -11.02 17.12
CA THR D 128 -36.84 -11.34 17.77
C THR D 128 -36.78 -10.96 19.24
N LYS D 129 -37.77 -10.21 19.69
CA LYS D 129 -37.83 -9.75 21.08
C LYS D 129 -38.75 -10.68 21.88
N VAL D 130 -38.18 -11.34 22.88
CA VAL D 130 -38.92 -12.24 23.76
C VAL D 130 -39.17 -11.54 25.10
N GLU D 131 -40.47 -11.42 25.43
CA GLU D 131 -40.98 -10.79 26.63
C GLU D 131 -42.00 -11.71 27.29
N ILE D 132 -42.14 -11.60 28.62
CA ILE D 132 -43.08 -12.42 29.37
C ILE D 132 -44.49 -11.85 29.31
N LYS D 133 -45.46 -12.55 29.88
CA LYS D 133 -46.87 -12.19 29.79
C LYS D 133 -47.54 -12.27 31.16
N ARG D 134 -48.44 -11.31 31.44
CA ARG D 134 -49.18 -11.25 32.69
C ARG D 134 -50.67 -11.07 32.37
N THR D 135 -51.51 -11.17 33.40
CA THR D 135 -52.94 -10.93 33.27
C THR D 135 -53.25 -9.46 33.08
N VAL D 136 -54.40 -9.18 32.44
CA VAL D 136 -54.83 -7.83 32.13
C VAL D 136 -54.89 -6.93 33.37
N ALA D 137 -54.50 -5.66 33.19
CA ALA D 137 -54.57 -4.64 34.22
C ALA D 137 -55.25 -3.38 33.68
N ALA D 138 -55.75 -2.54 34.61
CA ALA D 138 -56.43 -1.29 34.28
C ALA D 138 -55.60 -0.07 34.65
N PRO D 139 -55.41 0.89 33.73
CA PRO D 139 -54.53 2.03 33.98
C PRO D 139 -55.13 3.24 34.69
N SER D 140 -54.64 3.57 35.87
CA SER D 140 -55.00 4.80 36.56
C SER D 140 -54.43 6.00 35.81
N VAL D 141 -55.32 6.87 35.29
CA VAL D 141 -54.91 7.96 34.41
C VAL D 141 -54.46 9.19 35.22
N PHE D 142 -53.60 10.01 34.63
CA PHE D 142 -53.19 11.29 35.19
C PHE D 142 -53.22 12.35 34.10
N ILE D 143 -53.21 13.63 34.51
CA ILE D 143 -53.22 14.76 33.59
C ILE D 143 -52.46 15.93 34.21
N PHE D 144 -51.47 16.46 33.48
CA PHE D 144 -50.71 17.62 33.91
C PHE D 144 -50.77 18.77 32.92
N PRO D 145 -51.19 19.96 33.35
CA PRO D 145 -51.23 21.12 32.46
C PRO D 145 -49.87 21.78 32.40
N PRO D 146 -49.64 22.72 31.48
CA PRO D 146 -48.35 23.41 31.45
C PRO D 146 -48.20 24.38 32.60
N SER D 147 -46.95 24.58 33.02
CA SER D 147 -46.65 25.46 34.14
C SER D 147 -46.67 26.92 33.69
N ASP D 148 -46.35 27.82 34.63
CA ASP D 148 -46.23 29.23 34.29
C ASP D 148 -45.03 29.49 33.38
N GLU D 149 -43.99 28.66 33.50
CA GLU D 149 -42.77 28.88 32.73
C GLU D 149 -43.01 28.56 31.25
N GLN D 150 -43.67 27.43 30.98
CA GLN D 150 -43.98 27.02 29.62
C GLN D 150 -44.69 28.13 28.85
N LEU D 151 -45.58 28.85 29.54
CA LEU D 151 -46.36 29.91 28.88
C LEU D 151 -45.47 31.00 28.33
N LYS D 152 -44.47 31.44 29.12
CA LYS D 152 -43.67 32.59 28.71
C LYS D 152 -42.90 32.31 27.43
N SER D 153 -42.33 31.11 27.29
CA SER D 153 -41.53 30.81 26.10
C SER D 153 -42.36 30.90 24.83
N GLY D 154 -43.59 30.39 24.87
CA GLY D 154 -44.48 30.53 23.73
C GLY D 154 -45.00 29.22 23.18
N THR D 155 -44.68 28.10 23.85
CA THR D 155 -45.06 26.77 23.37
C THR D 155 -45.58 25.96 24.57
N ALA D 156 -46.88 26.06 24.85
CA ALA D 156 -47.46 25.30 25.94
C ALA D 156 -47.45 23.81 25.60
N SER D 157 -47.33 22.99 26.63
CA SER D 157 -47.34 21.54 26.45
C SER D 157 -48.12 20.89 27.59
N VAL D 158 -49.19 20.20 27.24
CA VAL D 158 -50.00 19.47 28.20
C VAL D 158 -49.64 17.99 28.07
N VAL D 159 -49.75 17.23 29.17
CA VAL D 159 -49.38 15.82 29.13
C VAL D 159 -50.40 14.98 29.87
N CYS D 160 -50.63 13.77 29.38
CA CYS D 160 -51.51 12.78 30.01
C CYS D 160 -50.70 11.52 30.27
N LEU D 161 -50.84 10.95 31.46
CA LEU D 161 -50.01 9.82 31.89
C LEU D 161 -50.85 8.60 32.23
N LEU D 162 -50.83 7.60 31.35
CA LEU D 162 -51.19 6.23 31.70
C LEU D 162 -50.08 5.56 32.50
N ASN D 163 -50.45 4.84 33.56
CA ASN D 163 -49.49 4.11 34.38
C ASN D 163 -49.95 2.67 34.60
N ASN D 164 -48.96 1.77 34.67
CA ASN D 164 -49.16 0.40 35.19
C ASN D 164 -50.25 -0.35 34.44
N PHE D 165 -50.19 -0.28 33.12
CA PHE D 165 -51.19 -0.88 32.24
C PHE D 165 -50.55 -2.00 31.42
N TYR D 166 -51.12 -3.20 31.52
CA TYR D 166 -50.87 -4.27 30.58
C TYR D 166 -52.17 -4.68 29.89
N PRO D 167 -52.18 -4.86 28.56
CA PRO D 167 -51.13 -4.86 27.55
C PRO D 167 -51.09 -3.56 26.75
N ARG D 168 -50.16 -3.42 25.80
CA ARG D 168 -49.99 -2.14 25.10
C ARG D 168 -51.03 -1.89 24.03
N GLU D 169 -52.17 -2.58 24.06
CA GLU D 169 -53.25 -2.34 23.11
C GLU D 169 -54.18 -1.30 23.73
N ALA D 170 -53.97 -0.03 23.36
CA ALA D 170 -54.73 1.08 23.93
C ALA D 170 -54.56 2.27 23.01
N LYS D 171 -55.22 3.38 23.36
CA LYS D 171 -55.17 4.61 22.58
C LYS D 171 -55.71 5.82 23.33
N VAL D 172 -54.92 6.89 23.30
CA VAL D 172 -55.19 8.13 24.00
C VAL D 172 -55.69 9.17 23.00
N GLN D 173 -56.86 9.76 23.29
CA GLN D 173 -57.41 10.83 22.47
C GLN D 173 -57.53 12.10 23.31
N TRP D 174 -57.02 13.21 22.81
CA TRP D 174 -57.16 14.48 23.50
C TRP D 174 -58.49 15.13 23.13
N LYS D 175 -59.01 15.94 24.04
CA LYS D 175 -60.32 16.53 23.86
C LYS D 175 -60.22 18.02 24.15
N VAL D 176 -60.58 18.84 23.17
CA VAL D 176 -60.65 20.29 23.31
C VAL D 176 -62.00 20.76 22.80
N ASP D 177 -62.85 21.23 23.72
CA ASP D 177 -64.17 21.79 23.39
C ASP D 177 -64.95 20.82 22.52
N ASN D 178 -64.90 19.54 22.87
CA ASN D 178 -65.63 18.49 22.14
C ASN D 178 -65.18 18.39 20.69
N ALA D 179 -63.92 18.72 20.41
CA ALA D 179 -63.34 18.59 19.08
C ALA D 179 -62.01 17.86 19.17
N LEU D 180 -61.83 16.85 18.33
CA LEU D 180 -60.62 16.05 18.36
C LEU D 180 -59.43 16.79 17.75
N GLN D 181 -58.25 16.54 18.31
CA GLN D 181 -57.00 17.07 17.80
C GLN D 181 -56.16 15.95 17.20
N SER D 182 -55.65 16.17 16.00
CA SER D 182 -54.79 15.21 15.32
C SER D 182 -53.58 15.91 14.76
N GLY D 183 -52.45 15.19 14.74
CA GLY D 183 -51.22 15.69 14.17
C GLY D 183 -50.40 16.61 15.05
N ASN D 184 -50.77 16.78 16.33
CA ASN D 184 -50.04 17.69 17.21
C ASN D 184 -49.56 17.00 18.48
N SER D 185 -49.47 15.68 18.49
CA SER D 185 -49.20 14.94 19.72
C SER D 185 -48.07 13.93 19.49
N GLN D 186 -47.44 13.54 20.60
CA GLN D 186 -46.44 12.48 20.59
C GLN D 186 -46.76 11.48 21.70
N GLU D 187 -46.13 10.31 21.63
CA GLU D 187 -46.39 9.20 22.54
C GLU D 187 -45.08 8.53 22.93
N SER D 188 -44.81 8.47 24.23
CA SER D 188 -43.61 7.83 24.77
C SER D 188 -44.02 6.67 25.66
N VAL D 189 -43.78 5.44 25.17
CA VAL D 189 -44.06 4.22 25.93
C VAL D 189 -42.76 3.73 26.55
N THR D 190 -42.81 3.40 27.84
CA THR D 190 -41.66 2.86 28.54
C THR D 190 -41.54 1.36 28.35
N GLU D 191 -40.33 0.84 28.59
CA GLU D 191 -40.09 -0.59 28.52
C GLU D 191 -40.68 -1.31 29.74
N GLN D 192 -40.84 -2.62 29.59
CA GLN D 192 -41.49 -3.43 30.61
C GLN D 192 -40.82 -3.28 31.96
N ASP D 193 -41.62 -2.99 32.99
CA ASP D 193 -41.10 -2.95 34.34
C ASP D 193 -40.64 -4.35 34.74
N SER D 194 -39.45 -4.44 35.32
CA SER D 194 -38.85 -5.76 35.56
C SER D 194 -39.58 -6.52 36.66
N LYS D 195 -39.87 -5.86 37.78
CA LYS D 195 -40.45 -6.58 38.92
C LYS D 195 -41.85 -7.10 38.59
N ASP D 196 -42.72 -6.22 38.10
CA ASP D 196 -44.02 -6.60 37.58
C ASP D 196 -44.18 -6.02 36.17
N SER D 197 -44.62 -6.85 35.23
CA SER D 197 -44.61 -6.49 33.81
C SER D 197 -45.80 -5.57 33.50
N THR D 198 -45.62 -4.29 33.83
CA THR D 198 -46.61 -3.26 33.54
C THR D 198 -45.92 -2.11 32.82
N TYR D 199 -46.61 -1.53 31.84
CA TYR D 199 -46.06 -0.42 31.06
C TYR D 199 -46.45 0.92 31.68
N SER D 200 -46.20 2.01 30.94
CA SER D 200 -46.57 3.37 31.33
C SER D 200 -46.45 4.31 30.12
N LEU D 201 -47.57 4.82 29.62
CA LEU D 201 -47.60 5.59 28.39
C LEU D 201 -47.81 7.07 28.69
N SER D 202 -46.97 7.92 28.11
CA SER D 202 -47.11 9.37 28.25
C SER D 202 -47.44 9.99 26.90
N SER D 203 -48.61 10.61 26.79
CA SER D 203 -49.02 11.30 25.58
C SER D 203 -48.91 12.79 25.81
N THR D 204 -48.23 13.49 24.90
CA THR D 204 -47.99 14.91 25.12
C THR D 204 -48.44 15.72 23.92
N LEU D 205 -49.07 16.86 24.19
CA LEU D 205 -49.58 17.76 23.17
C LEU D 205 -48.86 19.09 23.28
N THR D 206 -48.29 19.54 22.16
CA THR D 206 -47.56 20.79 22.05
C THR D 206 -48.40 21.76 21.23
N LEU D 207 -48.80 22.88 21.85
CA LEU D 207 -49.60 23.87 21.17
C LEU D 207 -49.11 25.27 21.52
N SER D 208 -49.11 26.15 20.52
CA SER D 208 -48.70 27.53 20.72
C SER D 208 -49.68 28.27 21.63
N LYS D 209 -49.29 29.49 22.01
CA LYS D 209 -50.14 30.32 22.86
C LYS D 209 -51.51 30.55 22.23
N ALA D 210 -51.55 30.74 20.91
CA ALA D 210 -52.83 30.93 20.24
C ALA D 210 -53.75 29.74 20.43
N ASP D 211 -53.21 28.53 20.30
CA ASP D 211 -54.05 27.34 20.49
C ASP D 211 -54.37 27.10 21.96
N TYR D 212 -53.73 27.81 22.88
CA TYR D 212 -54.08 27.70 24.29
C TYR D 212 -55.19 28.69 24.64
N GLU D 213 -55.15 29.88 24.08
CA GLU D 213 -56.27 30.81 24.25
C GLU D 213 -57.53 30.36 23.50
N LYS D 214 -57.47 29.14 22.97
CA LYS D 214 -58.53 28.63 22.10
C LYS D 214 -59.84 28.41 22.84
N HIS D 215 -59.79 27.74 24.00
CA HIS D 215 -61.04 27.35 24.66
C HIS D 215 -60.91 27.24 26.18
N LYS D 216 -61.71 26.36 26.79
CA LYS D 216 -61.81 26.29 28.24
C LYS D 216 -61.75 24.89 28.85
N VAL D 217 -61.87 23.82 28.07
CA VAL D 217 -61.96 22.46 28.61
C VAL D 217 -60.89 21.60 27.93
N TYR D 218 -59.85 21.26 28.69
CA TYR D 218 -58.78 20.39 28.22
C TYR D 218 -58.88 19.03 28.89
N ALA D 219 -59.00 17.97 28.09
CA ALA D 219 -59.27 16.63 28.60
C ALA D 219 -58.43 15.56 27.90
N CYS D 220 -58.15 14.50 28.64
CA CYS D 220 -57.52 13.29 28.11
C CYS D 220 -58.52 12.14 28.26
N GLU D 221 -58.79 11.44 27.16
CA GLU D 221 -59.69 10.29 27.16
C GLU D 221 -58.94 9.05 26.72
N VAL D 222 -59.01 8.00 27.53
CA VAL D 222 -58.21 6.80 27.31
C VAL D 222 -59.12 5.64 26.99
N THR D 223 -58.79 4.90 25.93
CA THR D 223 -59.45 3.64 25.61
C THR D 223 -58.44 2.50 25.76
N HIS D 224 -58.80 1.51 26.58
CA HIS D 224 -57.97 0.33 26.81
C HIS D 224 -58.88 -0.89 26.84
N GLN D 225 -58.34 -2.03 26.41
CA GLN D 225 -59.16 -3.23 26.27
C GLN D 225 -59.74 -3.67 27.62
N GLY D 226 -58.89 -3.80 28.64
CA GLY D 226 -59.36 -4.26 29.93
C GLY D 226 -60.41 -3.36 30.54
N LEU D 227 -60.20 -2.05 30.45
CA LEU D 227 -61.14 -1.08 30.99
C LEU D 227 -62.44 -1.11 30.17
N SER D 228 -63.56 -1.36 30.84
CA SER D 228 -64.82 -1.51 30.13
C SER D 228 -65.25 -0.22 29.46
N SER D 229 -65.15 0.91 30.16
CA SER D 229 -65.60 2.19 29.66
C SER D 229 -64.42 3.14 29.50
N PRO D 230 -64.24 3.74 28.33
CA PRO D 230 -63.19 4.75 28.17
C PRO D 230 -63.24 5.79 29.27
N VAL D 231 -62.07 6.13 29.81
CA VAL D 231 -62.01 7.03 30.96
C VAL D 231 -61.77 8.45 30.45
N THR D 232 -62.16 9.44 31.26
CA THR D 232 -62.06 10.85 30.95
C THR D 232 -61.46 11.60 32.12
N LYS D 233 -60.46 12.44 31.85
CA LYS D 233 -59.88 13.34 32.84
C LYS D 233 -59.82 14.74 32.24
N SER D 234 -60.57 15.66 32.82
CA SER D 234 -60.67 17.03 32.31
C SER D 234 -60.27 18.02 33.40
N PHE D 235 -59.61 19.10 33.02
CA PHE D 235 -59.32 20.17 33.98
C PHE D 235 -59.76 21.51 33.39
N ASN D 236 -60.56 22.24 34.17
CA ASN D 236 -61.06 23.54 33.73
C ASN D 236 -59.96 24.59 33.71
N ARG D 237 -60.04 25.49 32.73
CA ARG D 237 -59.09 26.59 32.62
C ARG D 237 -59.31 27.61 33.72
N GLY D 238 -58.69 27.40 34.87
CA GLY D 238 -58.87 28.28 36.01
C GLY D 238 -58.47 27.65 37.33
N THR E 64 -46.23 -45.09 45.28
CA THR E 64 -46.09 -43.84 44.55
C THR E 64 -45.73 -42.70 45.50
N ARG E 65 -44.60 -42.82 46.17
CA ARG E 65 -44.16 -41.84 47.15
C ARG E 65 -42.74 -41.39 46.84
N GLY E 66 -42.45 -40.14 47.17
CA GLY E 66 -41.09 -39.64 47.08
C GLY E 66 -40.70 -38.96 45.79
N VAL E 67 -41.65 -38.54 44.97
CA VAL E 67 -41.34 -37.80 43.75
C VAL E 67 -40.97 -36.37 44.16
N TYR E 68 -39.69 -36.03 44.09
CA TYR E 68 -39.22 -34.71 44.46
C TYR E 68 -39.12 -33.82 43.22
N TYR E 69 -38.49 -32.65 43.37
CA TYR E 69 -38.28 -31.74 42.25
C TYR E 69 -36.88 -31.93 41.70
N PRO E 70 -36.71 -32.64 40.57
CA PRO E 70 -35.37 -32.90 40.04
C PRO E 70 -34.52 -31.65 39.85
N ASP E 71 -35.03 -30.70 39.07
CA ASP E 71 -34.32 -29.49 38.69
C ASP E 71 -34.87 -28.29 39.46
N LYS E 72 -34.54 -27.09 38.98
CA LYS E 72 -35.00 -25.84 39.57
C LYS E 72 -35.65 -24.92 38.56
N VAL E 73 -35.41 -25.10 37.27
CA VAL E 73 -36.04 -24.36 36.19
C VAL E 73 -37.55 -24.38 36.35
N PHE E 74 -38.16 -23.20 36.50
CA PHE E 74 -39.59 -23.11 36.76
C PHE E 74 -40.35 -23.49 35.49
N ARG E 75 -41.15 -24.55 35.57
CA ARG E 75 -41.96 -25.00 34.45
C ARG E 75 -43.44 -24.90 34.79
N SER E 76 -44.27 -24.88 33.75
CA SER E 76 -45.72 -24.79 33.95
C SER E 76 -46.44 -25.49 32.81
N SER E 77 -47.18 -26.55 33.15
CA SER E 77 -48.05 -27.26 32.20
C SER E 77 -47.28 -27.82 31.01
N VAL E 78 -46.05 -28.27 31.25
CA VAL E 78 -45.23 -28.88 30.21
C VAL E 78 -44.73 -30.23 30.74
N LEU E 79 -45.31 -31.31 30.23
CA LEU E 79 -44.84 -32.66 30.55
C LEU E 79 -43.37 -32.80 30.20
N HIS E 80 -42.54 -33.15 31.17
CA HIS E 80 -41.10 -33.21 30.99
C HIS E 80 -40.60 -34.60 31.38
N SER E 81 -40.13 -35.36 30.38
CA SER E 81 -39.51 -36.65 30.62
C SER E 81 -38.10 -36.47 31.18
N THR E 82 -37.79 -37.16 32.27
CA THR E 82 -36.53 -36.97 32.98
C THR E 82 -35.93 -38.30 33.38
N GLN E 83 -34.60 -38.38 33.34
CA GLN E 83 -33.85 -39.57 33.71
C GLN E 83 -33.07 -39.25 34.99
N ASP E 84 -33.59 -39.70 36.13
CA ASP E 84 -33.04 -39.37 37.45
C ASP E 84 -33.16 -40.60 38.34
N LEU E 85 -32.91 -40.40 39.63
CA LEU E 85 -32.99 -41.45 40.63
C LEU E 85 -34.29 -41.30 41.42
N PHE E 86 -35.21 -42.25 41.26
CA PHE E 86 -36.54 -42.09 41.92
C PHE E 86 -36.93 -43.37 42.64
N LEU E 87 -37.95 -43.28 43.49
CA LEU E 87 -38.44 -44.50 44.20
C LEU E 87 -38.98 -45.46 43.13
N PRO E 88 -38.62 -46.76 43.16
CA PRO E 88 -39.23 -47.71 42.23
C PRO E 88 -40.70 -47.83 42.66
N PHE E 89 -41.64 -47.67 41.72
CA PHE E 89 -43.07 -47.70 42.13
C PHE E 89 -43.39 -49.06 42.75
N PHE E 90 -44.13 -49.07 43.85
CA PHE E 90 -44.46 -50.33 44.56
C PHE E 90 -43.18 -51.10 44.90
N SER E 91 -42.17 -50.41 45.42
CA SER E 91 -40.88 -51.06 45.77
C SER E 91 -40.99 -51.85 47.08
N ASN E 92 -39.85 -52.29 47.62
CA ASN E 92 -39.86 -53.11 48.85
C ASN E 92 -39.07 -52.34 49.91
N VAL E 93 -39.76 -51.70 50.86
CA VAL E 93 -39.00 -50.83 51.80
C VAL E 93 -38.81 -51.63 53.10
N THR E 94 -37.77 -51.31 53.87
CA THR E 94 -37.60 -51.95 55.18
C THR E 94 -38.25 -51.10 56.26
N TRP E 95 -38.74 -51.79 57.30
CA TRP E 95 -39.61 -51.22 58.32
C TRP E 95 -38.95 -51.44 59.69
N PHE E 96 -38.93 -50.40 60.52
CA PHE E 96 -38.27 -50.47 61.82
C PHE E 96 -39.18 -49.84 62.87
N HIS E 97 -39.14 -50.41 64.08
CA HIS E 97 -40.02 -50.05 65.16
C HIS E 97 -39.25 -49.49 66.36
N ALA E 98 -39.96 -48.71 67.17
CA ALA E 98 -39.60 -48.39 68.55
C ALA E 98 -40.89 -48.56 69.36
N ILE E 99 -41.11 -49.79 69.83
CA ILE E 99 -42.36 -50.19 70.48
C ILE E 99 -42.01 -50.86 71.81
N HIS E 100 -42.47 -50.28 72.92
CA HIS E 100 -42.15 -50.84 74.22
C HIS E 100 -42.89 -52.15 74.48
N VAL E 101 -44.22 -52.10 74.50
CA VAL E 101 -45.06 -53.22 74.94
C VAL E 101 -44.56 -53.83 76.25
N THR E 107 -41.24 -55.99 74.52
CA THR E 107 -40.31 -56.39 73.48
C THR E 107 -39.15 -55.40 73.37
N LYS E 108 -39.44 -54.11 73.67
CA LYS E 108 -38.43 -53.02 73.56
C LYS E 108 -38.15 -52.75 72.08
N ARG E 109 -37.40 -53.62 71.41
CA ARG E 109 -37.21 -53.48 69.94
C ARG E 109 -36.78 -52.06 69.59
N PHE E 110 -35.86 -51.48 70.38
CA PHE E 110 -35.30 -50.13 70.07
C PHE E 110 -34.38 -50.27 68.86
N ASP E 111 -34.95 -50.37 67.65
CA ASP E 111 -34.16 -50.63 66.46
C ASP E 111 -33.32 -49.42 66.09
N ASN E 112 -32.01 -49.64 65.91
CA ASN E 112 -31.16 -48.63 65.30
C ASN E 112 -29.97 -49.28 64.58
N PRO E 113 -30.20 -50.10 63.57
CA PRO E 113 -29.07 -50.71 62.87
C PRO E 113 -28.33 -49.69 62.02
N VAL E 114 -27.08 -50.03 61.71
CA VAL E 114 -26.32 -49.30 60.70
C VAL E 114 -26.75 -49.86 59.33
N LEU E 115 -27.20 -48.98 58.45
CA LEU E 115 -27.73 -49.36 57.17
C LEU E 115 -26.84 -48.87 56.05
N PRO E 116 -26.89 -49.51 54.89
CA PRO E 116 -26.18 -48.99 53.71
C PRO E 116 -26.78 -47.69 53.22
N PHE E 117 -25.96 -46.93 52.50
CA PHE E 117 -26.36 -45.69 51.84
C PHE E 117 -25.90 -45.85 50.39
N ASN E 118 -26.74 -46.46 49.56
CA ASN E 118 -26.24 -46.93 48.26
C ASN E 118 -26.07 -45.78 47.27
N ASP E 119 -27.16 -45.18 46.83
CA ASP E 119 -27.14 -44.03 45.94
C ASP E 119 -28.04 -42.91 46.43
N GLY E 120 -28.41 -42.94 47.71
CA GLY E 120 -29.34 -41.98 48.25
C GLY E 120 -30.46 -42.75 48.90
N VAL E 121 -31.08 -42.13 49.89
CA VAL E 121 -32.00 -42.82 50.78
C VAL E 121 -33.31 -42.07 50.83
N TYR E 122 -34.42 -42.81 50.76
CA TYR E 122 -35.74 -42.30 51.12
C TYR E 122 -36.01 -42.74 52.55
N PHE E 123 -36.24 -41.78 53.43
CA PHE E 123 -36.46 -42.04 54.85
C PHE E 123 -37.83 -41.50 55.22
N ALA E 124 -38.70 -42.38 55.69
CA ALA E 124 -40.03 -41.97 56.13
C ALA E 124 -40.15 -42.24 57.62
N SER E 125 -40.90 -41.38 58.31
CA SER E 125 -41.03 -41.50 59.76
C SER E 125 -42.46 -41.21 60.17
N THR E 126 -43.09 -42.20 60.82
CA THR E 126 -44.42 -42.04 61.40
C THR E 126 -44.25 -41.88 62.91
N GLU E 127 -44.64 -40.71 63.41
CA GLU E 127 -44.38 -40.34 64.79
C GLU E 127 -45.57 -39.62 65.40
N LYS E 128 -45.58 -39.62 66.74
CA LYS E 128 -46.44 -38.77 67.54
C LYS E 128 -45.71 -38.13 68.72
N SER E 129 -44.44 -38.49 68.98
CA SER E 129 -43.76 -38.01 70.18
C SER E 129 -42.30 -37.62 69.95
N ASN E 130 -41.91 -37.33 68.70
CA ASN E 130 -40.56 -36.82 68.40
C ASN E 130 -39.46 -37.77 68.86
N ILE E 131 -39.60 -39.06 68.53
CA ILE E 131 -38.58 -40.02 68.91
C ILE E 131 -37.39 -39.95 67.97
N ILE E 132 -37.63 -39.96 66.66
CA ILE E 132 -36.53 -39.91 65.71
C ILE E 132 -35.91 -38.51 65.74
N ARG E 133 -34.62 -38.44 66.08
CA ARG E 133 -33.97 -37.17 66.35
C ARG E 133 -32.92 -36.78 65.33
N GLY E 134 -32.36 -37.74 64.61
CA GLY E 134 -31.44 -37.37 63.55
C GLY E 134 -30.76 -38.55 62.94
N TRP E 135 -29.61 -38.29 62.33
CA TRP E 135 -28.85 -39.32 61.64
C TRP E 135 -27.36 -39.02 61.74
N ILE E 136 -26.57 -40.05 61.52
CA ILE E 136 -25.14 -39.92 61.28
C ILE E 136 -24.82 -40.63 59.96
N PHE E 137 -24.07 -39.97 59.11
CA PHE E 137 -23.69 -40.52 57.80
C PHE E 137 -22.17 -40.59 57.73
N GLY E 138 -21.65 -41.66 57.14
CA GLY E 138 -20.21 -41.78 57.07
C GLY E 138 -19.78 -43.01 56.33
N THR E 139 -18.53 -43.39 56.51
CA THR E 139 -18.00 -44.65 55.99
C THR E 139 -17.67 -45.63 57.12
N THR E 140 -16.78 -45.26 58.03
CA THR E 140 -16.37 -46.12 59.13
C THR E 140 -16.91 -45.69 60.47
N LEU E 141 -17.23 -44.41 60.64
CA LEU E 141 -17.83 -43.88 61.86
C LEU E 141 -16.94 -44.13 63.09
N ASP E 142 -15.62 -44.02 62.93
CA ASP E 142 -14.72 -44.36 64.03
C ASP E 142 -13.51 -43.44 64.16
N SER E 143 -13.65 -42.16 63.80
CA SER E 143 -12.64 -41.11 63.97
C SER E 143 -11.42 -41.27 63.09
N LYS E 144 -11.33 -42.31 62.26
CA LYS E 144 -10.29 -42.36 61.25
C LYS E 144 -10.67 -41.63 59.99
N THR E 145 -11.97 -41.50 59.72
CA THR E 145 -12.51 -40.79 58.58
C THR E 145 -13.47 -39.72 59.10
N GLN E 146 -14.01 -38.94 58.17
CA GLN E 146 -14.90 -37.85 58.52
C GLN E 146 -16.35 -38.32 58.40
N SER E 147 -17.19 -37.84 59.32
CA SER E 147 -18.58 -38.20 59.40
C SER E 147 -19.42 -36.95 59.56
N LEU E 148 -20.70 -37.08 59.20
CA LEU E 148 -21.68 -36.02 59.26
C LEU E 148 -22.72 -36.34 60.32
N LEU E 149 -22.95 -35.40 61.22
CA LEU E 149 -23.95 -35.51 62.27
C LEU E 149 -25.05 -34.50 62.00
N ILE E 150 -26.30 -34.96 61.91
CA ILE E 150 -27.45 -34.08 61.82
C ILE E 150 -28.35 -34.45 62.97
N VAL E 151 -28.40 -33.60 64.00
CA VAL E 151 -29.13 -33.94 65.20
C VAL E 151 -30.08 -32.80 65.56
N ASN E 152 -31.20 -33.16 66.17
CA ASN E 152 -32.15 -32.20 66.71
C ASN E 152 -32.19 -32.47 68.22
N ASN E 153 -31.41 -31.65 68.94
CA ASN E 153 -31.41 -31.70 70.43
C ASN E 153 -32.58 -30.83 70.90
N ALA E 154 -33.01 -30.95 72.15
CA ALA E 154 -34.22 -30.22 72.62
C ALA E 154 -34.24 -28.75 72.18
N THR E 155 -33.09 -28.13 71.93
CA THR E 155 -33.13 -26.70 71.65
C THR E 155 -32.74 -26.31 70.22
N ASN E 156 -31.77 -26.97 69.61
CA ASN E 156 -31.23 -26.52 68.33
C ASN E 156 -31.18 -27.67 67.32
N VAL E 157 -30.95 -27.30 66.07
CA VAL E 157 -30.60 -28.24 65.01
C VAL E 157 -29.12 -28.06 64.73
N VAL E 158 -28.36 -29.15 64.80
CA VAL E 158 -26.91 -29.11 64.75
C VAL E 158 -26.44 -29.98 63.60
N ILE E 159 -25.67 -29.40 62.70
CA ILE E 159 -25.10 -30.09 61.55
C ILE E 159 -23.60 -29.95 61.65
N LYS E 160 -22.89 -31.06 61.83
CA LYS E 160 -21.44 -31.01 61.99
C LYS E 160 -20.75 -32.03 61.10
N VAL E 161 -19.59 -31.67 60.59
CA VAL E 161 -18.77 -32.60 59.80
C VAL E 161 -17.42 -32.65 60.48
N CYS E 162 -17.15 -33.74 61.19
CA CYS E 162 -15.92 -33.84 61.98
C CYS E 162 -15.42 -35.28 61.92
N GLU E 163 -14.36 -35.58 62.67
CA GLU E 163 -13.88 -36.95 62.84
C GLU E 163 -14.40 -37.43 64.19
N PHE E 164 -15.55 -38.09 64.17
CA PHE E 164 -16.23 -38.50 65.39
C PHE E 164 -15.81 -39.91 65.79
N GLN E 165 -15.65 -40.11 67.09
CA GLN E 165 -15.63 -41.45 67.67
C GLN E 165 -17.05 -41.69 68.18
N PHE E 166 -17.92 -42.16 67.29
CA PHE E 166 -19.31 -42.39 67.65
C PHE E 166 -19.43 -43.55 68.63
N CYS E 167 -20.46 -43.49 69.46
CA CYS E 167 -20.77 -44.61 70.34
C CYS E 167 -21.26 -45.79 69.52
N ASN E 168 -21.10 -46.99 70.07
CA ASN E 168 -21.60 -48.18 69.41
C ASN E 168 -23.11 -48.17 69.33
N ASP E 169 -23.77 -47.56 70.31
CA ASP E 169 -25.24 -47.48 70.38
C ASP E 169 -25.61 -46.05 70.73
N PRO E 170 -25.62 -45.14 69.76
CA PRO E 170 -25.91 -43.74 70.07
C PRO E 170 -27.39 -43.54 70.33
N PHE E 171 -27.70 -42.60 71.22
CA PHE E 171 -29.10 -42.29 71.50
C PHE E 171 -29.19 -40.97 72.26
N LEU E 172 -30.43 -40.54 72.44
CA LEU E 172 -30.78 -39.35 73.19
C LEU E 172 -31.70 -39.76 74.33
N GLY E 173 -31.71 -38.96 75.39
CA GLY E 173 -32.49 -39.33 76.56
C GLY E 173 -33.46 -38.27 77.05
N VAL E 174 -34.72 -38.63 77.19
CA VAL E 174 -35.74 -37.77 77.80
C VAL E 174 -36.15 -38.40 79.13
N TYR E 175 -36.13 -37.60 80.18
CA TYR E 175 -36.50 -38.05 81.51
C TYR E 175 -37.79 -37.36 81.96
N TYR E 176 -38.63 -38.12 82.66
CA TYR E 176 -39.93 -37.66 83.12
C TYR E 176 -39.95 -37.67 84.64
N HIS E 177 -40.32 -36.54 85.24
CA HIS E 177 -40.43 -36.42 86.68
C HIS E 177 -41.89 -36.60 87.11
N LYS E 178 -42.12 -37.45 88.11
CA LYS E 178 -43.47 -37.67 88.60
C LYS E 178 -43.95 -36.54 89.51
N ASN E 179 -43.07 -36.06 90.40
CA ASN E 179 -43.50 -35.09 91.40
C ASN E 179 -43.99 -33.80 90.75
N ASN E 180 -43.28 -33.30 89.75
CA ASN E 180 -43.80 -32.25 88.89
C ASN E 180 -43.80 -32.75 87.45
N LYS E 181 -44.97 -32.76 86.83
CA LYS E 181 -45.14 -33.36 85.51
C LYS E 181 -44.37 -32.53 84.49
N SER E 182 -43.29 -33.12 83.97
CA SER E 182 -42.42 -32.41 83.04
C SER E 182 -41.48 -33.43 82.39
N TRP E 183 -41.30 -33.29 81.08
CA TRP E 183 -40.35 -34.11 80.33
C TRP E 183 -39.21 -33.21 79.89
N MET E 184 -37.98 -33.58 80.25
CA MET E 184 -36.83 -32.76 79.87
C MET E 184 -35.71 -33.66 79.39
N GLU E 185 -34.87 -33.12 78.50
CA GLU E 185 -33.78 -33.88 77.92
C GLU E 185 -32.60 -33.91 78.89
N SER E 186 -32.16 -35.12 79.24
CA SER E 186 -31.08 -35.31 80.19
C SER E 186 -29.79 -35.84 79.56
N GLU E 187 -29.88 -36.78 78.62
CA GLU E 187 -28.72 -37.46 78.09
C GLU E 187 -28.47 -37.12 76.63
N PHE E 188 -27.19 -37.02 76.27
CA PHE E 188 -26.74 -36.87 74.88
C PHE E 188 -25.53 -37.80 74.74
N ARG E 189 -25.78 -39.03 74.33
CA ARG E 189 -24.73 -40.06 74.28
C ARG E 189 -24.58 -40.51 72.84
N VAL E 190 -23.80 -39.77 72.06
CA VAL E 190 -23.67 -40.00 70.62
C VAL E 190 -22.22 -40.29 70.24
N TYR E 191 -21.29 -39.45 70.69
CA TYR E 191 -19.89 -39.62 70.33
C TYR E 191 -19.02 -39.36 71.54
N SER E 192 -17.80 -39.91 71.49
CA SER E 192 -16.80 -39.65 72.53
C SER E 192 -16.06 -38.35 72.27
N SER E 193 -15.48 -38.21 71.07
CA SER E 193 -14.67 -37.06 70.73
C SER E 193 -14.87 -36.70 69.26
N ALA E 194 -14.79 -35.40 68.97
CA ALA E 194 -14.79 -34.88 67.60
C ALA E 194 -13.63 -33.91 67.48
N ASN E 195 -12.67 -34.20 66.60
CA ASN E 195 -11.45 -33.40 66.54
C ASN E 195 -11.47 -32.41 65.40
N ASN E 196 -11.27 -32.84 64.15
CA ASN E 196 -11.08 -31.90 63.05
C ASN E 196 -12.40 -31.58 62.36
N CYS E 197 -12.97 -30.43 62.66
CA CYS E 197 -14.28 -30.05 62.13
C CYS E 197 -14.11 -29.10 60.94
N THR E 198 -14.73 -29.44 59.82
CA THR E 198 -14.65 -28.64 58.60
C THR E 198 -15.89 -27.79 58.37
N PHE E 199 -17.08 -28.32 58.65
CA PHE E 199 -18.33 -27.62 58.45
C PHE E 199 -19.18 -27.71 59.70
N GLU E 200 -19.82 -26.61 60.06
CA GLU E 200 -20.64 -26.54 61.26
C GLU E 200 -21.82 -25.61 61.04
N TYR E 201 -22.96 -25.97 61.61
CA TYR E 201 -24.15 -25.12 61.56
C TYR E 201 -24.99 -25.41 62.79
N VAL E 202 -25.46 -24.34 63.42
CA VAL E 202 -26.38 -24.42 64.56
C VAL E 202 -27.55 -23.50 64.27
N SER E 203 -28.76 -24.03 64.42
CA SER E 203 -29.97 -23.27 64.14
C SER E 203 -30.37 -22.41 65.34
N GLN E 204 -31.33 -21.52 65.12
CA GLN E 204 -31.80 -20.64 66.18
C GLN E 204 -32.55 -21.45 67.24
N PRO E 205 -32.47 -21.02 68.50
CA PRO E 205 -33.03 -21.84 69.59
C PRO E 205 -34.55 -21.90 69.55
N PHE E 206 -35.08 -23.10 69.82
CA PHE E 206 -36.50 -23.35 69.94
C PHE E 206 -36.74 -24.25 71.15
N LEU E 207 -38.00 -24.32 71.58
CA LEU E 207 -38.44 -25.25 72.60
C LEU E 207 -39.36 -26.29 71.96
N MET E 208 -39.01 -27.56 72.11
CA MET E 208 -39.82 -28.66 71.58
C MET E 208 -40.72 -29.23 72.68
N ASP E 209 -41.69 -30.04 72.27
CA ASP E 209 -42.73 -30.50 73.19
C ASP E 209 -42.21 -31.60 74.11
N LEU E 210 -41.74 -32.71 73.55
CA LEU E 210 -41.12 -33.82 74.26
C LEU E 210 -42.12 -34.63 75.09
N GLU E 211 -43.38 -34.20 75.13
CA GLU E 211 -44.38 -34.90 75.92
C GLU E 211 -44.78 -36.21 75.26
N GLY E 212 -44.89 -37.26 76.07
CA GLY E 212 -45.35 -38.54 75.56
C GLY E 212 -46.84 -38.51 75.24
N LYS E 213 -47.19 -38.98 74.05
CA LYS E 213 -48.58 -39.02 73.60
C LYS E 213 -49.11 -40.44 73.63
N GLN E 214 -50.44 -40.56 73.57
CA GLN E 214 -51.11 -41.85 73.72
C GLN E 214 -51.91 -42.30 72.49
N GLY E 215 -52.32 -41.38 71.62
CA GLY E 215 -53.09 -41.74 70.45
C GLY E 215 -52.28 -42.52 69.43
N ASN E 216 -52.85 -42.64 68.23
CA ASN E 216 -52.13 -43.22 67.11
C ASN E 216 -51.23 -42.17 66.46
N PHE E 217 -50.42 -42.63 65.50
CA PHE E 217 -49.45 -41.76 64.84
C PHE E 217 -50.13 -40.57 64.18
N LYS E 218 -49.57 -39.39 64.38
CA LYS E 218 -50.18 -38.16 63.91
C LYS E 218 -49.35 -37.37 62.90
N ASN E 219 -48.10 -37.76 62.66
CA ASN E 219 -47.23 -36.97 61.80
C ASN E 219 -46.38 -37.88 60.93
N LEU E 220 -46.41 -37.63 59.62
CA LEU E 220 -45.54 -38.29 58.68
C LEU E 220 -44.49 -37.31 58.19
N ARG E 221 -43.22 -37.68 58.30
CA ARG E 221 -42.12 -36.82 57.86
C ARG E 221 -41.28 -37.60 56.86
N GLU E 222 -41.20 -37.09 55.63
CA GLU E 222 -40.53 -37.76 54.53
C GLU E 222 -39.29 -36.96 54.15
N PHE E 223 -38.17 -37.65 53.99
CA PHE E 223 -36.90 -37.05 53.62
C PHE E 223 -36.29 -37.84 52.47
N VAL E 224 -35.57 -37.15 51.60
CA VAL E 224 -34.74 -37.79 50.58
C VAL E 224 -33.34 -37.21 50.69
N PHE E 225 -32.35 -38.11 50.77
CA PHE E 225 -30.95 -37.77 50.97
C PHE E 225 -30.13 -38.21 49.76
N LYS E 226 -29.35 -37.28 49.21
CA LYS E 226 -28.49 -37.56 48.06
C LYS E 226 -27.08 -37.03 48.33
N ASN E 227 -26.09 -37.62 47.66
CA ASN E 227 -24.69 -37.23 47.81
C ASN E 227 -24.07 -37.17 46.42
N ILE E 228 -23.97 -35.98 45.84
CA ILE E 228 -23.53 -35.82 44.46
C ILE E 228 -22.51 -34.68 44.38
N ASP E 229 -21.32 -34.97 43.86
CA ASP E 229 -20.29 -33.97 43.56
C ASP E 229 -19.98 -33.09 44.78
N GLY E 230 -19.84 -33.72 45.94
CA GLY E 230 -19.51 -33.01 47.15
C GLY E 230 -20.66 -32.33 47.85
N TYR E 231 -21.88 -32.43 47.33
CA TYR E 231 -23.05 -31.82 47.93
C TYR E 231 -23.95 -32.90 48.52
N PHE E 232 -24.32 -32.74 49.77
CA PHE E 232 -25.32 -33.56 50.43
C PHE E 232 -26.65 -32.82 50.34
N LYS E 233 -27.58 -33.36 49.57
CA LYS E 233 -28.83 -32.71 49.25
C LYS E 233 -29.96 -33.33 50.04
N ILE E 234 -30.81 -32.49 50.64
CA ILE E 234 -31.93 -32.93 51.45
C ILE E 234 -33.22 -32.30 50.92
N TYR E 235 -34.19 -33.14 50.59
CA TYR E 235 -35.57 -32.77 50.31
C TYR E 235 -36.48 -33.32 51.41
N SER E 236 -37.60 -32.65 51.66
CA SER E 236 -38.47 -33.12 52.74
C SER E 236 -39.90 -32.64 52.54
N LYS E 237 -40.82 -33.31 53.24
CA LYS E 237 -42.19 -32.83 53.39
C LYS E 237 -42.86 -33.46 54.61
N HIS E 238 -43.72 -32.67 55.25
CA HIS E 238 -44.48 -33.08 56.42
C HIS E 238 -45.97 -33.19 56.06
N THR E 239 -46.62 -34.21 56.59
CA THR E 239 -48.02 -34.48 56.29
C THR E 239 -48.76 -34.92 57.54
N PRO E 240 -49.97 -34.40 57.76
CA PRO E 240 -50.82 -34.93 58.84
C PRO E 240 -51.46 -36.24 58.42
N ILE E 241 -51.43 -37.21 59.34
CA ILE E 241 -51.99 -38.53 59.11
C ILE E 241 -52.74 -38.96 60.36
N ASN E 242 -53.55 -40.00 60.20
CA ASN E 242 -54.24 -40.64 61.33
C ASN E 242 -54.27 -42.13 61.03
N LEU E 243 -53.25 -42.84 61.49
CA LEU E 243 -53.14 -44.27 61.25
C LEU E 243 -52.34 -44.90 62.38
N VAL E 244 -52.25 -46.23 62.35
CA VAL E 244 -51.56 -46.97 63.38
C VAL E 244 -50.31 -47.69 62.85
N ARG E 245 -50.33 -48.19 61.61
CA ARG E 245 -49.17 -49.00 61.17
C ARG E 245 -48.95 -48.96 59.65
N ASP E 246 -47.74 -49.29 59.19
CA ASP E 246 -47.41 -49.39 57.74
C ASP E 246 -47.14 -48.00 57.15
N LEU E 247 -46.70 -47.95 55.88
CA LEU E 247 -46.49 -46.66 55.19
C LEU E 247 -47.79 -46.36 54.44
N PRO E 248 -48.41 -45.17 54.58
CA PRO E 248 -49.71 -44.92 53.95
C PRO E 248 -49.74 -44.73 52.44
N GLN E 249 -50.94 -44.76 51.83
CA GLN E 249 -51.08 -44.50 50.42
C GLN E 249 -50.99 -43.01 50.15
N GLY E 250 -51.05 -42.63 48.88
CA GLY E 250 -51.16 -41.23 48.50
C GLY E 250 -49.93 -40.74 47.75
N PHE E 251 -49.99 -39.45 47.42
CA PHE E 251 -48.96 -38.78 46.64
C PHE E 251 -48.69 -37.42 47.26
N SER E 252 -47.40 -37.07 47.38
CA SER E 252 -47.01 -35.74 47.83
C SER E 252 -45.55 -35.54 47.48
N ALA E 253 -45.26 -34.50 46.70
CA ALA E 253 -43.90 -34.24 46.26
C ALA E 253 -43.12 -33.50 47.34
N LEU E 254 -41.86 -33.90 47.54
CA LEU E 254 -40.99 -33.26 48.51
C LEU E 254 -40.33 -32.04 47.87
N GLU E 255 -40.07 -31.04 48.68
CA GLU E 255 -39.49 -29.80 48.21
C GLU E 255 -38.05 -29.67 48.69
N PRO E 256 -37.20 -28.95 47.94
CA PRO E 256 -35.80 -28.79 48.35
C PRO E 256 -35.70 -28.14 49.72
N LEU E 257 -34.87 -28.72 50.58
CA LEU E 257 -34.69 -28.20 51.91
C LEU E 257 -33.32 -27.60 52.13
N VAL E 258 -32.25 -28.33 51.86
CA VAL E 258 -30.92 -27.79 52.07
C VAL E 258 -29.92 -28.54 51.20
N ASP E 259 -28.76 -27.92 51.00
CA ASP E 259 -27.72 -28.45 50.11
C ASP E 259 -26.37 -28.14 50.73
N LEU E 260 -25.81 -29.11 51.44
CA LEU E 260 -24.63 -28.91 52.27
C LEU E 260 -23.36 -29.26 51.52
N PRO E 261 -22.39 -28.36 51.45
CA PRO E 261 -21.10 -28.68 50.81
C PRO E 261 -20.11 -29.34 51.78
N ILE E 262 -20.28 -30.64 52.00
CA ILE E 262 -19.50 -31.34 53.01
C ILE E 262 -18.24 -31.98 52.43
N GLY E 263 -18.32 -32.53 51.22
CA GLY E 263 -17.18 -33.15 50.57
C GLY E 263 -16.61 -34.40 51.22
N ILE E 264 -17.46 -35.34 51.63
CA ILE E 264 -17.03 -36.58 52.24
C ILE E 264 -17.65 -37.76 51.50
N ASN E 265 -17.15 -38.95 51.82
CA ASN E 265 -17.53 -40.20 51.17
C ASN E 265 -18.47 -40.99 52.07
N ILE E 266 -19.77 -40.72 51.93
CA ILE E 266 -20.78 -41.45 52.70
C ILE E 266 -21.03 -42.81 52.07
N THR E 267 -21.04 -43.86 52.91
CA THR E 267 -21.38 -45.20 52.46
C THR E 267 -22.43 -45.86 53.34
N ARG E 268 -22.49 -45.47 54.61
CA ARG E 268 -23.42 -46.05 55.57
C ARG E 268 -24.06 -44.94 56.40
N PHE E 269 -25.14 -45.26 57.09
CA PHE E 269 -25.80 -44.28 57.93
C PHE E 269 -26.51 -44.98 59.09
N GLN E 270 -26.83 -44.19 60.11
CA GLN E 270 -27.45 -44.75 61.31
C GLN E 270 -28.38 -43.72 61.93
N THR E 271 -29.59 -44.18 62.27
CA THR E 271 -30.64 -43.33 62.83
C THR E 271 -30.43 -43.07 64.31
N LEU E 272 -30.70 -41.85 64.74
CA LEU E 272 -30.57 -41.40 66.12
C LEU E 272 -31.96 -41.20 66.71
N LEU E 273 -32.27 -41.97 67.75
CA LEU E 273 -33.55 -42.01 68.44
C LEU E 273 -33.39 -41.47 69.87
N ALA E 274 -34.51 -41.38 70.58
CA ALA E 274 -34.54 -40.86 71.94
C ALA E 274 -35.20 -41.87 72.87
N LEU E 275 -34.89 -41.74 74.15
CA LEU E 275 -35.35 -42.66 75.18
C LEU E 275 -36.25 -41.94 76.19
N HIS E 276 -37.08 -42.72 76.87
CA HIS E 276 -37.88 -42.23 77.97
C HIS E 276 -37.47 -42.97 79.24
N ARG E 277 -37.24 -42.20 80.31
CA ARG E 277 -36.96 -42.76 81.63
C ARG E 277 -37.86 -42.09 82.66
N SER E 278 -38.30 -42.87 83.63
CA SER E 278 -39.18 -42.35 84.69
C SER E 278 -38.92 -43.16 85.96
N TYR E 279 -39.85 -43.08 86.90
CA TYR E 279 -39.83 -43.94 88.08
C TYR E 279 -40.37 -45.33 87.79
N LEU E 280 -41.02 -45.53 86.64
CA LEU E 280 -41.52 -46.83 86.22
C LEU E 280 -40.51 -47.58 85.37
N THR E 281 -39.29 -47.05 85.24
CA THR E 281 -38.23 -47.65 84.44
C THR E 281 -37.06 -47.99 85.35
N PRO E 282 -37.18 -49.05 86.15
CA PRO E 282 -36.19 -49.32 87.19
C PRO E 282 -34.99 -50.12 86.69
N GLY E 283 -33.80 -49.70 87.05
CA GLY E 283 -32.60 -50.42 86.67
C GLY E 283 -31.40 -49.48 86.67
N ASP E 284 -30.33 -49.96 86.06
CA ASP E 284 -29.13 -49.16 85.86
C ASP E 284 -29.26 -48.37 84.57
N SER E 285 -28.17 -47.77 84.12
CA SER E 285 -28.21 -46.98 82.88
C SER E 285 -28.55 -47.84 81.68
N SER E 286 -28.04 -49.07 81.65
CA SER E 286 -28.17 -49.94 80.48
C SER E 286 -29.46 -50.75 80.46
N SER E 287 -30.27 -50.68 81.51
CA SER E 287 -31.51 -51.46 81.57
C SER E 287 -32.73 -50.68 82.02
N GLY E 288 -32.57 -49.55 82.70
CA GLY E 288 -33.71 -48.79 83.16
C GLY E 288 -34.21 -47.78 82.16
N TRP E 289 -34.87 -48.24 81.11
CA TRP E 289 -35.28 -47.36 80.02
C TRP E 289 -36.47 -47.97 79.30
N THR E 290 -37.46 -47.14 78.98
CA THR E 290 -38.55 -47.54 78.10
C THR E 290 -38.35 -46.86 76.75
N ALA E 291 -39.27 -47.10 75.81
CA ALA E 291 -39.02 -46.82 74.41
C ALA E 291 -39.84 -45.66 73.85
N GLY E 292 -41.17 -45.75 73.90
CA GLY E 292 -42.01 -44.78 73.21
C GLY E 292 -42.19 -45.16 71.76
N ALA E 293 -43.44 -45.28 71.31
CA ALA E 293 -43.73 -45.81 69.99
C ALA E 293 -43.30 -44.86 68.88
N ALA E 294 -42.76 -45.42 67.80
CA ALA E 294 -42.38 -44.69 66.60
C ALA E 294 -42.04 -45.71 65.52
N ALA E 295 -42.14 -45.29 64.25
CA ALA E 295 -41.76 -46.21 63.19
C ALA E 295 -41.06 -45.47 62.06
N TYR E 296 -40.14 -46.16 61.39
CA TYR E 296 -39.50 -45.52 60.25
C TYR E 296 -39.19 -46.54 59.16
N TYR E 297 -39.13 -46.04 57.94
CA TYR E 297 -39.07 -46.85 56.73
C TYR E 297 -37.92 -46.36 55.87
N VAL E 298 -37.16 -47.29 55.29
CA VAL E 298 -35.96 -46.90 54.51
C VAL E 298 -36.08 -47.42 53.07
N GLY E 299 -35.98 -46.53 52.09
CA GLY E 299 -36.02 -46.93 50.67
C GLY E 299 -34.80 -46.39 49.94
N TYR E 300 -34.41 -47.01 48.82
CA TYR E 300 -33.16 -46.58 48.13
C TYR E 300 -33.46 -45.87 46.81
N LEU E 301 -32.44 -45.29 46.19
CA LEU E 301 -32.63 -44.52 44.94
C LEU E 301 -31.99 -45.23 43.74
N GLN E 302 -32.79 -45.88 42.90
CA GLN E 302 -32.30 -46.51 41.68
C GLN E 302 -32.48 -45.57 40.49
N PRO E 303 -31.62 -45.68 39.49
CA PRO E 303 -31.82 -44.91 38.25
C PRO E 303 -32.98 -45.48 37.44
N ARG E 304 -33.85 -44.59 36.97
CA ARG E 304 -35.02 -44.91 36.15
C ARG E 304 -35.50 -43.61 35.54
N THR E 305 -36.37 -43.72 34.54
CA THR E 305 -36.93 -42.57 33.87
C THR E 305 -38.39 -42.40 34.27
N PHE E 306 -38.83 -41.14 34.38
CA PHE E 306 -40.16 -40.80 34.83
C PHE E 306 -40.74 -39.74 33.93
N LEU E 307 -42.08 -39.69 33.88
CA LEU E 307 -42.80 -38.59 33.28
C LEU E 307 -43.45 -37.79 34.39
N LEU E 308 -43.22 -36.48 34.42
CA LEU E 308 -43.73 -35.63 35.48
C LEU E 308 -44.78 -34.69 34.91
N LYS E 309 -45.82 -34.41 35.72
CA LYS E 309 -46.89 -33.44 35.31
C LYS E 309 -46.72 -32.16 36.14
N TYR E 310 -46.61 -30.99 35.49
CA TYR E 310 -46.31 -29.74 36.25
C TYR E 310 -47.52 -28.84 36.55
N ASN E 311 -48.70 -29.06 35.96
CA ASN E 311 -49.94 -28.24 36.19
C ASN E 311 -49.71 -26.75 35.91
N GLU E 312 -50.70 -25.88 36.16
CA GLU E 312 -50.51 -24.44 35.81
C GLU E 312 -49.80 -23.65 36.91
N ASN E 313 -49.72 -24.19 38.13
CA ASN E 313 -49.10 -23.49 39.24
C ASN E 313 -47.66 -23.90 39.49
N GLY E 314 -47.18 -24.92 38.80
CA GLY E 314 -45.82 -25.36 38.93
C GLY E 314 -45.57 -26.49 39.90
N THR E 315 -46.61 -27.20 40.34
CA THR E 315 -46.45 -28.29 41.28
C THR E 315 -46.55 -29.62 40.55
N ILE E 316 -45.75 -30.58 40.99
CA ILE E 316 -45.85 -31.94 40.47
C ILE E 316 -47.07 -32.60 41.08
N THR E 317 -48.06 -32.91 40.25
CA THR E 317 -49.29 -33.52 40.73
C THR E 317 -49.44 -34.98 40.33
N ASP E 318 -48.65 -35.46 39.37
CA ASP E 318 -48.77 -36.85 38.96
C ASP E 318 -47.46 -37.29 38.32
N ALA E 319 -47.27 -38.61 38.25
CA ALA E 319 -46.06 -39.17 37.68
C ALA E 319 -46.37 -40.54 37.09
N VAL E 320 -45.53 -40.93 36.12
CA VAL E 320 -45.56 -42.24 35.52
C VAL E 320 -44.18 -42.86 35.64
N ASP E 321 -44.12 -44.07 36.20
CA ASP E 321 -42.88 -44.85 36.25
C ASP E 321 -42.75 -45.60 34.93
N CYS E 322 -41.80 -45.18 34.11
CA CYS E 322 -41.72 -45.61 32.72
C CYS E 322 -41.27 -47.06 32.57
N ALA E 323 -40.83 -47.72 33.64
CA ALA E 323 -40.33 -49.09 33.54
C ALA E 323 -41.10 -50.05 34.45
N LEU E 324 -42.25 -49.63 34.96
CA LEU E 324 -43.09 -50.50 35.77
C LEU E 324 -43.75 -51.58 34.89
N ASP E 325 -44.46 -51.16 33.86
CA ASP E 325 -45.31 -52.00 33.04
C ASP E 325 -45.11 -51.65 31.57
N PRO E 326 -45.45 -52.56 30.66
CA PRO E 326 -45.54 -52.15 29.24
C PRO E 326 -46.54 -51.04 29.01
N LEU E 327 -47.66 -51.04 29.75
CA LEU E 327 -48.63 -49.96 29.66
C LEU E 327 -48.00 -48.62 30.04
N SER E 328 -47.26 -48.60 31.14
CA SER E 328 -46.54 -47.41 31.54
C SER E 328 -45.52 -47.01 30.49
N GLU E 329 -44.93 -47.98 29.80
CA GLU E 329 -43.98 -47.65 28.76
C GLU E 329 -44.64 -46.97 27.56
N THR E 330 -45.84 -47.44 27.20
CA THR E 330 -46.61 -46.78 26.11
C THR E 330 -46.98 -45.36 26.58
N LYS E 331 -47.41 -45.22 27.84
CA LYS E 331 -47.70 -43.88 28.37
C LYS E 331 -46.48 -42.99 28.23
N CYS E 332 -45.31 -43.52 28.56
CA CYS E 332 -44.07 -42.75 28.51
C CYS E 332 -43.73 -42.36 27.09
N THR E 333 -43.95 -43.26 26.13
CA THR E 333 -43.64 -42.98 24.74
C THR E 333 -44.60 -41.96 24.14
N LEU E 334 -45.90 -42.14 24.35
CA LEU E 334 -46.86 -41.18 23.84
C LEU E 334 -46.78 -39.85 24.56
N LYS E 335 -46.05 -39.78 25.68
CA LYS E 335 -45.96 -38.61 26.53
C LYS E 335 -47.34 -38.09 26.90
N SER E 336 -48.16 -39.00 27.42
CA SER E 336 -49.47 -38.66 27.91
C SER E 336 -49.87 -39.65 29.00
N PHE E 337 -50.83 -39.23 29.81
CA PHE E 337 -51.38 -40.10 30.83
C PHE E 337 -52.59 -40.89 30.35
N THR E 338 -53.02 -40.65 29.12
CA THR E 338 -54.18 -41.32 28.54
C THR E 338 -53.74 -42.07 27.30
N VAL E 339 -54.16 -43.33 27.19
CA VAL E 339 -53.87 -44.19 26.05
C VAL E 339 -55.18 -44.58 25.39
N GLU E 340 -55.26 -44.41 24.09
CA GLU E 340 -56.44 -44.84 23.36
C GLU E 340 -56.37 -46.33 23.03
N LYS E 341 -57.53 -46.87 22.65
CA LYS E 341 -57.61 -48.30 22.25
C LYS E 341 -56.84 -48.48 20.95
N GLY E 342 -55.87 -49.41 20.93
CA GLY E 342 -55.13 -49.69 19.69
C GLY E 342 -53.96 -50.64 19.93
N ILE E 343 -52.91 -50.52 19.12
CA ILE E 343 -51.71 -51.40 19.25
C ILE E 343 -50.48 -50.50 19.38
N TYR E 344 -49.76 -50.58 20.51
CA TYR E 344 -48.63 -49.65 20.71
C TYR E 344 -47.33 -50.45 20.83
N GLN E 345 -46.27 -50.08 20.07
CA GLN E 345 -45.03 -50.90 20.07
C GLN E 345 -44.08 -50.51 21.20
N THR E 346 -44.20 -51.15 22.37
CA THR E 346 -43.35 -50.74 23.51
C THR E 346 -41.90 -51.13 23.18
N SER E 347 -41.46 -52.32 23.58
CA SER E 347 -40.12 -52.85 23.24
C SER E 347 -40.07 -54.29 23.73
N ASN E 348 -39.00 -55.03 23.45
CA ASN E 348 -38.87 -56.38 24.07
C ASN E 348 -38.53 -56.12 25.55
N PHE E 349 -38.12 -57.13 26.33
CA PHE E 349 -37.87 -56.87 27.77
C PHE E 349 -36.88 -55.71 27.80
N ARG E 350 -37.26 -54.59 28.42
CA ARG E 350 -36.41 -53.37 28.40
C ARG E 350 -35.86 -53.07 29.80
N VAL E 351 -34.52 -52.99 29.92
CA VAL E 351 -33.88 -52.62 31.22
C VAL E 351 -33.34 -51.20 31.09
N GLN E 352 -33.79 -50.28 31.95
CA GLN E 352 -33.27 -48.90 31.92
C GLN E 352 -31.74 -48.94 32.11
N PRO E 353 -30.93 -48.16 31.36
CA PRO E 353 -29.47 -48.23 31.47
C PRO E 353 -29.07 -47.73 32.85
N THR E 354 -28.23 -48.50 33.56
CA THR E 354 -27.85 -48.12 34.94
C THR E 354 -26.52 -47.36 34.94
N GLU E 355 -25.73 -47.48 33.87
CA GLU E 355 -24.38 -46.85 33.88
C GLU E 355 -24.05 -46.18 32.55
N SER E 356 -22.86 -45.57 32.45
CA SER E 356 -22.38 -44.94 31.23
C SER E 356 -20.86 -44.93 31.23
N ILE E 357 -20.25 -45.44 30.17
CA ILE E 357 -18.81 -45.56 30.06
C ILE E 357 -18.35 -44.94 28.75
N VAL E 358 -17.14 -44.40 28.75
CA VAL E 358 -16.54 -43.76 27.59
C VAL E 358 -15.12 -44.28 27.42
N ARG E 359 -14.73 -44.50 26.16
CA ARG E 359 -13.41 -45.04 25.84
C ARG E 359 -12.87 -44.37 24.58
N PHE E 360 -11.79 -43.61 24.74
CA PHE E 360 -11.06 -42.96 23.68
C PHE E 360 -9.64 -43.54 23.66
N PRO E 361 -8.89 -43.33 22.58
CA PRO E 361 -7.55 -43.93 22.52
C PRO E 361 -6.67 -43.48 23.67
N ASN E 362 -5.80 -44.39 24.11
CA ASN E 362 -4.89 -44.14 25.23
C ASN E 362 -4.12 -42.84 25.01
N ILE E 363 -3.77 -42.17 26.11
CA ILE E 363 -3.07 -40.90 25.98
C ILE E 363 -1.57 -41.20 25.86
N THR E 364 -1.20 -41.69 24.68
CA THR E 364 0.17 -41.91 24.22
C THR E 364 0.15 -41.78 22.71
N ASN E 365 1.14 -42.36 22.05
CA ASN E 365 1.10 -42.61 20.60
C ASN E 365 0.58 -41.39 19.83
N LEU E 366 1.25 -40.26 20.01
CA LEU E 366 0.79 -39.05 19.37
C LEU E 366 1.05 -39.12 17.87
N CYS E 367 0.37 -38.23 17.14
CA CYS E 367 0.63 -38.13 15.71
C CYS E 367 2.05 -37.65 15.46
N PRO E 368 2.73 -38.20 14.46
CA PRO E 368 4.04 -37.66 14.10
C PRO E 368 3.94 -36.30 13.45
N PHE E 369 3.59 -35.28 14.24
CA PHE E 369 3.70 -33.91 13.75
C PHE E 369 5.15 -33.51 13.58
N GLY E 370 6.06 -34.13 14.33
CA GLY E 370 7.47 -33.83 14.16
C GLY E 370 7.99 -34.24 12.80
N GLU E 371 7.63 -35.44 12.33
CA GLU E 371 8.12 -35.94 11.07
C GLU E 371 7.54 -35.21 9.87
N VAL E 372 6.63 -34.27 10.09
CA VAL E 372 6.11 -33.41 9.04
C VAL E 372 6.62 -31.99 9.18
N PHE E 373 6.67 -31.47 10.40
CA PHE E 373 7.10 -30.09 10.62
C PHE E 373 8.62 -30.00 10.71
N ASN E 374 9.24 -30.86 11.52
CA ASN E 374 10.69 -30.84 11.73
C ASN E 374 11.28 -31.98 10.92
N ALA E 375 11.63 -31.69 9.66
CA ALA E 375 12.24 -32.66 8.77
C ALA E 375 13.50 -32.06 8.17
N THR E 376 14.35 -32.93 7.62
CA THR E 376 15.60 -32.48 7.03
C THR E 376 15.36 -31.77 5.70
N ARG E 377 14.55 -32.37 4.82
CA ARG E 377 14.33 -31.82 3.50
C ARG E 377 12.85 -31.91 3.13
N PHE E 378 12.28 -30.80 2.68
CA PHE E 378 10.96 -30.80 2.09
C PHE E 378 11.07 -30.91 0.58
N ALA E 379 10.08 -31.55 -0.03
CA ALA E 379 10.11 -31.76 -1.47
C ALA E 379 9.83 -30.44 -2.21
N SER E 380 10.06 -30.46 -3.51
CA SER E 380 9.76 -29.31 -4.34
C SER E 380 8.26 -29.23 -4.59
N VAL E 381 7.82 -28.05 -5.06
CA VAL E 381 6.38 -27.82 -5.17
C VAL E 381 5.77 -28.61 -6.33
N TYR E 382 6.56 -28.93 -7.36
CA TYR E 382 6.00 -29.68 -8.47
C TYR E 382 5.61 -31.09 -8.07
N ALA E 383 6.40 -31.73 -7.18
CA ALA E 383 6.07 -33.03 -6.61
C ALA E 383 6.13 -32.90 -5.08
N TRP E 384 5.06 -32.39 -4.48
CA TRP E 384 4.98 -32.23 -3.04
C TRP E 384 4.90 -33.58 -2.35
N ASN E 385 5.12 -33.58 -1.04
CA ASN E 385 5.05 -34.82 -0.25
C ASN E 385 3.72 -34.88 0.48
N ARG E 386 3.00 -35.99 0.32
CA ARG E 386 1.72 -36.21 0.99
C ARG E 386 1.84 -37.31 2.02
N LYS E 387 1.28 -37.09 3.21
CA LYS E 387 1.35 -38.06 4.29
C LYS E 387 -0.01 -38.19 4.97
N ARG E 388 -0.36 -39.42 5.37
CA ARG E 388 -1.63 -39.70 6.03
C ARG E 388 -1.36 -40.17 7.46
N ILE E 389 -1.81 -39.38 8.44
CA ILE E 389 -1.65 -39.68 9.86
C ILE E 389 -2.98 -40.16 10.43
N SER E 390 -2.97 -41.31 11.10
CA SER E 390 -4.21 -41.89 11.62
C SER E 390 -3.91 -42.82 12.77
N ASN E 391 -4.97 -43.07 13.58
CA ASN E 391 -4.88 -43.82 14.84
C ASN E 391 -3.97 -43.14 15.86
N CYS E 392 -4.13 -41.83 16.01
CA CYS E 392 -3.39 -41.07 17.00
C CYS E 392 -4.33 -40.17 17.78
N VAL E 393 -3.87 -39.74 18.95
CA VAL E 393 -4.47 -38.60 19.66
C VAL E 393 -3.67 -37.37 19.23
N ALA E 394 -4.15 -36.69 18.21
CA ALA E 394 -3.59 -35.40 17.83
C ALA E 394 -3.92 -34.35 18.90
N ASP E 395 -2.89 -33.75 19.47
CA ASP E 395 -3.03 -32.48 20.17
C ASP E 395 -2.60 -31.37 19.21
N TYR E 396 -3.36 -30.29 19.19
CA TYR E 396 -3.11 -29.18 18.27
C TYR E 396 -2.40 -28.03 18.99
N SER E 397 -1.25 -28.34 19.57
CA SER E 397 -0.40 -27.33 20.20
C SER E 397 0.47 -26.59 19.19
N VAL E 398 0.40 -26.96 17.92
CA VAL E 398 1.22 -26.32 16.89
C VAL E 398 0.82 -24.85 16.71
N LEU E 399 -0.44 -24.52 16.99
CA LEU E 399 -0.95 -23.18 16.68
C LEU E 399 -0.17 -22.10 17.44
N TYR E 400 0.17 -22.36 18.71
CA TYR E 400 1.08 -21.47 19.41
C TYR E 400 2.38 -21.33 18.63
N ASN E 401 2.89 -20.11 18.52
CA ASN E 401 4.11 -19.87 17.75
C ASN E 401 5.31 -20.29 18.59
N SER E 402 5.37 -21.59 18.87
CA SER E 402 6.51 -22.16 19.57
C SER E 402 7.80 -21.97 18.78
N ALA E 403 7.73 -22.16 17.47
CA ALA E 403 8.74 -21.68 16.53
C ALA E 403 8.15 -20.55 15.70
N SER E 404 8.93 -20.07 14.74
CA SER E 404 8.44 -19.06 13.84
C SER E 404 7.24 -19.58 13.06
N PHE E 405 6.17 -18.80 13.03
CA PHE E 405 4.96 -19.15 12.29
C PHE E 405 4.42 -17.87 11.67
N SER E 406 4.74 -17.65 10.40
CA SER E 406 4.30 -16.43 9.73
C SER E 406 2.80 -16.40 9.53
N THR E 407 2.19 -17.52 9.16
CA THR E 407 0.78 -17.53 8.78
C THR E 407 0.06 -18.70 9.43
N PHE E 408 -1.26 -18.54 9.60
CA PHE E 408 -2.11 -19.60 10.11
C PHE E 408 -3.54 -19.21 9.70
N LYS E 409 -4.05 -19.81 8.62
CA LYS E 409 -5.32 -19.36 8.07
C LYS E 409 -6.51 -20.19 8.54
N CYS E 410 -6.50 -21.49 8.29
CA CYS E 410 -7.56 -22.40 8.76
C CYS E 410 -8.93 -21.97 8.24
N TYR E 411 -9.08 -22.11 6.92
CA TYR E 411 -10.39 -21.97 6.29
C TYR E 411 -11.33 -23.09 6.71
N GLY E 412 -12.57 -22.74 7.06
CA GLY E 412 -13.65 -23.69 7.16
C GLY E 412 -13.84 -24.34 8.51
N VAL E 413 -12.81 -24.41 9.35
CA VAL E 413 -12.91 -25.09 10.64
C VAL E 413 -12.05 -24.35 11.65
N SER E 414 -12.60 -24.15 12.84
CA SER E 414 -11.89 -23.42 13.88
C SER E 414 -10.87 -24.33 14.54
N PRO E 415 -9.57 -23.97 14.52
CA PRO E 415 -8.59 -24.79 15.24
C PRO E 415 -8.78 -24.80 16.74
N THR E 416 -9.24 -23.69 17.34
CA THR E 416 -9.42 -23.64 18.78
C THR E 416 -10.37 -24.74 19.25
N LYS E 417 -11.56 -24.82 18.67
CA LYS E 417 -12.56 -25.79 19.07
C LYS E 417 -12.42 -27.11 18.33
N LEU E 418 -11.40 -27.23 17.47
CA LEU E 418 -11.18 -28.44 16.70
C LEU E 418 -10.87 -29.63 17.59
N ASN E 419 -10.29 -29.39 18.77
CA ASN E 419 -9.82 -30.47 19.62
C ASN E 419 -10.95 -31.41 20.03
N ASP E 420 -12.11 -30.86 20.38
CA ASP E 420 -13.21 -31.68 20.91
C ASP E 420 -13.81 -32.64 19.88
N LEU E 421 -13.48 -32.53 18.60
CA LEU E 421 -14.10 -33.36 17.57
C LEU E 421 -13.18 -34.51 17.17
N CYS E 422 -13.80 -35.53 16.58
CA CYS E 422 -13.12 -36.76 16.16
C CYS E 422 -13.16 -36.83 14.64
N PHE E 423 -12.00 -36.75 14.01
CA PHE E 423 -11.87 -36.66 12.56
C PHE E 423 -11.27 -37.94 11.97
N THR E 424 -11.22 -37.97 10.64
CA THR E 424 -10.74 -39.13 9.89
C THR E 424 -9.57 -38.72 9.00
N ASN E 425 -8.41 -39.34 9.23
CA ASN E 425 -7.24 -39.28 8.33
C ASN E 425 -6.91 -37.89 7.81
N VAL E 426 -6.47 -36.99 8.68
CA VAL E 426 -6.10 -35.64 8.30
C VAL E 426 -4.80 -35.71 7.49
N TYR E 427 -4.91 -35.49 6.19
CA TYR E 427 -3.73 -35.51 5.32
C TYR E 427 -2.87 -34.27 5.50
N ALA E 428 -1.55 -34.44 5.41
CA ALA E 428 -0.61 -33.32 5.46
C ALA E 428 0.19 -33.25 4.17
N ASP E 429 0.22 -32.08 3.54
CA ASP E 429 0.95 -31.87 2.30
C ASP E 429 2.08 -30.87 2.54
N SER E 430 3.30 -31.23 2.15
CA SER E 430 4.47 -30.41 2.45
C SER E 430 5.24 -30.07 1.18
N PHE E 431 5.63 -28.78 1.05
CA PHE E 431 6.43 -28.32 -0.08
C PHE E 431 7.15 -27.03 0.30
N VAL E 432 8.01 -26.57 -0.62
CA VAL E 432 8.77 -25.32 -0.46
C VAL E 432 8.45 -24.38 -1.60
N ILE E 433 8.04 -23.15 -1.28
CA ILE E 433 7.67 -22.17 -2.30
C ILE E 433 8.36 -20.84 -2.00
N ARG E 434 8.29 -19.93 -2.98
CA ARG E 434 8.95 -18.65 -2.89
C ARG E 434 8.08 -17.68 -2.08
N GLY E 435 8.71 -16.58 -1.64
CA GLY E 435 8.08 -15.74 -0.63
C GLY E 435 6.79 -15.07 -1.09
N ASP E 436 6.79 -14.54 -2.31
CA ASP E 436 5.61 -13.85 -2.82
C ASP E 436 4.42 -14.79 -2.95
N GLU E 437 4.65 -16.01 -3.43
CA GLU E 437 3.58 -16.88 -3.89
C GLU E 437 2.85 -17.60 -2.76
N VAL E 438 3.18 -17.30 -1.49
CA VAL E 438 2.52 -17.97 -0.38
C VAL E 438 1.03 -17.66 -0.40
N ARG E 439 0.67 -16.46 -0.85
CA ARG E 439 -0.74 -16.10 -0.95
C ARG E 439 -1.49 -17.04 -1.88
N GLN E 440 -0.86 -17.43 -2.99
CA GLN E 440 -1.54 -18.26 -3.99
C GLN E 440 -2.02 -19.60 -3.45
N ILE E 441 -1.63 -19.99 -2.25
CA ILE E 441 -2.13 -21.24 -1.64
C ILE E 441 -3.39 -20.85 -0.87
N ALA E 442 -4.47 -20.65 -1.61
CA ALA E 442 -5.78 -20.34 -1.03
C ALA E 442 -6.84 -20.83 -2.00
N PRO E 443 -8.05 -21.11 -1.51
CA PRO E 443 -9.14 -21.48 -2.43
C PRO E 443 -9.54 -20.30 -3.30
N GLY E 444 -9.44 -20.47 -4.61
CA GLY E 444 -9.81 -19.43 -5.54
C GLY E 444 -8.69 -18.46 -5.92
N GLN E 445 -7.48 -18.98 -6.10
CA GLN E 445 -6.36 -18.19 -6.57
C GLN E 445 -5.99 -18.56 -8.00
N THR E 446 -5.46 -17.59 -8.73
CA THR E 446 -5.13 -17.75 -10.15
C THR E 446 -3.68 -17.30 -10.36
N GLY E 447 -2.77 -18.26 -10.44
CA GLY E 447 -1.37 -17.98 -10.68
C GLY E 447 -0.67 -19.25 -11.11
N LYS E 448 0.62 -19.10 -11.44
CA LYS E 448 1.39 -20.25 -11.93
C LYS E 448 1.40 -21.38 -10.91
N ILE E 449 1.52 -21.07 -9.63
CA ILE E 449 1.45 -22.09 -8.60
C ILE E 449 0.08 -22.76 -8.59
N ALA E 450 -0.98 -21.96 -8.55
CA ALA E 450 -2.34 -22.49 -8.41
C ALA E 450 -3.01 -22.78 -9.73
N ASP E 451 -2.24 -23.00 -10.78
CA ASP E 451 -2.75 -23.43 -12.08
C ASP E 451 -2.05 -24.68 -12.59
N TYR E 452 -0.74 -24.82 -12.34
CA TYR E 452 0.02 -25.94 -12.86
C TYR E 452 0.77 -26.72 -11.79
N ASN E 453 0.82 -26.26 -10.54
CA ASN E 453 1.61 -26.93 -9.52
C ASN E 453 0.76 -27.53 -8.40
N TYR E 454 -0.05 -26.72 -7.72
CA TYR E 454 -0.84 -27.21 -6.60
C TYR E 454 -2.15 -26.43 -6.55
N LYS E 455 -3.27 -27.12 -6.78
CA LYS E 455 -4.57 -26.47 -6.88
C LYS E 455 -5.47 -26.97 -5.76
N LEU E 456 -6.03 -26.03 -4.99
CA LEU E 456 -6.92 -26.21 -3.85
C LEU E 456 -8.38 -26.23 -4.31
N PRO E 457 -9.20 -27.12 -3.74
CA PRO E 457 -10.61 -27.15 -4.12
C PRO E 457 -11.32 -25.88 -3.68
N ASP E 458 -12.42 -25.57 -4.37
CA ASP E 458 -13.16 -24.35 -4.08
C ASP E 458 -13.65 -24.33 -2.63
N ASP E 459 -14.26 -25.42 -2.18
CA ASP E 459 -14.60 -25.60 -0.78
C ASP E 459 -13.44 -26.28 -0.06
N PHE E 460 -12.85 -25.59 0.91
CA PHE E 460 -11.67 -26.09 1.62
C PHE E 460 -11.97 -26.11 3.12
N THR E 461 -11.60 -27.21 3.78
CA THR E 461 -11.80 -27.39 5.21
C THR E 461 -10.49 -27.75 5.89
N GLY E 462 -9.49 -26.89 5.76
CA GLY E 462 -8.16 -27.22 6.25
C GLY E 462 -7.41 -26.09 6.91
N CYS E 463 -6.08 -26.07 6.79
CA CYS E 463 -5.26 -25.11 7.52
C CYS E 463 -3.93 -24.95 6.80
N VAL E 464 -3.65 -23.75 6.31
CA VAL E 464 -2.42 -23.45 5.59
C VAL E 464 -1.39 -22.91 6.56
N ILE E 465 -0.22 -23.54 6.63
CA ILE E 465 0.85 -23.15 7.55
C ILE E 465 2.08 -22.83 6.72
N ALA E 466 2.61 -21.62 6.87
CA ALA E 466 3.81 -21.21 6.15
C ALA E 466 4.78 -20.54 7.11
N TRP E 467 6.06 -20.92 7.05
CA TRP E 467 7.07 -20.21 7.83
C TRP E 467 8.33 -20.03 6.99
N ASN E 468 9.20 -19.15 7.48
CA ASN E 468 10.41 -18.76 6.77
C ASN E 468 11.62 -19.42 7.41
N SER E 469 12.50 -19.99 6.58
CA SER E 469 13.76 -20.57 7.03
C SER E 469 14.82 -20.15 6.01
N ASN E 470 15.41 -18.98 6.23
CA ASN E 470 16.46 -18.48 5.35
C ASN E 470 17.76 -19.24 5.57
N ASN E 471 17.99 -19.73 6.79
CA ASN E 471 19.29 -20.30 7.13
C ASN E 471 19.51 -21.67 6.54
N LEU E 472 18.44 -22.45 6.36
CA LEU E 472 18.56 -23.81 5.84
C LEU E 472 18.53 -23.90 4.32
N ASP E 473 17.95 -22.92 3.63
CA ASP E 473 17.71 -23.03 2.19
C ASP E 473 18.46 -22.00 1.36
N SER E 474 19.44 -21.30 1.91
CA SER E 474 20.15 -20.25 1.19
C SER E 474 21.65 -20.51 1.26
N LYS E 475 22.15 -21.30 0.32
CA LYS E 475 23.58 -21.45 0.14
C LYS E 475 24.14 -20.18 -0.51
N VAL E 476 25.35 -19.78 -0.07
CA VAL E 476 25.96 -18.57 -0.62
C VAL E 476 26.16 -18.71 -2.12
N GLY E 477 26.48 -19.92 -2.60
CA GLY E 477 26.45 -20.18 -4.03
C GLY E 477 25.05 -20.11 -4.61
N GLY E 478 24.07 -20.65 -3.88
CA GLY E 478 22.69 -20.66 -4.35
C GLY E 478 22.08 -22.05 -4.38
N ASN E 479 20.97 -22.23 -3.67
CA ASN E 479 20.27 -23.52 -3.64
C ASN E 479 19.39 -23.61 -4.88
N TYR E 480 19.92 -24.24 -5.92
CA TYR E 480 19.21 -24.39 -7.18
C TYR E 480 18.49 -25.73 -7.32
N ASN E 481 18.46 -26.53 -6.26
CA ASN E 481 17.79 -27.84 -6.31
C ASN E 481 16.28 -27.77 -6.11
N TYR E 482 15.71 -26.58 -5.93
CA TYR E 482 14.27 -26.42 -5.80
C TYR E 482 13.71 -25.91 -7.11
N LEU E 483 12.78 -26.67 -7.70
CA LEU E 483 12.27 -26.37 -9.03
C LEU E 483 10.74 -26.32 -9.01
N TYR E 484 10.17 -25.76 -10.08
CA TYR E 484 8.72 -25.73 -10.23
C TYR E 484 8.37 -25.77 -11.72
N ARG E 485 7.15 -26.21 -11.99
CA ARG E 485 6.67 -26.32 -13.38
C ARG E 485 6.14 -25.00 -13.88
N LEU E 486 6.62 -24.57 -15.05
CA LEU E 486 6.26 -23.29 -15.64
C LEU E 486 5.28 -23.43 -16.79
N PHE E 487 5.57 -24.27 -17.77
CA PHE E 487 4.73 -24.44 -18.95
C PHE E 487 3.97 -25.75 -18.84
N ARG E 488 2.64 -25.67 -18.95
CA ARG E 488 1.82 -26.87 -18.97
C ARG E 488 0.73 -26.69 -20.01
N LYS E 489 0.14 -27.81 -20.43
CA LYS E 489 -0.88 -27.76 -21.47
C LYS E 489 -2.21 -27.23 -20.94
N SER E 490 -2.66 -27.74 -19.79
CA SER E 490 -3.93 -27.34 -19.20
C SER E 490 -3.78 -27.24 -17.69
N ASN E 491 -4.79 -26.64 -17.06
CA ASN E 491 -4.77 -26.45 -15.61
C ASN E 491 -4.93 -27.79 -14.90
N LEU E 492 -4.69 -27.77 -13.59
CA LEU E 492 -4.67 -28.98 -12.76
C LEU E 492 -6.00 -29.15 -12.03
N LYS E 493 -6.60 -30.33 -12.16
CA LYS E 493 -7.73 -30.69 -11.33
C LYS E 493 -7.29 -30.75 -9.87
N PRO E 494 -8.17 -30.41 -8.93
CA PRO E 494 -7.80 -30.37 -7.50
C PRO E 494 -6.97 -31.55 -7.02
N PHE E 495 -5.82 -31.23 -6.41
CA PHE E 495 -4.91 -32.22 -5.84
C PHE E 495 -4.47 -33.28 -6.85
N GLU E 496 -3.99 -32.82 -8.00
CA GLU E 496 -3.40 -33.71 -8.99
C GLU E 496 -1.92 -33.37 -9.15
N ARG E 497 -1.05 -34.37 -9.00
CA ARG E 497 0.39 -34.19 -9.14
C ARG E 497 0.80 -34.75 -10.50
N ASP E 498 1.25 -33.86 -11.39
CA ASP E 498 1.71 -34.23 -12.72
C ASP E 498 3.22 -34.04 -12.78
N ILE E 499 3.96 -35.10 -12.47
CA ILE E 499 5.41 -35.08 -12.49
C ILE E 499 5.87 -35.67 -13.83
N SER E 500 6.28 -34.79 -14.74
CA SER E 500 6.73 -35.20 -16.06
C SER E 500 7.87 -34.30 -16.51
N THR E 501 8.72 -34.84 -17.38
CA THR E 501 9.81 -34.06 -17.96
C THR E 501 9.75 -34.08 -19.48
N GLU E 502 8.59 -33.75 -20.05
CA GLU E 502 8.46 -33.71 -21.50
C GLU E 502 9.01 -32.38 -22.01
N ILE E 503 9.02 -32.20 -23.32
CA ILE E 503 9.43 -30.95 -23.94
C ILE E 503 8.19 -30.26 -24.47
N TYR E 504 7.86 -29.10 -23.88
CA TYR E 504 6.62 -28.40 -24.20
C TYR E 504 6.67 -27.87 -25.62
N GLN E 505 5.69 -28.26 -26.44
CA GLN E 505 5.57 -27.76 -27.81
C GLN E 505 4.78 -26.46 -27.78
N ALA E 506 5.48 -25.33 -27.77
CA ALA E 506 4.85 -24.03 -27.71
C ALA E 506 4.49 -23.49 -29.08
N GLY E 507 4.84 -24.20 -30.14
CA GLY E 507 4.56 -23.78 -31.50
C GLY E 507 4.53 -25.00 -32.41
N SER E 508 4.13 -24.77 -33.65
CA SER E 508 3.94 -25.87 -34.59
C SER E 508 5.27 -26.42 -35.08
N THR E 509 6.22 -26.63 -34.17
CA THR E 509 7.51 -27.24 -34.49
C THR E 509 7.62 -28.61 -33.84
N PRO E 510 7.51 -29.70 -34.60
CA PRO E 510 7.75 -31.03 -34.02
C PRO E 510 9.24 -31.25 -33.81
N CYS E 511 9.72 -30.86 -32.63
CA CYS E 511 11.14 -30.82 -32.33
C CYS E 511 11.68 -32.08 -31.63
N ASN E 512 10.83 -33.04 -31.34
CA ASN E 512 11.21 -34.36 -30.81
C ASN E 512 12.25 -34.26 -29.69
N GLY E 513 11.88 -33.54 -28.63
CA GLY E 513 12.72 -33.47 -27.45
C GLY E 513 14.14 -32.97 -27.63
N VAL E 514 14.32 -31.87 -28.37
CA VAL E 514 15.64 -31.29 -28.56
C VAL E 514 15.78 -29.92 -27.91
N GLU E 515 14.68 -29.38 -27.34
CA GLU E 515 14.71 -28.12 -26.61
C GLU E 515 15.24 -26.99 -27.49
N GLY E 516 14.76 -26.92 -28.72
CA GLY E 516 15.20 -25.94 -29.68
C GLY E 516 14.32 -24.70 -29.67
N PHE E 517 14.38 -23.97 -30.78
CA PHE E 517 13.55 -22.78 -30.94
C PHE E 517 12.07 -23.17 -30.92
N ASN E 518 11.32 -22.55 -30.00
CA ASN E 518 9.87 -22.72 -29.77
C ASN E 518 9.56 -23.96 -28.95
N CYS E 519 10.57 -24.67 -28.46
CA CYS E 519 10.40 -25.81 -27.57
C CYS E 519 11.19 -25.56 -26.30
N TYR E 520 10.51 -25.47 -25.17
CA TYR E 520 11.15 -25.19 -23.89
C TYR E 520 11.15 -26.43 -23.01
N PHE E 521 11.67 -26.26 -21.80
CA PHE E 521 11.72 -27.29 -20.77
C PHE E 521 10.84 -26.79 -19.64
N PRO E 522 9.82 -27.54 -19.19
CA PRO E 522 8.87 -26.96 -18.23
C PRO E 522 9.48 -26.64 -16.87
N LEU E 523 10.27 -27.54 -16.31
CA LEU E 523 10.88 -27.30 -15.00
C LEU E 523 11.96 -26.24 -15.08
N GLN E 524 12.00 -25.37 -14.06
CA GLN E 524 13.04 -24.35 -13.98
C GLN E 524 13.33 -24.05 -12.52
N SER E 525 14.62 -23.95 -12.21
CA SER E 525 15.12 -23.85 -10.84
C SER E 525 14.71 -22.52 -10.19
N TYR E 526 14.94 -22.47 -8.87
CA TYR E 526 14.69 -21.30 -8.05
C TYR E 526 16.04 -20.71 -7.64
N GLY E 527 16.17 -19.38 -7.76
CA GLY E 527 17.37 -18.73 -7.28
C GLY E 527 17.23 -18.24 -5.86
N PHE E 528 17.99 -18.82 -4.94
CA PHE E 528 17.94 -18.48 -3.53
C PHE E 528 19.31 -17.98 -3.07
N GLN E 529 19.33 -16.79 -2.49
CA GLN E 529 20.57 -16.20 -1.97
C GLN E 529 20.29 -15.55 -0.62
N PRO E 530 21.21 -15.69 0.34
CA PRO E 530 20.99 -15.04 1.64
C PRO E 530 20.95 -13.52 1.56
N THR E 531 21.74 -12.92 0.69
CA THR E 531 21.75 -11.46 0.50
C THR E 531 20.70 -11.05 -0.54
N ASN E 532 19.45 -11.43 -0.26
CA ASN E 532 18.36 -11.20 -1.18
C ASN E 532 17.16 -10.65 -0.40
N GLY E 533 16.20 -10.10 -1.14
CA GLY E 533 15.05 -9.47 -0.52
C GLY E 533 14.11 -10.47 0.12
N VAL E 534 13.23 -9.95 0.98
CA VAL E 534 12.23 -10.78 1.64
C VAL E 534 11.30 -11.42 0.62
N GLY E 535 10.95 -10.68 -0.43
CA GLY E 535 10.00 -11.20 -1.41
C GLY E 535 10.49 -12.46 -2.10
N TYR E 536 11.77 -12.53 -2.40
CA TYR E 536 12.36 -13.70 -3.03
C TYR E 536 13.12 -14.55 -2.01
N GLN E 537 12.40 -15.10 -1.03
CA GLN E 537 13.00 -15.97 -0.04
C GLN E 537 12.28 -17.32 0.01
N PRO E 538 12.92 -18.35 0.59
CA PRO E 538 12.28 -19.67 0.66
C PRO E 538 11.37 -19.87 1.86
N TYR E 539 10.06 -19.99 1.63
CA TYR E 539 9.09 -20.27 2.66
C TYR E 539 8.66 -21.73 2.59
N ARG E 540 8.85 -22.46 3.68
CA ARG E 540 8.36 -23.83 3.75
C ARG E 540 6.89 -23.83 4.14
N VAL E 541 6.10 -24.70 3.50
CA VAL E 541 4.66 -24.72 3.69
C VAL E 541 4.19 -26.14 3.97
N VAL E 542 3.17 -26.24 4.84
CA VAL E 542 2.47 -27.48 5.16
C VAL E 542 0.97 -27.19 5.21
N VAL E 543 0.19 -27.99 4.49
CA VAL E 543 -1.24 -27.80 4.32
C VAL E 543 -1.98 -28.98 4.95
N LEU E 544 -2.62 -28.75 6.09
CA LEU E 544 -3.43 -29.76 6.76
C LEU E 544 -4.81 -29.82 6.12
N SER E 545 -5.24 -31.02 5.72
CA SER E 545 -6.55 -31.22 5.09
C SER E 545 -7.34 -32.24 5.89
N PHE E 546 -8.44 -31.79 6.50
CA PHE E 546 -9.32 -32.66 7.28
C PHE E 546 -10.51 -33.12 6.46
N GLU E 547 -10.75 -34.43 6.44
CA GLU E 547 -11.90 -35.01 5.75
C GLU E 547 -12.62 -35.93 6.74
N LEU E 548 -13.90 -36.20 6.46
CA LEU E 548 -14.69 -37.05 7.35
C LEU E 548 -15.75 -37.77 6.52
N LEU E 549 -15.61 -39.09 6.38
CA LEU E 549 -16.59 -39.88 5.64
C LEU E 549 -17.22 -40.95 6.54
N HIS E 550 -16.49 -42.01 6.88
CA HIS E 550 -17.03 -43.07 7.72
C HIS E 550 -15.89 -43.67 8.53
N ALA E 551 -16.23 -44.51 9.51
CA ALA E 551 -15.22 -45.12 10.41
C ALA E 551 -14.32 -44.01 10.99
N PRO E 552 -14.82 -43.13 11.88
CA PRO E 552 -14.02 -42.01 12.40
C PRO E 552 -13.11 -42.44 13.56
N ALA E 553 -12.88 -43.75 13.70
CA ALA E 553 -11.98 -44.24 14.77
C ALA E 553 -10.53 -44.17 14.27
N THR E 554 -10.03 -42.96 14.03
CA THR E 554 -8.62 -42.78 13.58
C THR E 554 -8.03 -41.61 14.37
N VAL E 555 -8.40 -40.38 14.01
CA VAL E 555 -7.92 -39.21 14.75
C VAL E 555 -9.00 -38.84 15.76
N CYS E 556 -8.60 -38.58 17.01
CA CYS E 556 -9.57 -38.21 18.02
C CYS E 556 -8.88 -37.42 19.11
N GLY E 557 -9.32 -36.19 19.35
CA GLY E 557 -8.69 -35.31 20.30
C GLY E 557 -8.63 -35.88 21.71
N PRO E 558 -7.57 -35.53 22.45
CA PRO E 558 -7.33 -36.14 23.77
C PRO E 558 -8.49 -36.04 24.75
N LYS E 559 -9.01 -37.17 25.19
CA LYS E 559 -10.07 -37.18 26.19
C LYS E 559 -9.90 -38.42 27.06
N LYS E 560 -10.13 -38.27 28.36
CA LYS E 560 -9.96 -39.37 29.29
C LYS E 560 -11.05 -40.42 29.11
N SER E 561 -10.74 -41.63 29.59
CA SER E 561 -11.62 -42.78 29.47
C SER E 561 -11.85 -43.41 30.84
N THR E 562 -12.81 -44.32 30.90
CA THR E 562 -13.18 -45.04 32.10
C THR E 562 -12.96 -46.54 31.89
N ASN E 563 -13.51 -47.34 32.81
CA ASN E 563 -13.32 -48.78 32.75
C ASN E 563 -14.32 -49.42 31.79
N LEU E 564 -14.10 -50.70 31.49
CA LEU E 564 -14.95 -51.47 30.60
C LEU E 564 -15.68 -52.56 31.38
N VAL E 565 -16.99 -52.68 31.13
CA VAL E 565 -17.82 -53.70 31.83
C VAL E 565 -18.46 -54.61 30.80
N LYS E 566 -18.95 -55.79 31.23
CA LYS E 566 -19.63 -56.74 30.31
C LYS E 566 -21.01 -57.15 30.87
N ASN E 567 -21.96 -57.53 30.02
CA ASN E 567 -23.27 -58.10 30.47
C ASN E 567 -24.19 -57.17 31.27
N LYS E 568 -24.35 -55.90 30.88
CA LYS E 568 -25.33 -55.00 31.55
C LYS E 568 -25.95 -54.09 30.50
N CYS E 569 -26.91 -53.24 30.89
CA CYS E 569 -27.41 -52.22 29.93
C CYS E 569 -26.66 -50.94 30.32
N VAL E 570 -25.66 -50.54 29.54
CA VAL E 570 -24.80 -49.39 29.95
C VAL E 570 -24.69 -48.42 28.78
N ASN E 571 -24.67 -47.11 29.07
CA ASN E 571 -24.47 -46.12 27.97
C ASN E 571 -23.02 -46.19 27.51
N PHE E 572 -22.80 -46.47 26.22
CA PHE E 572 -21.46 -46.61 25.66
C PHE E 572 -21.16 -45.43 24.77
N ASN E 573 -19.86 -45.09 24.70
CA ASN E 573 -19.39 -43.99 23.80
C ASN E 573 -17.98 -44.36 23.34
N PHE E 574 -17.84 -44.92 22.13
CA PHE E 574 -16.51 -45.43 21.69
C PHE E 574 -15.93 -44.58 20.56
N ASN E 575 -14.87 -43.83 20.83
CA ASN E 575 -14.17 -43.05 19.77
C ASN E 575 -15.16 -42.15 19.03
N GLY E 576 -16.09 -41.51 19.77
CA GLY E 576 -17.02 -40.55 19.14
C GLY E 576 -18.33 -41.19 18.71
N LEU E 577 -18.53 -42.49 18.94
CA LEU E 577 -19.83 -43.12 18.62
C LEU E 577 -20.54 -43.53 19.92
N THR E 578 -21.73 -42.97 20.21
CA THR E 578 -22.39 -43.23 21.51
C THR E 578 -23.54 -44.23 21.36
N GLY E 579 -24.11 -44.69 22.47
CA GLY E 579 -25.25 -45.58 22.40
C GLY E 579 -25.56 -46.19 23.74
N THR E 580 -26.65 -46.99 23.80
CA THR E 580 -26.99 -47.72 25.05
C THR E 580 -27.09 -49.21 24.72
N GLY E 581 -26.11 -50.04 25.13
CA GLY E 581 -26.17 -51.46 24.73
C GLY E 581 -25.37 -52.41 25.60
N VAL E 582 -25.75 -53.70 25.62
CA VAL E 582 -24.98 -54.74 26.36
C VAL E 582 -23.65 -55.01 25.64
N LEU E 583 -22.54 -55.16 26.37
CA LEU E 583 -21.30 -55.51 25.69
C LEU E 583 -20.90 -56.94 26.02
N THR E 584 -20.56 -57.71 25.00
CA THR E 584 -20.14 -59.09 25.19
C THR E 584 -18.90 -59.37 24.37
N GLU E 585 -18.17 -60.43 24.74
CA GLU E 585 -17.01 -60.84 23.97
C GLU E 585 -17.45 -61.42 22.64
N SER E 586 -16.74 -61.01 21.58
CA SER E 586 -17.17 -61.40 20.22
C SER E 586 -16.11 -62.22 19.49
N ASN E 587 -16.54 -63.20 18.69
CA ASN E 587 -15.68 -64.06 17.90
C ASN E 587 -15.32 -63.47 16.55
N LYS E 588 -15.86 -62.28 16.27
CA LYS E 588 -15.61 -61.58 14.97
C LYS E 588 -14.14 -61.16 14.91
N LYS E 589 -13.52 -61.28 13.74
CA LYS E 589 -12.15 -60.84 13.52
C LYS E 589 -12.18 -59.73 12.49
N PHE E 590 -11.77 -58.54 12.94
CA PHE E 590 -11.78 -57.34 12.08
C PHE E 590 -10.45 -57.19 11.35
N LEU E 591 -10.46 -56.94 10.04
CA LEU E 591 -9.23 -56.59 9.35
C LEU E 591 -8.66 -55.32 9.97
N PRO E 592 -7.34 -55.11 9.86
CA PRO E 592 -6.71 -54.03 10.63
C PRO E 592 -7.25 -52.63 10.32
N PHE E 593 -7.86 -52.42 9.16
CA PHE E 593 -8.28 -51.07 8.76
C PHE E 593 -9.71 -50.73 9.15
N GLN E 594 -10.39 -51.63 9.88
CA GLN E 594 -11.82 -51.36 10.21
C GLN E 594 -11.97 -51.26 11.73
N GLN E 595 -12.97 -50.53 12.21
CA GLN E 595 -13.24 -50.51 13.67
C GLN E 595 -14.73 -50.77 13.90
N PHE E 596 -15.58 -50.31 12.98
CA PHE E 596 -17.04 -50.44 13.18
C PHE E 596 -17.64 -51.46 12.22
N GLY E 597 -18.40 -52.42 12.75
CA GLY E 597 -19.08 -53.42 11.90
C GLY E 597 -20.58 -53.26 12.03
N ARG E 598 -21.30 -53.28 10.92
CA ARG E 598 -22.76 -53.01 10.99
C ARG E 598 -23.57 -54.21 10.49
N ASP E 599 -24.80 -54.36 10.99
CA ASP E 599 -25.69 -55.42 10.56
C ASP E 599 -26.54 -55.02 9.37
N ILE E 600 -27.61 -55.77 9.11
CA ILE E 600 -28.44 -55.53 7.93
C ILE E 600 -29.18 -54.21 8.04
N ALA E 601 -29.65 -53.86 9.24
CA ALA E 601 -30.36 -52.60 9.46
C ALA E 601 -29.43 -51.39 9.54
N ASP E 602 -28.12 -51.61 9.40
CA ASP E 602 -27.06 -50.61 9.37
C ASP E 602 -26.67 -50.09 10.74
N THR E 603 -27.42 -50.48 11.77
CA THR E 603 -27.14 -50.01 13.15
C THR E 603 -25.81 -50.65 13.56
N THR E 604 -24.86 -49.85 14.09
CA THR E 604 -23.58 -50.40 14.57
C THR E 604 -23.85 -51.64 15.43
N ASP E 605 -23.30 -52.80 15.02
CA ASP E 605 -23.48 -53.98 15.89
C ASP E 605 -22.11 -54.50 16.33
N ALA E 606 -21.01 -53.83 15.99
CA ALA E 606 -19.70 -54.30 16.50
C ALA E 606 -18.75 -53.14 16.82
N VAL E 607 -17.76 -53.37 17.69
CA VAL E 607 -16.77 -52.30 18.05
C VAL E 607 -15.45 -52.97 18.46
N ARG E 608 -14.32 -52.31 18.19
CA ARG E 608 -12.98 -52.90 18.50
C ARG E 608 -12.40 -52.21 19.74
N ASP E 609 -12.30 -50.87 19.73
CA ASP E 609 -11.79 -50.10 20.91
C ASP E 609 -10.27 -50.21 20.93
N PRO E 610 -9.50 -49.10 20.82
CA PRO E 610 -8.04 -49.16 20.72
C PRO E 610 -7.26 -49.70 21.93
N GLN E 611 -7.66 -49.35 23.16
CA GLN E 611 -6.88 -49.76 24.36
C GLN E 611 -6.78 -51.29 24.46
N THR E 612 -7.90 -52.00 24.34
CA THR E 612 -7.87 -53.47 24.57
C THR E 612 -7.74 -54.21 23.23
N LEU E 613 -8.06 -53.57 22.10
CA LEU E 613 -8.08 -54.26 20.78
C LEU E 613 -8.89 -55.56 20.92
N GLU E 614 -10.14 -55.46 21.41
CA GLU E 614 -11.00 -56.66 21.59
C GLU E 614 -12.38 -56.38 20.98
N ILE E 615 -12.86 -57.27 20.11
CA ILE E 615 -14.15 -57.02 19.40
C ILE E 615 -15.32 -57.13 20.39
N LEU E 616 -16.23 -56.15 20.38
CA LEU E 616 -17.43 -56.19 21.28
C LEU E 616 -18.68 -56.02 20.41
N ASP E 617 -19.67 -56.88 20.59
CA ASP E 617 -20.94 -56.78 19.81
C ASP E 617 -21.91 -55.81 20.49
N ILE E 618 -22.88 -55.28 19.75
CA ILE E 618 -23.82 -54.26 20.32
C ILE E 618 -25.25 -54.79 20.21
N THR E 619 -25.92 -55.01 21.34
CA THR E 619 -27.32 -55.53 21.33
C THR E 619 -28.22 -54.41 21.86
N PRO E 620 -29.24 -53.94 21.13
CA PRO E 620 -30.16 -52.94 21.68
C PRO E 620 -30.80 -53.59 22.92
N CYS E 621 -31.01 -52.82 24.01
CA CYS E 621 -31.57 -53.40 25.25
C CYS E 621 -32.92 -54.08 24.92
N SER E 622 -33.34 -54.04 23.65
CA SER E 622 -34.60 -54.72 23.23
C SER E 622 -34.44 -55.23 21.80
N PHE E 623 -34.68 -56.53 21.57
CA PHE E 623 -34.64 -57.06 20.18
C PHE E 623 -35.90 -57.88 19.89
N GLY E 624 -36.67 -57.50 18.86
CA GLY E 624 -37.89 -58.25 18.49
C GLY E 624 -39.05 -57.32 18.18
N GLY E 625 -40.28 -57.86 18.10
CA GLY E 625 -41.48 -57.05 17.81
C GLY E 625 -42.49 -57.12 18.95
N VAL E 626 -43.01 -55.96 19.39
CA VAL E 626 -43.98 -55.93 20.54
C VAL E 626 -45.16 -55.00 20.20
N SER E 627 -46.37 -55.32 20.68
CA SER E 627 -47.58 -54.50 20.42
C SER E 627 -48.55 -54.68 21.61
N VAL E 628 -49.06 -53.58 22.18
CA VAL E 628 -49.93 -53.68 23.39
C VAL E 628 -51.39 -53.42 23.00
N ILE E 629 -52.29 -54.37 23.29
CA ILE E 629 -53.72 -54.23 22.90
C ILE E 629 -54.49 -53.69 24.11
N THR E 630 -55.07 -52.49 23.99
CA THR E 630 -55.77 -51.86 25.13
C THR E 630 -57.23 -51.58 24.76
N PRO E 631 -58.22 -51.93 25.61
CA PRO E 631 -59.63 -51.57 25.36
C PRO E 631 -59.83 -50.06 25.40
N GLY E 632 -59.01 -49.34 26.17
CA GLY E 632 -59.17 -47.87 26.32
C GLY E 632 -58.99 -47.52 27.77
N THR E 633 -58.21 -46.48 28.10
CA THR E 633 -57.92 -46.21 29.50
C THR E 633 -59.17 -45.77 30.24
N ASN E 634 -60.12 -45.15 29.53
CA ASN E 634 -61.39 -44.79 30.13
C ASN E 634 -62.14 -46.02 30.62
N THR E 635 -62.10 -47.11 29.86
CA THR E 635 -62.85 -48.31 30.21
C THR E 635 -62.14 -49.14 31.27
N SER E 636 -60.84 -49.38 31.10
CA SER E 636 -60.12 -50.31 31.95
C SER E 636 -58.63 -50.06 31.85
N ASN E 637 -57.88 -50.66 32.77
CA ASN E 637 -56.43 -50.65 32.74
C ASN E 637 -55.84 -51.97 32.29
N GLN E 638 -56.67 -53.01 32.16
CA GLN E 638 -56.22 -54.30 31.66
C GLN E 638 -55.79 -54.18 30.20
N VAL E 639 -54.63 -54.76 29.88
CA VAL E 639 -54.09 -54.66 28.50
C VAL E 639 -53.56 -56.03 28.07
N ALA E 640 -53.52 -56.29 26.76
CA ALA E 640 -52.91 -57.55 26.26
C ALA E 640 -51.62 -57.19 25.52
N VAL E 641 -50.65 -58.10 25.47
CA VAL E 641 -49.39 -57.83 24.79
C VAL E 641 -49.17 -58.90 23.74
N LEU E 642 -48.80 -58.48 22.54
CA LEU E 642 -48.47 -59.36 21.43
C LEU E 642 -46.98 -59.27 21.14
N TYR E 643 -46.30 -60.41 21.17
CA TYR E 643 -44.89 -60.52 20.83
C TYR E 643 -44.83 -61.15 19.44
N GLN E 644 -44.40 -60.35 18.47
CA GLN E 644 -44.52 -60.73 17.07
C GLN E 644 -43.48 -61.76 16.65
N ASP E 645 -42.42 -61.95 17.43
CA ASP E 645 -41.33 -62.86 17.08
C ASP E 645 -41.04 -63.87 18.18
N VAL E 646 -42.09 -64.34 18.84
CA VAL E 646 -41.98 -65.37 19.87
C VAL E 646 -42.98 -66.47 19.54
N ASN E 647 -42.52 -67.72 19.55
CA ASN E 647 -43.42 -68.90 19.39
C ASN E 647 -43.58 -69.60 20.73
N CYS E 648 -44.76 -69.50 21.33
CA CYS E 648 -45.01 -70.02 22.67
C CYS E 648 -45.56 -71.44 22.63
N TRP E 664 -38.37 -67.71 27.47
CA TRP E 664 -39.37 -66.93 26.75
C TRP E 664 -39.06 -65.45 26.81
N ARG E 665 -38.87 -64.83 25.64
CA ARG E 665 -38.59 -63.41 25.56
C ARG E 665 -39.89 -62.62 25.66
N VAL E 666 -40.43 -62.61 26.88
CA VAL E 666 -41.65 -61.90 27.21
C VAL E 666 -41.41 -61.14 28.51
N TYR E 667 -42.16 -60.05 28.71
CA TYR E 667 -42.05 -59.27 29.96
C TYR E 667 -42.57 -60.13 31.11
N SER E 668 -43.74 -60.74 30.92
CA SER E 668 -44.36 -61.54 31.96
C SER E 668 -45.18 -62.63 31.29
N THR E 669 -45.28 -63.78 31.95
CA THR E 669 -46.01 -64.88 31.34
C THR E 669 -47.47 -64.90 31.74
N GLY E 670 -47.79 -64.64 33.01
CA GLY E 670 -49.18 -64.62 33.44
C GLY E 670 -49.88 -65.91 33.08
N SER E 671 -51.01 -65.78 32.38
CA SER E 671 -51.74 -66.91 31.84
C SER E 671 -52.36 -66.47 30.52
N ASN E 672 -53.19 -67.32 29.94
CA ASN E 672 -53.84 -67.03 28.67
C ASN E 672 -52.81 -66.77 27.56
N VAL E 673 -51.80 -67.62 27.50
CA VAL E 673 -50.81 -67.56 26.44
C VAL E 673 -51.36 -68.28 25.21
N PHE E 674 -51.54 -67.54 24.12
CA PHE E 674 -52.21 -68.03 22.93
C PHE E 674 -51.34 -67.72 21.70
N GLN E 675 -51.12 -68.71 20.84
CA GLN E 675 -50.23 -68.55 19.69
C GLN E 675 -51.03 -68.30 18.42
N THR E 676 -50.69 -67.22 17.72
CA THR E 676 -51.26 -66.87 16.43
C THR E 676 -50.12 -66.71 15.44
N ARG E 677 -50.46 -66.68 14.15
CA ARG E 677 -49.45 -66.37 13.16
C ARG E 677 -48.95 -64.94 13.24
N ALA E 678 -49.64 -64.08 13.98
CA ALA E 678 -49.11 -62.75 14.27
C ALA E 678 -48.13 -62.76 15.43
N GLY E 679 -48.09 -63.82 16.23
CA GLY E 679 -47.14 -63.93 17.31
C GLY E 679 -47.75 -64.56 18.54
N CYS E 680 -47.10 -64.39 19.67
CA CYS E 680 -47.58 -64.89 20.95
C CYS E 680 -48.37 -63.80 21.67
N LEU E 681 -49.60 -64.09 22.03
CA LEU E 681 -50.50 -63.15 22.67
C LEU E 681 -50.67 -63.53 24.13
N ILE E 682 -50.40 -62.58 25.02
CA ILE E 682 -50.42 -62.82 26.46
C ILE E 682 -51.37 -61.83 27.10
N GLY E 683 -52.33 -62.33 27.88
CA GLY E 683 -53.31 -61.51 28.54
C GLY E 683 -54.68 -61.51 27.92
N ALA E 684 -54.97 -62.43 27.00
CA ALA E 684 -56.27 -62.48 26.34
C ALA E 684 -56.79 -63.91 26.33
N GLU E 685 -58.10 -64.05 26.52
CA GLU E 685 -58.76 -65.36 26.49
C GLU E 685 -59.24 -65.65 25.08
N HIS E 686 -58.99 -66.87 24.62
CA HIS E 686 -59.32 -67.28 23.26
C HIS E 686 -60.68 -67.97 23.26
N VAL E 687 -61.58 -67.53 22.37
CA VAL E 687 -62.90 -68.11 22.28
C VAL E 687 -63.09 -68.73 20.90
N ASN E 688 -64.02 -69.70 20.82
CA ASN E 688 -64.23 -70.46 19.57
C ASN E 688 -65.32 -69.84 18.69
N ASN E 689 -65.85 -68.67 19.05
CA ASN E 689 -66.82 -68.01 18.20
C ASN E 689 -66.09 -67.28 17.07
N SER E 690 -66.84 -66.50 16.29
CA SER E 690 -66.27 -65.71 15.21
C SER E 690 -67.18 -64.50 15.03
N TYR E 691 -66.76 -63.36 15.55
CA TYR E 691 -67.55 -62.14 15.47
C TYR E 691 -66.99 -61.23 14.39
N GLU E 692 -67.59 -60.06 14.26
CA GLU E 692 -66.98 -59.04 13.42
C GLU E 692 -65.76 -58.47 14.10
N CYS E 693 -64.86 -57.91 13.30
CA CYS E 693 -63.58 -57.46 13.84
C CYS E 693 -63.77 -56.17 14.63
N ASP E 694 -63.35 -56.19 15.89
CA ASP E 694 -63.34 -55.00 16.73
C ASP E 694 -61.97 -54.33 16.72
N ILE E 695 -60.95 -55.03 17.21
CA ILE E 695 -59.58 -54.56 17.22
C ILE E 695 -58.77 -55.53 16.37
N PRO E 696 -58.18 -55.11 15.26
CA PRO E 696 -57.40 -56.03 14.43
C PRO E 696 -56.09 -56.39 15.11
N ILE E 697 -55.83 -57.70 15.21
CA ILE E 697 -54.54 -58.18 15.70
C ILE E 697 -53.66 -58.60 14.54
N GLY E 698 -54.24 -59.25 13.55
CA GLY E 698 -53.48 -59.63 12.36
C GLY E 698 -53.63 -61.10 12.06
N ALA E 699 -53.35 -61.47 10.81
CA ALA E 699 -53.47 -62.84 10.34
C ALA E 699 -54.86 -63.41 10.60
N GLY E 700 -55.88 -62.56 10.46
CA GLY E 700 -57.25 -62.94 10.68
C GLY E 700 -57.73 -62.86 12.11
N ILE E 701 -56.85 -62.53 13.05
CA ILE E 701 -57.17 -62.55 14.47
C ILE E 701 -57.58 -61.15 14.89
N CYS E 702 -58.67 -61.06 15.66
CA CYS E 702 -59.18 -59.81 16.19
C CYS E 702 -59.39 -59.94 17.69
N ALA E 703 -59.57 -58.81 18.36
CA ALA E 703 -59.73 -58.77 19.81
C ALA E 703 -60.86 -57.84 20.19
N SER E 704 -61.43 -58.08 21.37
CA SER E 704 -62.50 -57.26 21.88
C SER E 704 -62.51 -57.33 23.40
N TYR E 705 -63.31 -56.47 24.01
CA TYR E 705 -63.47 -56.40 25.45
C TYR E 705 -64.91 -56.80 25.76
N GLN E 706 -65.10 -58.00 26.28
CA GLN E 706 -66.44 -58.54 26.44
C GLN E 706 -66.70 -59.01 27.86
N THR E 707 -67.85 -59.64 28.07
CA THR E 707 -68.26 -60.10 29.39
C THR E 707 -67.83 -61.56 29.60
N GLN F 20 -8.81 -18.42 25.10
CA GLN F 20 -9.69 -17.37 24.61
C GLN F 20 -9.09 -16.00 24.90
N MET F 21 -8.77 -15.27 23.84
CA MET F 21 -8.10 -13.98 23.95
C MET F 21 -9.15 -12.87 23.88
N GLN F 22 -9.19 -12.03 24.90
CA GLN F 22 -10.15 -10.94 24.97
C GLN F 22 -9.72 -9.72 24.16
N LEU F 23 -10.70 -8.98 23.66
CA LEU F 23 -10.46 -7.76 22.91
C LEU F 23 -10.94 -6.55 23.70
N VAL F 24 -10.07 -5.54 23.82
CA VAL F 24 -10.34 -4.31 24.53
C VAL F 24 -10.39 -3.18 23.51
N GLN F 25 -11.47 -2.40 23.54
CA GLN F 25 -11.66 -1.30 22.60
C GLN F 25 -11.07 0.00 23.15
N SER F 26 -10.79 0.93 22.23
CA SER F 26 -10.08 2.16 22.56
C SER F 26 -10.88 3.08 23.48
N GLY F 27 -12.14 3.37 23.13
CA GLY F 27 -12.90 4.31 23.93
C GLY F 27 -13.86 5.20 23.16
N THR F 28 -14.56 6.08 23.89
CA THR F 28 -15.63 6.91 23.35
C THR F 28 -15.13 8.26 22.84
N GLU F 29 -15.46 8.58 21.59
CA GLU F 29 -15.05 9.83 20.95
C GLU F 29 -16.26 10.61 20.47
N VAL F 30 -16.28 11.90 20.73
CA VAL F 30 -17.31 12.81 20.24
C VAL F 30 -16.66 13.78 19.26
N LYS F 31 -17.18 13.86 18.04
CA LYS F 31 -16.55 14.64 16.99
C LYS F 31 -17.55 15.51 16.25
N LYS F 32 -17.08 16.67 15.80
CA LYS F 32 -17.85 17.56 14.94
C LYS F 32 -17.83 17.05 13.51
N PRO F 33 -18.80 17.43 12.68
CA PRO F 33 -18.81 16.95 11.29
C PRO F 33 -17.58 17.45 10.54
N GLY F 34 -17.11 16.62 9.60
CA GLY F 34 -15.99 16.98 8.77
C GLY F 34 -14.63 16.53 9.25
N GLU F 35 -14.54 15.86 10.40
CA GLU F 35 -13.25 15.48 10.95
C GLU F 35 -12.80 14.12 10.40
N SER F 36 -11.66 13.64 10.92
CA SER F 36 -11.12 12.33 10.58
C SER F 36 -11.05 11.51 11.86
N LEU F 37 -11.53 10.27 11.81
CA LEU F 37 -11.68 9.49 13.03
C LEU F 37 -11.02 8.12 12.91
N LYS F 38 -10.19 7.75 13.89
CA LYS F 38 -9.54 6.45 13.93
C LYS F 38 -9.94 5.72 15.20
N ILE F 39 -10.44 4.50 15.05
CA ILE F 39 -10.88 3.66 16.16
C ILE F 39 -10.00 2.41 16.21
N SER F 40 -9.50 2.08 17.39
CA SER F 40 -8.60 0.95 17.61
C SER F 40 -9.30 -0.20 18.34
N CYS F 41 -9.03 -1.42 17.88
CA CYS F 41 -9.38 -2.66 18.56
C CYS F 41 -8.09 -3.36 18.97
N LYS F 42 -7.93 -3.57 20.27
CA LYS F 42 -6.71 -4.15 20.84
C LYS F 42 -6.97 -5.61 21.24
N GLY F 43 -6.11 -6.51 20.77
CA GLY F 43 -6.28 -7.92 21.10
C GLY F 43 -5.27 -8.44 22.10
N SER F 44 -5.73 -8.90 23.27
CA SER F 44 -4.86 -9.40 24.32
C SER F 44 -5.23 -10.84 24.65
N GLY F 45 -4.22 -11.70 24.69
CA GLY F 45 -4.40 -13.09 25.07
C GLY F 45 -3.54 -14.01 24.23
N TYR F 46 -3.34 -15.22 24.73
CA TYR F 46 -2.56 -16.23 24.03
C TYR F 46 -3.33 -16.82 22.86
N GLY F 47 -2.60 -17.40 21.92
CA GLY F 47 -3.21 -18.05 20.79
C GLY F 47 -3.63 -17.13 19.66
N PHE F 48 -3.25 -15.86 19.71
CA PHE F 48 -3.73 -14.88 18.75
C PHE F 48 -2.92 -14.95 17.45
N ILE F 49 -2.83 -16.14 16.86
CA ILE F 49 -2.10 -16.30 15.61
C ILE F 49 -3.02 -16.48 14.42
N THR F 50 -4.33 -16.63 14.63
CA THR F 50 -5.24 -16.93 13.54
C THR F 50 -6.59 -16.22 13.63
N TYR F 51 -6.71 -15.18 14.46
CA TYR F 51 -7.99 -14.53 14.69
C TYR F 51 -8.27 -13.48 13.61
N TRP F 52 -9.30 -13.74 12.81
CA TRP F 52 -9.74 -12.80 11.77
C TRP F 52 -10.65 -11.75 12.41
N ILE F 53 -10.15 -10.53 12.56
CA ILE F 53 -10.91 -9.45 13.19
C ILE F 53 -12.01 -8.96 12.25
N GLY F 54 -13.19 -8.69 12.80
CA GLY F 54 -14.28 -8.13 12.03
C GLY F 54 -14.93 -6.99 12.79
N TRP F 55 -15.59 -6.12 12.05
CA TRP F 55 -16.23 -4.95 12.62
C TRP F 55 -17.73 -4.98 12.37
N VAL F 56 -18.51 -4.52 13.35
CA VAL F 56 -19.97 -4.51 13.25
C VAL F 56 -20.48 -3.21 13.86
N ARG F 57 -21.49 -2.61 13.22
CA ARG F 57 -22.05 -1.35 13.68
C ARG F 57 -23.51 -1.55 14.04
N GLN F 58 -23.90 -1.03 15.20
CA GLN F 58 -25.28 -1.04 15.66
C GLN F 58 -25.76 0.40 15.77
N MET F 59 -26.72 0.75 14.92
CA MET F 59 -27.37 2.05 15.01
C MET F 59 -28.32 2.00 16.20
N PRO F 60 -28.70 3.15 16.77
CA PRO F 60 -29.53 3.12 17.98
C PRO F 60 -30.81 2.31 17.79
N GLY F 61 -31.06 1.41 18.73
CA GLY F 61 -32.24 0.55 18.70
C GLY F 61 -32.52 -0.12 17.37
N LYS F 62 -31.48 -0.66 16.73
CA LYS F 62 -31.67 -1.41 15.49
C LYS F 62 -30.79 -2.66 15.50
N GLY F 63 -30.97 -3.48 14.47
CA GLY F 63 -30.21 -4.70 14.33
C GLY F 63 -28.79 -4.46 13.88
N LEU F 64 -27.95 -5.47 14.09
CA LEU F 64 -26.55 -5.38 13.70
C LEU F 64 -26.40 -5.43 12.19
N GLU F 65 -25.32 -4.81 11.69
CA GLU F 65 -25.00 -4.80 10.26
C GLU F 65 -23.49 -4.99 10.10
N TRP F 66 -23.09 -6.14 9.58
CA TRP F 66 -21.68 -6.47 9.43
C TRP F 66 -21.02 -5.55 8.40
N MET F 67 -19.79 -5.11 8.70
CA MET F 67 -19.08 -4.15 7.86
C MET F 67 -17.89 -4.76 7.12
N GLY F 68 -16.92 -5.32 7.83
CA GLY F 68 -15.71 -5.80 7.17
C GLY F 68 -14.95 -6.78 8.03
N ILE F 69 -13.98 -7.45 7.39
CA ILE F 69 -13.16 -8.46 8.06
C ILE F 69 -11.73 -8.38 7.52
N ILE F 70 -10.76 -8.30 8.44
CA ILE F 70 -9.35 -8.22 8.10
C ILE F 70 -8.56 -9.26 8.90
N TYR F 71 -7.59 -9.89 8.23
CA TYR F 71 -6.64 -10.78 8.90
C TYR F 71 -5.44 -9.96 9.37
N PRO F 72 -5.20 -9.84 10.67
CA PRO F 72 -3.96 -9.20 11.14
C PRO F 72 -2.73 -9.85 10.53
N GLY F 73 -1.81 -9.03 10.05
CA GLY F 73 -0.65 -9.56 9.35
C GLY F 73 -0.74 -9.42 7.85
N ASP F 74 -0.99 -10.54 7.15
CA ASP F 74 -1.15 -10.61 5.70
C ASP F 74 -1.95 -9.41 5.20
N SER F 75 -2.93 -8.97 5.99
CA SER F 75 -3.76 -7.79 5.76
C SER F 75 -4.77 -7.99 4.63
N GLU F 76 -5.14 -9.22 4.31
CA GLU F 76 -6.24 -9.45 3.38
C GLU F 76 -7.51 -8.86 3.97
N THR F 77 -8.20 -8.04 3.19
CA THR F 77 -9.33 -7.26 3.69
C THR F 77 -10.55 -7.49 2.81
N ARG F 78 -11.64 -7.97 3.41
CA ARG F 78 -12.90 -8.17 2.72
C ARG F 78 -13.93 -7.20 3.26
N TYR F 79 -14.64 -6.53 2.37
CA TYR F 79 -15.61 -5.50 2.71
C TYR F 79 -17.02 -5.96 2.33
N SER F 80 -17.99 -5.15 2.70
CA SER F 80 -19.39 -5.32 2.37
C SER F 80 -19.78 -4.36 1.24
N PRO F 81 -20.70 -4.76 0.38
CA PRO F 81 -21.05 -3.90 -0.77
C PRO F 81 -21.55 -2.52 -0.36
N SER F 82 -22.34 -2.43 0.69
CA SER F 82 -22.87 -1.14 1.12
C SER F 82 -21.77 -0.21 1.59
N PHE F 83 -20.82 -0.72 2.38
CA PHE F 83 -19.77 0.08 2.98
C PHE F 83 -18.48 0.10 2.17
N GLN F 84 -18.43 -0.58 1.03
CA GLN F 84 -17.21 -0.69 0.25
C GLN F 84 -16.65 0.68 -0.12
N GLY F 85 -15.52 1.05 0.49
CA GLY F 85 -14.86 2.30 0.20
C GLY F 85 -15.26 3.49 1.04
N GLN F 86 -16.34 3.37 1.81
CA GLN F 86 -16.69 4.46 2.73
C GLN F 86 -15.67 4.61 3.85
N VAL F 87 -15.20 3.48 4.39
CA VAL F 87 -14.27 3.46 5.52
C VAL F 87 -13.07 2.60 5.13
N THR F 88 -12.02 2.68 5.94
CA THR F 88 -10.84 1.86 5.67
C THR F 88 -10.46 1.04 6.91
N ILE F 89 -10.32 -0.27 6.71
CA ILE F 89 -9.92 -1.20 7.76
C ILE F 89 -8.48 -1.62 7.51
N SER F 90 -7.63 -1.42 8.51
CA SER F 90 -6.21 -1.78 8.42
C SER F 90 -5.82 -2.49 9.70
N ALA F 91 -4.71 -3.23 9.66
CA ALA F 91 -4.25 -3.96 10.83
C ALA F 91 -2.77 -3.73 11.04
N ASP F 92 -2.37 -3.70 12.32
CA ASP F 92 -0.97 -3.62 12.69
C ASP F 92 -0.64 -4.89 13.46
N LYS F 93 0.31 -5.67 12.93
CA LYS F 93 0.59 -7.00 13.43
C LYS F 93 1.49 -6.99 14.67
N SER F 94 2.46 -6.08 14.71
CA SER F 94 3.46 -6.11 15.79
C SER F 94 2.82 -5.95 17.17
N ILE F 95 1.84 -5.05 17.30
CA ILE F 95 1.18 -4.84 18.57
C ILE F 95 -0.20 -5.47 18.64
N ASN F 96 -0.60 -6.22 17.61
CA ASN F 96 -1.87 -6.94 17.60
C ASN F 96 -3.07 -5.99 17.70
N THR F 97 -3.21 -5.13 16.69
CA THR F 97 -4.29 -4.14 16.71
C THR F 97 -4.95 -4.05 15.34
N ALA F 98 -6.20 -3.59 15.36
CA ALA F 98 -6.96 -3.35 14.14
C ALA F 98 -7.54 -1.94 14.18
N TYR F 99 -7.43 -1.20 13.08
CA TYR F 99 -7.87 0.18 13.02
C TYR F 99 -8.96 0.36 11.98
N LEU F 100 -10.05 1.01 12.38
CA LEU F 100 -11.13 1.42 11.49
C LEU F 100 -11.08 2.94 11.37
N GLN F 101 -10.92 3.45 10.15
CA GLN F 101 -10.72 4.87 9.96
C GLN F 101 -11.76 5.46 9.01
N TRP F 102 -12.26 6.65 9.39
CA TRP F 102 -13.09 7.50 8.55
C TRP F 102 -12.25 8.69 8.12
N SER F 103 -12.25 8.97 6.81
CA SER F 103 -11.56 10.15 6.30
C SER F 103 -12.33 11.42 6.63
N SER F 104 -13.66 11.39 6.47
CA SER F 104 -14.49 12.56 6.79
C SER F 104 -15.86 12.05 7.25
N LEU F 105 -16.00 11.87 8.56
CA LEU F 105 -17.25 11.36 9.10
C LEU F 105 -18.37 12.39 8.99
N LYS F 106 -19.56 11.90 8.65
CA LYS F 106 -20.72 12.76 8.47
C LYS F 106 -21.50 12.84 9.79
N ALA F 107 -22.72 13.35 9.73
CA ALA F 107 -23.56 13.45 10.91
C ALA F 107 -24.48 12.24 11.10
N SER F 108 -24.40 11.25 10.23
CA SER F 108 -25.20 10.04 10.34
C SER F 108 -24.43 8.88 10.93
N ASP F 109 -23.19 9.11 11.38
CA ASP F 109 -22.32 8.05 11.87
C ASP F 109 -22.41 7.84 13.38
N THR F 110 -23.33 8.52 14.05
CA THR F 110 -23.53 8.30 15.49
C THR F 110 -24.15 6.93 15.72
N ALA F 111 -23.39 6.02 16.33
CA ALA F 111 -23.79 4.63 16.51
C ALA F 111 -22.76 3.98 17.42
N ILE F 112 -22.96 2.70 17.75
CA ILE F 112 -22.01 1.96 18.57
C ILE F 112 -21.33 0.89 17.73
N TYR F 113 -20.00 0.80 17.82
CA TYR F 113 -19.23 -0.13 17.01
C TYR F 113 -18.57 -1.20 17.87
N TYR F 114 -18.69 -2.45 17.44
CA TYR F 114 -18.12 -3.61 18.12
C TYR F 114 -17.10 -4.28 17.22
N CYS F 115 -15.91 -4.58 17.76
CA CYS F 115 -14.94 -5.42 17.08
C CYS F 115 -15.02 -6.83 17.65
N ALA F 116 -15.14 -7.81 16.77
CA ALA F 116 -15.36 -9.21 17.13
C ALA F 116 -14.43 -10.10 16.35
N GLY F 117 -13.84 -11.08 17.02
CA GLY F 117 -12.79 -11.85 16.37
C GLY F 117 -13.12 -13.31 16.14
N GLY F 118 -13.24 -13.71 14.87
CA GLY F 118 -13.44 -15.11 14.57
C GLY F 118 -12.12 -15.87 14.54
N SER F 119 -12.22 -17.19 14.57
CA SER F 119 -11.02 -18.01 14.58
C SER F 119 -10.59 -18.47 13.20
N GLY F 120 -11.45 -18.31 12.19
CA GLY F 120 -11.11 -18.63 10.82
C GLY F 120 -12.17 -18.09 9.89
N ILE F 121 -11.91 -18.19 8.60
CA ILE F 121 -12.93 -17.84 7.60
C ILE F 121 -14.03 -18.89 7.62
N SER F 122 -15.28 -18.43 7.62
CA SER F 122 -16.46 -19.30 7.75
C SER F 122 -16.56 -19.89 9.15
N THR F 123 -16.37 -19.03 10.15
CA THR F 123 -16.46 -19.40 11.56
C THR F 123 -17.24 -18.33 12.31
N PRO F 124 -18.18 -18.73 13.18
CA PRO F 124 -18.98 -17.74 13.91
C PRO F 124 -18.13 -16.94 14.87
N MET F 125 -18.47 -15.65 15.00
CA MET F 125 -17.72 -14.73 15.83
C MET F 125 -18.10 -14.91 17.29
N ASP F 126 -17.14 -15.29 18.14
CA ASP F 126 -17.44 -15.64 19.52
C ASP F 126 -16.90 -14.68 20.57
N VAL F 127 -15.80 -13.99 20.33
CA VAL F 127 -15.23 -13.05 21.30
C VAL F 127 -15.52 -11.63 20.85
N TRP F 128 -16.26 -10.88 21.67
CA TRP F 128 -16.72 -9.54 21.33
C TRP F 128 -16.14 -8.48 22.26
N GLY F 129 -15.61 -7.40 21.66
CA GLY F 129 -15.16 -6.27 22.44
C GLY F 129 -16.32 -5.45 22.99
N GLN F 130 -16.03 -4.70 24.06
CA GLN F 130 -17.04 -3.87 24.71
C GLN F 130 -17.81 -2.99 23.71
N GLY F 131 -17.11 -2.29 22.83
CA GLY F 131 -17.78 -1.41 21.88
C GLY F 131 -17.67 0.07 22.21
N THR F 132 -17.55 0.91 21.19
CA THR F 132 -17.35 2.35 21.37
C THR F 132 -18.43 3.12 20.62
N THR F 133 -19.15 3.98 21.33
CA THR F 133 -20.12 4.87 20.71
C THR F 133 -19.45 6.07 20.06
N VAL F 134 -20.08 6.55 18.98
CA VAL F 134 -19.64 7.75 18.28
C VAL F 134 -20.84 8.68 18.14
N THR F 135 -20.65 9.95 18.53
CA THR F 135 -21.67 10.99 18.43
C THR F 135 -21.13 12.15 17.60
N VAL F 136 -21.93 12.59 16.63
CA VAL F 136 -21.56 13.70 15.74
C VAL F 136 -22.67 14.73 15.76
N ALA F 137 -22.47 15.84 16.48
CA ALA F 137 -23.51 16.86 16.61
C ALA F 137 -23.05 18.10 17.38
N SER F 138 -23.92 19.10 17.44
CA SER F 138 -23.66 20.37 18.13
C SER F 138 -24.52 20.48 19.38
N THR F 139 -23.90 20.71 20.53
CA THR F 139 -24.58 20.65 21.81
C THR F 139 -25.51 21.85 22.03
N LYS F 140 -26.77 21.55 22.43
CA LYS F 140 -27.74 22.54 22.88
C LYS F 140 -28.28 22.13 24.24
N GLY F 141 -28.19 23.01 25.23
CA GLY F 141 -28.52 22.68 26.60
C GLY F 141 -30.00 22.49 26.88
N PRO F 142 -30.32 21.82 28.01
CA PRO F 142 -31.71 21.46 28.32
C PRO F 142 -32.50 22.47 29.15
N SER F 143 -33.67 22.87 28.67
CA SER F 143 -34.60 23.71 29.42
C SER F 143 -35.54 22.82 30.24
N VAL F 144 -35.33 22.75 31.54
CA VAL F 144 -36.12 21.89 32.43
C VAL F 144 -37.27 22.69 33.04
N PHE F 145 -38.50 22.20 32.89
CA PHE F 145 -39.66 22.89 33.46
C PHE F 145 -40.48 21.94 34.32
N PRO F 146 -40.84 22.31 35.55
CA PRO F 146 -41.53 21.35 36.43
C PRO F 146 -43.05 21.42 36.38
N LEU F 147 -43.69 20.27 36.12
CA LEU F 147 -45.15 20.20 36.10
C LEU F 147 -45.70 20.20 37.51
N ALA F 148 -46.84 20.86 37.70
CA ALA F 148 -47.39 20.82 39.04
C ALA F 148 -48.35 19.64 39.21
N PRO F 149 -48.30 18.95 40.35
CA PRO F 149 -49.29 17.90 40.63
C PRO F 149 -50.69 18.49 40.79
N SER F 150 -51.66 17.89 40.10
CA SER F 150 -53.03 18.37 40.12
C SER F 150 -53.53 18.54 41.55
N SER F 151 -54.23 19.66 41.80
CA SER F 151 -54.61 20.01 43.16
C SER F 151 -55.63 19.03 43.73
N LYS F 152 -56.65 18.68 42.96
CA LYS F 152 -57.67 17.73 43.39
C LYS F 152 -57.23 16.35 42.94
N SER F 153 -56.71 15.56 43.89
CA SER F 153 -56.27 14.21 43.60
C SER F 153 -56.76 13.28 44.71
N THR F 154 -56.44 12.01 44.57
CA THR F 154 -56.84 10.97 45.53
C THR F 154 -56.11 11.18 46.84
N SER F 155 -56.84 11.71 47.83
CA SER F 155 -56.24 11.99 49.13
C SER F 155 -55.78 10.71 49.84
N GLY F 156 -56.62 9.68 49.82
CA GLY F 156 -56.21 8.39 50.35
C GLY F 156 -55.36 7.57 49.41
N GLY F 157 -55.22 8.01 48.16
CA GLY F 157 -54.42 7.33 47.17
C GLY F 157 -53.12 8.04 46.87
N THR F 158 -52.85 8.24 45.57
CA THR F 158 -51.59 8.78 45.12
C THR F 158 -51.82 9.82 44.03
N ALA F 159 -50.78 10.62 43.77
CA ALA F 159 -50.76 11.56 42.66
C ALA F 159 -49.33 11.65 42.15
N ALA F 160 -49.19 12.20 40.95
CA ALA F 160 -47.92 12.15 40.23
C ALA F 160 -47.33 13.55 40.07
N LEU F 161 -46.00 13.61 40.05
CA LEU F 161 -45.32 14.87 39.82
C LEU F 161 -43.98 14.61 39.12
N GLY F 162 -43.54 15.57 38.31
CA GLY F 162 -42.28 15.41 37.62
C GLY F 162 -41.93 16.63 36.81
N CYS F 163 -40.67 16.67 36.39
CA CYS F 163 -40.11 17.79 35.65
C CYS F 163 -39.77 17.32 34.24
N LEU F 164 -39.99 18.23 33.28
CA LEU F 164 -40.06 17.97 31.84
C LEU F 164 -38.91 18.66 31.13
N VAL F 165 -37.93 17.87 30.69
CA VAL F 165 -36.75 18.41 30.03
C VAL F 165 -37.08 18.64 28.56
N LYS F 166 -36.68 19.79 28.03
CA LYS F 166 -37.03 20.13 26.65
C LYS F 166 -35.84 20.74 25.95
N ASP F 167 -35.85 20.61 24.61
CA ASP F 167 -34.91 21.27 23.71
C ASP F 167 -33.46 20.97 24.07
N TYR F 168 -33.14 19.68 24.24
CA TYR F 168 -31.79 19.27 24.58
C TYR F 168 -31.22 18.38 23.47
N PHE F 169 -30.04 18.73 22.98
CA PHE F 169 -29.39 18.01 21.89
C PHE F 169 -27.91 17.83 22.21
N PRO F 170 -27.33 16.65 21.93
CA PRO F 170 -28.01 15.39 21.65
C PRO F 170 -28.21 14.54 22.91
N GLU F 171 -28.68 13.31 22.72
CA GLU F 171 -28.87 12.38 23.83
C GLU F 171 -27.51 12.01 24.42
N PRO F 172 -27.41 11.82 25.75
CA PRO F 172 -28.45 11.64 26.76
C PRO F 172 -28.51 12.66 27.89
N VAL F 173 -29.66 12.76 28.56
CA VAL F 173 -29.85 13.59 29.73
C VAL F 173 -30.17 12.68 30.92
N THR F 174 -29.45 12.87 32.01
CA THR F 174 -29.64 12.07 33.21
C THR F 174 -30.52 12.83 34.19
N VAL F 175 -31.65 12.23 34.58
CA VAL F 175 -32.57 12.85 35.53
C VAL F 175 -32.55 12.03 36.81
N SER F 176 -31.94 12.58 37.86
CA SER F 176 -31.86 11.91 39.15
C SER F 176 -32.76 12.63 40.16
N TRP F 177 -33.58 11.87 40.89
CA TRP F 177 -34.55 12.44 41.82
C TRP F 177 -33.99 12.47 43.22
N ASN F 178 -33.98 13.66 43.84
CA ASN F 178 -33.54 13.89 45.21
C ASN F 178 -32.20 13.23 45.49
N SER F 179 -31.22 13.58 44.66
CA SER F 179 -29.85 13.05 44.76
C SER F 179 -29.84 11.53 44.93
N GLY F 180 -30.74 10.86 44.21
CA GLY F 180 -30.80 9.41 44.25
C GLY F 180 -31.48 8.81 45.46
N ALA F 181 -32.02 9.63 46.36
CA ALA F 181 -32.69 9.07 47.54
C ALA F 181 -33.97 8.35 47.17
N LEU F 182 -34.72 8.89 46.21
CA LEU F 182 -36.01 8.34 45.82
C LEU F 182 -35.83 7.51 44.56
N THR F 183 -36.27 6.25 44.60
CA THR F 183 -36.09 5.35 43.47
C THR F 183 -37.33 4.51 43.16
N SER F 184 -38.32 4.45 44.04
CA SER F 184 -39.49 3.62 43.83
C SER F 184 -40.55 4.38 43.04
N GLY F 185 -41.02 3.77 41.94
CA GLY F 185 -42.04 4.40 41.13
C GLY F 185 -41.58 5.54 40.27
N VAL F 186 -40.29 5.63 39.99
CA VAL F 186 -39.73 6.68 39.15
C VAL F 186 -39.73 6.20 37.70
N HIS F 187 -40.63 6.74 36.88
CA HIS F 187 -40.71 6.39 35.47
C HIS F 187 -39.90 7.41 34.66
N THR F 188 -38.94 6.92 33.89
CA THR F 188 -38.17 7.74 32.97
C THR F 188 -38.50 7.30 31.56
N PHE F 189 -38.88 8.24 30.70
CA PHE F 189 -39.34 7.89 29.38
C PHE F 189 -38.31 8.23 28.31
N PRO F 190 -38.07 7.34 27.34
CA PRO F 190 -37.06 7.60 26.32
C PRO F 190 -37.37 8.84 25.49
N ALA F 191 -36.31 9.55 25.11
CA ALA F 191 -36.44 10.79 24.37
C ALA F 191 -37.07 10.58 23.00
N VAL F 192 -38.01 11.46 22.65
CA VAL F 192 -38.65 11.43 21.34
C VAL F 192 -38.35 12.74 20.61
N LEU F 193 -37.78 12.60 19.41
CA LEU F 193 -37.38 13.79 18.62
C LEU F 193 -38.58 14.38 17.89
N GLN F 194 -38.89 15.65 18.18
CA GLN F 194 -39.95 16.34 17.46
C GLN F 194 -39.31 17.21 16.38
N SER F 195 -40.11 18.08 15.76
CA SER F 195 -39.73 18.68 14.48
C SER F 195 -38.43 19.47 14.60
N SER F 196 -38.26 20.21 15.71
CA SER F 196 -37.07 21.04 15.86
C SER F 196 -35.78 20.22 15.92
N GLY F 197 -35.87 18.91 16.15
CA GLY F 197 -34.67 18.10 16.31
C GLY F 197 -34.31 17.83 17.75
N LEU F 198 -34.51 18.82 18.60
CA LEU F 198 -34.17 18.75 20.01
C LEU F 198 -35.14 17.84 20.76
N TYR F 199 -34.66 16.70 21.24
CA TYR F 199 -35.50 15.70 21.90
C TYR F 199 -36.09 16.25 23.21
N SER F 200 -37.28 15.77 23.55
CA SER F 200 -37.90 16.03 24.83
C SER F 200 -37.93 14.75 25.67
N LEU F 201 -38.06 14.91 26.99
CA LEU F 201 -38.05 13.78 27.90
C LEU F 201 -38.76 14.17 29.19
N SER F 202 -39.65 13.30 29.67
CA SER F 202 -40.38 13.53 30.91
C SER F 202 -40.15 12.39 31.89
N SER F 203 -39.81 12.73 33.13
CA SER F 203 -39.65 11.76 34.22
C SER F 203 -40.66 12.08 35.31
N VAL F 204 -41.44 11.07 35.72
CA VAL F 204 -42.54 11.27 36.64
C VAL F 204 -42.45 10.27 37.79
N VAL F 205 -42.69 10.75 39.01
CA VAL F 205 -42.77 9.89 40.18
C VAL F 205 -44.18 9.92 40.72
N THR F 206 -44.58 8.83 41.39
CA THR F 206 -45.89 8.67 41.99
C THR F 206 -45.74 8.69 43.50
N VAL F 207 -46.46 9.60 44.16
CA VAL F 207 -46.33 9.79 45.60
C VAL F 207 -47.73 9.78 46.24
N PRO F 208 -47.92 9.05 47.34
CA PRO F 208 -49.21 9.09 48.03
C PRO F 208 -49.46 10.47 48.63
N SER F 209 -50.74 10.82 48.73
CA SER F 209 -51.11 12.17 49.16
C SER F 209 -50.82 12.46 50.62
N SER F 210 -50.14 11.56 51.33
CA SER F 210 -49.72 11.82 52.70
C SER F 210 -48.38 12.53 52.77
N SER F 211 -47.41 12.11 51.94
CA SER F 211 -46.09 12.70 51.93
C SER F 211 -45.99 13.95 51.06
N LEU F 212 -47.09 14.39 50.45
CA LEU F 212 -47.04 15.56 49.57
C LEU F 212 -46.60 16.80 50.33
N GLY F 213 -47.13 16.99 51.55
CA GLY F 213 -46.87 18.23 52.27
C GLY F 213 -45.42 18.37 52.72
N THR F 214 -44.82 17.27 53.19
CA THR F 214 -43.55 17.33 53.90
C THR F 214 -42.33 17.06 53.03
N GLN F 215 -42.40 16.10 52.10
CA GLN F 215 -41.21 15.68 51.37
C GLN F 215 -40.97 16.61 50.18
N THR F 216 -39.74 17.10 50.05
CA THR F 216 -39.38 18.04 49.01
C THR F 216 -38.79 17.31 47.81
N TYR F 217 -39.10 17.82 46.61
CA TYR F 217 -38.73 17.18 45.35
C TYR F 217 -37.74 18.07 44.61
N ILE F 218 -36.58 17.53 44.29
CA ILE F 218 -35.56 18.24 43.51
C ILE F 218 -35.07 17.31 42.41
N CYS F 219 -35.44 17.58 41.15
CA CYS F 219 -34.91 16.79 40.05
C CYS F 219 -33.59 17.39 39.59
N ASN F 220 -32.61 16.53 39.36
CA ASN F 220 -31.27 16.93 38.98
C ASN F 220 -31.05 16.49 37.53
N VAL F 221 -30.98 17.46 36.63
CA VAL F 221 -30.79 17.19 35.20
C VAL F 221 -29.33 17.42 34.86
N ASN F 222 -28.70 16.39 34.31
CA ASN F 222 -27.31 16.43 33.87
C ASN F 222 -27.25 16.24 32.37
N HIS F 223 -26.79 17.26 31.65
CA HIS F 223 -26.46 17.15 30.24
C HIS F 223 -24.96 17.42 30.13
N LYS F 224 -24.17 16.37 29.98
CA LYS F 224 -22.71 16.50 30.00
C LYS F 224 -22.13 17.17 28.76
N PRO F 225 -22.59 16.85 27.55
CA PRO F 225 -22.02 17.55 26.37
C PRO F 225 -22.12 19.07 26.47
N SER F 226 -23.24 19.59 26.98
CA SER F 226 -23.37 21.02 27.21
C SER F 226 -22.89 21.44 28.59
N ASN F 227 -22.43 20.49 29.41
CA ASN F 227 -21.95 20.75 30.76
C ASN F 227 -22.96 21.57 31.55
N THR F 228 -24.19 21.07 31.59
CA THR F 228 -25.30 21.75 32.26
C THR F 228 -25.87 20.83 33.34
N LYS F 229 -25.62 21.19 34.59
CA LYS F 229 -26.12 20.47 35.77
C LYS F 229 -27.06 21.40 36.52
N VAL F 230 -28.34 21.05 36.53
CA VAL F 230 -29.37 21.92 37.12
C VAL F 230 -30.12 21.13 38.19
N ASP F 231 -30.48 21.81 39.27
CA ASP F 231 -31.24 21.25 40.37
C ASP F 231 -32.52 22.06 40.48
N LYS F 232 -33.64 21.48 40.06
CA LYS F 232 -34.90 22.23 40.00
C LYS F 232 -35.93 21.58 40.92
N LYS F 233 -36.47 22.38 41.82
CA LYS F 233 -37.50 21.93 42.74
C LYS F 233 -38.84 21.76 42.02
N VAL F 234 -39.61 20.77 42.48
CA VAL F 234 -40.98 20.55 42.01
C VAL F 234 -41.92 21.17 43.02
N GLU F 235 -42.80 22.05 42.55
CA GLU F 235 -43.64 22.81 43.47
C GLU F 235 -45.11 22.48 43.26
N PRO F 236 -45.85 22.15 44.31
CA PRO F 236 -47.30 22.01 44.17
C PRO F 236 -47.95 23.39 44.06
N LYS F 237 -48.76 23.57 43.02
CA LYS F 237 -49.42 24.85 42.78
C LYS F 237 -50.83 24.84 43.34
N SER F 238 -51.16 25.87 44.10
CA SER F 238 -52.47 26.06 44.70
C SER F 238 -52.99 27.44 44.28
N CYS F 239 -54.16 27.80 44.82
CA CYS F 239 -54.75 29.10 44.53
C CYS F 239 -53.86 30.23 45.03
#